data_1FKG
# 
_entry.id   1FKG 
# 
_audit_conform.dict_name       mmcif_pdbx.dic 
_audit_conform.dict_version    5.385 
_audit_conform.dict_location   http://mmcif.pdb.org/dictionaries/ascii/mmcif_pdbx.dic 
# 
loop_
_database_2.database_id 
_database_2.database_code 
_database_2.pdbx_database_accession 
_database_2.pdbx_DOI 
PDB   1FKG         pdb_00001fkg 10.2210/pdb1fkg/pdb 
WWPDB D_1000173315 ?            ?                   
# 
loop_
_pdbx_audit_revision_history.ordinal 
_pdbx_audit_revision_history.data_content_type 
_pdbx_audit_revision_history.major_revision 
_pdbx_audit_revision_history.minor_revision 
_pdbx_audit_revision_history.revision_date 
1 'Structure model' 1 0 1994-01-31 
2 'Structure model' 1 1 2008-03-03 
3 'Structure model' 1 2 2011-07-13 
4 'Structure model' 1 3 2017-11-29 
5 'Structure model' 1 4 2024-02-07 
# 
_pdbx_audit_revision_details.ordinal             1 
_pdbx_audit_revision_details.revision_ordinal    1 
_pdbx_audit_revision_details.data_content_type   'Structure model' 
_pdbx_audit_revision_details.provider            repository 
_pdbx_audit_revision_details.type                'Initial release' 
_pdbx_audit_revision_details.description         ? 
_pdbx_audit_revision_details.details             ? 
# 
loop_
_pdbx_audit_revision_group.ordinal 
_pdbx_audit_revision_group.revision_ordinal 
_pdbx_audit_revision_group.data_content_type 
_pdbx_audit_revision_group.group 
1 2 'Structure model' 'Version format compliance' 
2 3 'Structure model' 'Version format compliance' 
3 4 'Structure model' 'Derived calculations'      
4 4 'Structure model' Other                       
5 5 'Structure model' 'Data collection'           
6 5 'Structure model' 'Database references'       
7 5 'Structure model' 'Derived calculations'      
# 
loop_
_pdbx_audit_revision_category.ordinal 
_pdbx_audit_revision_category.revision_ordinal 
_pdbx_audit_revision_category.data_content_type 
_pdbx_audit_revision_category.category 
1 4 'Structure model' pdbx_database_status 
2 4 'Structure model' struct_conf          
3 4 'Structure model' struct_conf_type     
4 5 'Structure model' chem_comp_atom       
5 5 'Structure model' chem_comp_bond       
6 5 'Structure model' database_2           
7 5 'Structure model' struct_site          
# 
loop_
_pdbx_audit_revision_item.ordinal 
_pdbx_audit_revision_item.revision_ordinal 
_pdbx_audit_revision_item.data_content_type 
_pdbx_audit_revision_item.item 
1 4 'Structure model' '_pdbx_database_status.process_site'  
2 5 'Structure model' '_database_2.pdbx_DOI'                
3 5 'Structure model' '_database_2.pdbx_database_accession' 
4 5 'Structure model' '_struct_site.pdbx_auth_asym_id'      
5 5 'Structure model' '_struct_site.pdbx_auth_comp_id'      
6 5 'Structure model' '_struct_site.pdbx_auth_seq_id'       
# 
_pdbx_database_status.status_code                     REL 
_pdbx_database_status.entry_id                        1FKG 
_pdbx_database_status.recvd_initial_deposition_date   1993-08-05 
_pdbx_database_status.deposit_site                    ? 
_pdbx_database_status.process_site                    BNL 
_pdbx_database_status.SG_entry                        . 
_pdbx_database_status.pdb_format_compatible           Y 
_pdbx_database_status.status_code_mr                  ? 
_pdbx_database_status.status_code_sf                  ? 
_pdbx_database_status.status_code_cs                  ? 
_pdbx_database_status.methods_development_category    ? 
_pdbx_database_status.status_code_nmr_data            ? 
# 
loop_
_audit_author.name 
_audit_author.pdbx_ordinal 
'Holt, D.A.'      1  
'Luengo, J.I.'    2  
'Yamashita, D.S.' 3  
'Oh, H.-J.'       4  
'Konialian, A.L.' 5  
'Yen, H.-K.'      6  
'Rozamus, L.W.'   7  
'Brandt, M.'      8  
'Bossard, M.J.'   9  
'Levy, M.A.'      10 
'Eggleston, D.S.' 11 
'Stout, T.J.'     12 
'Liang, J.'       13 
'Schultz, L.W.'   14 
'Clardy, J.'      15 
# 
loop_
_citation.id 
_citation.title 
_citation.journal_abbrev 
_citation.journal_volume 
_citation.page_first 
_citation.page_last 
_citation.year 
_citation.journal_id_ASTM 
_citation.country 
_citation.journal_id_ISSN 
_citation.journal_id_CSD 
_citation.book_publisher 
_citation.pdbx_database_id_PubMed 
_citation.pdbx_database_id_DOI 
primary 
;DESIGN, SYNTHESIS, AND KINETIC EVALUATION OF HIGH-AFFINITY FKBP LIGANDS AND THE X-RAY CRYSTAL-STRUCTURES OF THEIR COMPLEXES WITH FKBP12.
;
J.Am.Chem.Soc. 115 9925 9938 1993 JACSAT US 0002-7863 0004 ? -1 ? 
1       'Atomic Structures of the Human Immunophilin Fkbp-12 Complexes with Fk506 and Rapamycin' J.Mol.Biol.    229 105  ?    1993 
JMOBAK UK 0022-2836 0070 ? ?  ? 
# 
loop_
_citation_author.citation_id 
_citation_author.name 
_citation_author.ordinal 
_citation_author.identifier_ORCID 
primary 'Holt, D.A.'      1  ? 
primary 'Luengo, J.I.'    2  ? 
primary 'Yamashita, D.S.' 3  ? 
primary 'Oh, H.J.'        4  ? 
primary 'Konialian, A.L.' 5  ? 
primary 'Yen, H.K.'       6  ? 
primary 'Rozamus, L.W.'   7  ? 
primary 'Brandt, M.'      8  ? 
primary 'Bossard, M.J.'   9  ? 
primary 'Levy, M.A.'      10 ? 
primary 'Eggleston, D.S.' 11 ? 
primary 'Liang, J.'       12 ? 
primary 'Schultz, L.W.'   13 ? 
primary 'Stout, T.J.'     14 ? 
primary 'Clardy, J.'      15 ? 
1       'Van Duyne, G.D.' 16 ? 
1       'Standaert, R.F.' 17 ? 
1       'Karplus, P.A.'   18 ? 
1       'Schreiber, S.L.' 19 ? 
1       'Clardy, J.'      20 ? 
# 
loop_
_entity.id 
_entity.type 
_entity.src_method 
_entity.pdbx_description 
_entity.formula_weight 
_entity.pdbx_number_of_molecules 
_entity.pdbx_ec 
_entity.pdbx_mutation 
_entity.pdbx_fragment 
_entity.details 
1 polymer     man 'FK506 BINDING PROTEIN'                                                           11836.508 1  ? ? ? ? 
2 non-polymer syn '1,3-DIPHENYL-1-PROPYL-1-(3,3-DIMETHYL-1,2-DIOXYPENTYL)-2-PIPERIDINE CARBOXYLATE' 449.582   1  ? ? ? ? 
3 water       nat water                                                                             18.015    87 ? ? ? ? 
# 
_entity_poly.entity_id                      1 
_entity_poly.type                           'polypeptide(L)' 
_entity_poly.nstd_linkage                   no 
_entity_poly.nstd_monomer                   no 
_entity_poly.pdbx_seq_one_letter_code       
;GVQVETISPGDGRTFPKRGQTCVVHYTGMLEDGKKFDSSRDRNKPFKFMLGKQEVIRGWEEGVAQMSVGQRAKLTISPDY
AYGATGHPGIIPPHATLVFDVELLKLE
;
_entity_poly.pdbx_seq_one_letter_code_can   
;GVQVETISPGDGRTFPKRGQTCVVHYTGMLEDGKKFDSSRDRNKPFKFMLGKQEVIRGWEEGVAQMSVGQRAKLTISPDY
AYGATGHPGIIPPHATLVFDVELLKLE
;
_entity_poly.pdbx_strand_id                 A 
_entity_poly.pdbx_target_identifier         ? 
# 
loop_
_pdbx_entity_nonpoly.entity_id 
_pdbx_entity_nonpoly.name 
_pdbx_entity_nonpoly.comp_id 
2 '1,3-DIPHENYL-1-PROPYL-1-(3,3-DIMETHYL-1,2-DIOXYPENTYL)-2-PIPERIDINE CARBOXYLATE' SB3 
3 water                                                                             HOH 
# 
loop_
_entity_poly_seq.entity_id 
_entity_poly_seq.num 
_entity_poly_seq.mon_id 
_entity_poly_seq.hetero 
1 1   GLY n 
1 2   VAL n 
1 3   GLN n 
1 4   VAL n 
1 5   GLU n 
1 6   THR n 
1 7   ILE n 
1 8   SER n 
1 9   PRO n 
1 10  GLY n 
1 11  ASP n 
1 12  GLY n 
1 13  ARG n 
1 14  THR n 
1 15  PHE n 
1 16  PRO n 
1 17  LYS n 
1 18  ARG n 
1 19  GLY n 
1 20  GLN n 
1 21  THR n 
1 22  CYS n 
1 23  VAL n 
1 24  VAL n 
1 25  HIS n 
1 26  TYR n 
1 27  THR n 
1 28  GLY n 
1 29  MET n 
1 30  LEU n 
1 31  GLU n 
1 32  ASP n 
1 33  GLY n 
1 34  LYS n 
1 35  LYS n 
1 36  PHE n 
1 37  ASP n 
1 38  SER n 
1 39  SER n 
1 40  ARG n 
1 41  ASP n 
1 42  ARG n 
1 43  ASN n 
1 44  LYS n 
1 45  PRO n 
1 46  PHE n 
1 47  LYS n 
1 48  PHE n 
1 49  MET n 
1 50  LEU n 
1 51  GLY n 
1 52  LYS n 
1 53  GLN n 
1 54  GLU n 
1 55  VAL n 
1 56  ILE n 
1 57  ARG n 
1 58  GLY n 
1 59  TRP n 
1 60  GLU n 
1 61  GLU n 
1 62  GLY n 
1 63  VAL n 
1 64  ALA n 
1 65  GLN n 
1 66  MET n 
1 67  SER n 
1 68  VAL n 
1 69  GLY n 
1 70  GLN n 
1 71  ARG n 
1 72  ALA n 
1 73  LYS n 
1 74  LEU n 
1 75  THR n 
1 76  ILE n 
1 77  SER n 
1 78  PRO n 
1 79  ASP n 
1 80  TYR n 
1 81  ALA n 
1 82  TYR n 
1 83  GLY n 
1 84  ALA n 
1 85  THR n 
1 86  GLY n 
1 87  HIS n 
1 88  PRO n 
1 89  GLY n 
1 90  ILE n 
1 91  ILE n 
1 92  PRO n 
1 93  PRO n 
1 94  HIS n 
1 95  ALA n 
1 96  THR n 
1 97  LEU n 
1 98  VAL n 
1 99  PHE n 
1 100 ASP n 
1 101 VAL n 
1 102 GLU n 
1 103 LEU n 
1 104 LEU n 
1 105 LYS n 
1 106 LEU n 
1 107 GLU n 
# 
_entity_src_gen.entity_id                          1 
_entity_src_gen.pdbx_src_id                        1 
_entity_src_gen.pdbx_alt_source_flag               sample 
_entity_src_gen.pdbx_seq_type                      ? 
_entity_src_gen.pdbx_beg_seq_num                   ? 
_entity_src_gen.pdbx_end_seq_num                   ? 
_entity_src_gen.gene_src_common_name               human 
_entity_src_gen.gene_src_genus                     Homo 
_entity_src_gen.pdbx_gene_src_gene                 ? 
_entity_src_gen.gene_src_species                   ? 
_entity_src_gen.gene_src_strain                    ? 
_entity_src_gen.gene_src_tissue                    ? 
_entity_src_gen.gene_src_tissue_fraction           ? 
_entity_src_gen.gene_src_details                   ? 
_entity_src_gen.pdbx_gene_src_fragment             ? 
_entity_src_gen.pdbx_gene_src_scientific_name      'Homo sapiens' 
_entity_src_gen.pdbx_gene_src_ncbi_taxonomy_id     9606 
_entity_src_gen.pdbx_gene_src_variant              ? 
_entity_src_gen.pdbx_gene_src_cell_line            ? 
_entity_src_gen.pdbx_gene_src_atcc                 ? 
_entity_src_gen.pdbx_gene_src_organ                ? 
_entity_src_gen.pdbx_gene_src_organelle            ? 
_entity_src_gen.pdbx_gene_src_cell                 ? 
_entity_src_gen.pdbx_gene_src_cellular_location    ? 
_entity_src_gen.host_org_common_name               ? 
_entity_src_gen.pdbx_host_org_scientific_name      ? 
_entity_src_gen.pdbx_host_org_ncbi_taxonomy_id     ? 
_entity_src_gen.host_org_genus                     ? 
_entity_src_gen.pdbx_host_org_gene                 ? 
_entity_src_gen.pdbx_host_org_organ                ? 
_entity_src_gen.host_org_species                   ? 
_entity_src_gen.pdbx_host_org_tissue               ? 
_entity_src_gen.pdbx_host_org_tissue_fraction      ? 
_entity_src_gen.pdbx_host_org_strain               ? 
_entity_src_gen.pdbx_host_org_variant              ? 
_entity_src_gen.pdbx_host_org_cell_line            ? 
_entity_src_gen.pdbx_host_org_atcc                 ? 
_entity_src_gen.pdbx_host_org_culture_collection   ? 
_entity_src_gen.pdbx_host_org_cell                 ? 
_entity_src_gen.pdbx_host_org_organelle            ? 
_entity_src_gen.pdbx_host_org_cellular_location    ? 
_entity_src_gen.pdbx_host_org_vector_type          ? 
_entity_src_gen.pdbx_host_org_vector               ? 
_entity_src_gen.host_org_details                   ? 
_entity_src_gen.expression_system_id               ? 
_entity_src_gen.plasmid_name                       ? 
_entity_src_gen.plasmid_details                    ? 
_entity_src_gen.pdbx_description                   ? 
# 
loop_
_chem_comp.id 
_chem_comp.type 
_chem_comp.mon_nstd_flag 
_chem_comp.name 
_chem_comp.pdbx_synonyms 
_chem_comp.formula 
_chem_comp.formula_weight 
ALA 'L-peptide linking' y ALANINE                                                                           ? 'C3 H7 N O2'     
89.093  
ARG 'L-peptide linking' y ARGININE                                                                          ? 'C6 H15 N4 O2 1' 
175.209 
ASN 'L-peptide linking' y ASPARAGINE                                                                        ? 'C4 H8 N2 O3'    
132.118 
ASP 'L-peptide linking' y 'ASPARTIC ACID'                                                                   ? 'C4 H7 N O4'     
133.103 
CYS 'L-peptide linking' y CYSTEINE                                                                          ? 'C3 H7 N O2 S'   
121.158 
GLN 'L-peptide linking' y GLUTAMINE                                                                         ? 'C5 H10 N2 O3'   
146.144 
GLU 'L-peptide linking' y 'GLUTAMIC ACID'                                                                   ? 'C5 H9 N O4'     
147.129 
GLY 'peptide linking'   y GLYCINE                                                                           ? 'C2 H5 N O2'     
75.067  
HIS 'L-peptide linking' y HISTIDINE                                                                         ? 'C6 H10 N3 O2 1' 
156.162 
HOH non-polymer         . WATER                                                                             ? 'H2 O'           
18.015  
ILE 'L-peptide linking' y ISOLEUCINE                                                                        ? 'C6 H13 N O2'    
131.173 
LEU 'L-peptide linking' y LEUCINE                                                                           ? 'C6 H13 N O2'    
131.173 
LYS 'L-peptide linking' y LYSINE                                                                            ? 'C6 H15 N2 O2 1' 
147.195 
MET 'L-peptide linking' y METHIONINE                                                                        ? 'C5 H11 N O2 S'  
149.211 
PHE 'L-peptide linking' y PHENYLALANINE                                                                     ? 'C9 H11 N O2'    
165.189 
PRO 'L-peptide linking' y PROLINE                                                                           ? 'C5 H9 N O2'     
115.130 
SB3 non-polymer         . '1,3-DIPHENYL-1-PROPYL-1-(3,3-DIMETHYL-1,2-DIOXYPENTYL)-2-PIPERIDINE CARBOXYLATE' ? 'C28 H35 N O4'   
449.582 
SER 'L-peptide linking' y SERINE                                                                            ? 'C3 H7 N O3'     
105.093 
THR 'L-peptide linking' y THREONINE                                                                         ? 'C4 H9 N O3'     
119.119 
TRP 'L-peptide linking' y TRYPTOPHAN                                                                        ? 'C11 H12 N2 O2'  
204.225 
TYR 'L-peptide linking' y TYROSINE                                                                          ? 'C9 H11 N O3'    
181.189 
VAL 'L-peptide linking' y VALINE                                                                            ? 'C5 H11 N O2'    
117.146 
# 
loop_
_pdbx_poly_seq_scheme.asym_id 
_pdbx_poly_seq_scheme.entity_id 
_pdbx_poly_seq_scheme.seq_id 
_pdbx_poly_seq_scheme.mon_id 
_pdbx_poly_seq_scheme.ndb_seq_num 
_pdbx_poly_seq_scheme.pdb_seq_num 
_pdbx_poly_seq_scheme.auth_seq_num 
_pdbx_poly_seq_scheme.pdb_mon_id 
_pdbx_poly_seq_scheme.auth_mon_id 
_pdbx_poly_seq_scheme.pdb_strand_id 
_pdbx_poly_seq_scheme.pdb_ins_code 
_pdbx_poly_seq_scheme.hetero 
A 1 1   GLY 1   1   1   GLY GLY A . n 
A 1 2   VAL 2   2   2   VAL VAL A . n 
A 1 3   GLN 3   3   3   GLN GLN A . n 
A 1 4   VAL 4   4   4   VAL VAL A . n 
A 1 5   GLU 5   5   5   GLU GLU A . n 
A 1 6   THR 6   6   6   THR THR A . n 
A 1 7   ILE 7   7   7   ILE ILE A . n 
A 1 8   SER 8   8   8   SER SER A . n 
A 1 9   PRO 9   9   9   PRO PRO A . n 
A 1 10  GLY 10  10  10  GLY GLY A . n 
A 1 11  ASP 11  11  11  ASP ASP A . n 
A 1 12  GLY 12  12  12  GLY GLY A . n 
A 1 13  ARG 13  13  13  ARG ARG A . n 
A 1 14  THR 14  14  14  THR THR A . n 
A 1 15  PHE 15  15  15  PHE PHE A . n 
A 1 16  PRO 16  16  16  PRO PRO A . n 
A 1 17  LYS 17  17  17  LYS LYS A . n 
A 1 18  ARG 18  18  18  ARG ARG A . n 
A 1 19  GLY 19  19  19  GLY GLY A . n 
A 1 20  GLN 20  20  20  GLN GLN A . n 
A 1 21  THR 21  21  21  THR THR A . n 
A 1 22  CYS 22  22  22  CYS CYS A . n 
A 1 23  VAL 23  23  23  VAL VAL A . n 
A 1 24  VAL 24  24  24  VAL VAL A . n 
A 1 25  HIS 25  25  25  HIS HIS A . n 
A 1 26  TYR 26  26  26  TYR TYR A . n 
A 1 27  THR 27  27  27  THR THR A . n 
A 1 28  GLY 28  28  28  GLY GLY A . n 
A 1 29  MET 29  29  29  MET MET A . n 
A 1 30  LEU 30  30  30  LEU LEU A . n 
A 1 31  GLU 31  31  31  GLU GLU A . n 
A 1 32  ASP 32  32  32  ASP ASP A . n 
A 1 33  GLY 33  33  33  GLY GLY A . n 
A 1 34  LYS 34  34  34  LYS LYS A . n 
A 1 35  LYS 35  35  35  LYS LYS A . n 
A 1 36  PHE 36  36  36  PHE PHE A . n 
A 1 37  ASP 37  37  37  ASP ASP A . n 
A 1 38  SER 38  38  38  SER SER A . n 
A 1 39  SER 39  39  39  SER SER A . n 
A 1 40  ARG 40  40  40  ARG ARG A . n 
A 1 41  ASP 41  41  41  ASP ASP A . n 
A 1 42  ARG 42  42  42  ARG ARG A . n 
A 1 43  ASN 43  43  43  ASN ASN A . n 
A 1 44  LYS 44  44  44  LYS LYS A . n 
A 1 45  PRO 45  45  45  PRO PRO A . n 
A 1 46  PHE 46  46  46  PHE PHE A . n 
A 1 47  LYS 47  47  47  LYS LYS A . n 
A 1 48  PHE 48  48  48  PHE PHE A . n 
A 1 49  MET 49  49  49  MET MET A . n 
A 1 50  LEU 50  50  50  LEU LEU A . n 
A 1 51  GLY 51  51  51  GLY GLY A . n 
A 1 52  LYS 52  52  52  LYS LYS A . n 
A 1 53  GLN 53  53  53  GLN GLN A . n 
A 1 54  GLU 54  54  54  GLU GLU A . n 
A 1 55  VAL 55  55  55  VAL VAL A . n 
A 1 56  ILE 56  56  56  ILE ILE A . n 
A 1 57  ARG 57  57  57  ARG ARG A . n 
A 1 58  GLY 58  58  58  GLY GLY A . n 
A 1 59  TRP 59  59  59  TRP TRP A . n 
A 1 60  GLU 60  60  60  GLU GLU A . n 
A 1 61  GLU 61  61  61  GLU GLU A . n 
A 1 62  GLY 62  62  62  GLY GLY A . n 
A 1 63  VAL 63  63  63  VAL VAL A . n 
A 1 64  ALA 64  64  64  ALA ALA A . n 
A 1 65  GLN 65  65  65  GLN GLN A . n 
A 1 66  MET 66  66  66  MET MET A . n 
A 1 67  SER 67  67  67  SER SER A . n 
A 1 68  VAL 68  68  68  VAL VAL A . n 
A 1 69  GLY 69  69  69  GLY GLY A . n 
A 1 70  GLN 70  70  70  GLN GLN A . n 
A 1 71  ARG 71  71  71  ARG ARG A . n 
A 1 72  ALA 72  72  72  ALA ALA A . n 
A 1 73  LYS 73  73  73  LYS LYS A . n 
A 1 74  LEU 74  74  74  LEU LEU A . n 
A 1 75  THR 75  75  75  THR THR A . n 
A 1 76  ILE 76  76  76  ILE ILE A . n 
A 1 77  SER 77  77  77  SER SER A . n 
A 1 78  PRO 78  78  78  PRO PRO A . n 
A 1 79  ASP 79  79  79  ASP ASP A . n 
A 1 80  TYR 80  80  80  TYR TYR A . n 
A 1 81  ALA 81  81  81  ALA ALA A . n 
A 1 82  TYR 82  82  82  TYR TYR A . n 
A 1 83  GLY 83  83  83  GLY GLY A . n 
A 1 84  ALA 84  84  84  ALA ALA A . n 
A 1 85  THR 85  85  85  THR THR A . n 
A 1 86  GLY 86  86  86  GLY GLY A . n 
A 1 87  HIS 87  87  87  HIS HIS A . n 
A 1 88  PRO 88  88  88  PRO PRO A . n 
A 1 89  GLY 89  89  89  GLY GLY A . n 
A 1 90  ILE 90  90  90  ILE ILE A . n 
A 1 91  ILE 91  91  91  ILE ILE A . n 
A 1 92  PRO 92  92  92  PRO PRO A . n 
A 1 93  PRO 93  93  93  PRO PRO A . n 
A 1 94  HIS 94  94  94  HIS HIS A . n 
A 1 95  ALA 95  95  95  ALA ALA A . n 
A 1 96  THR 96  96  96  THR THR A . n 
A 1 97  LEU 97  97  97  LEU LEU A . n 
A 1 98  VAL 98  98  98  VAL VAL A . n 
A 1 99  PHE 99  99  99  PHE PHE A . n 
A 1 100 ASP 100 100 100 ASP ASP A . n 
A 1 101 VAL 101 101 101 VAL VAL A . n 
A 1 102 GLU 102 102 102 GLU GLU A . n 
A 1 103 LEU 103 103 103 LEU LEU A . n 
A 1 104 LEU 104 104 104 LEU LEU A . n 
A 1 105 LYS 105 105 105 LYS LYS A . n 
A 1 106 LEU 106 106 106 LEU LEU A . n 
A 1 107 GLU 107 107 107 GLU GLU A . n 
# 
loop_
_pdbx_nonpoly_scheme.asym_id 
_pdbx_nonpoly_scheme.entity_id 
_pdbx_nonpoly_scheme.mon_id 
_pdbx_nonpoly_scheme.ndb_seq_num 
_pdbx_nonpoly_scheme.pdb_seq_num 
_pdbx_nonpoly_scheme.auth_seq_num 
_pdbx_nonpoly_scheme.pdb_mon_id 
_pdbx_nonpoly_scheme.auth_mon_id 
_pdbx_nonpoly_scheme.pdb_strand_id 
_pdbx_nonpoly_scheme.pdb_ins_code 
B 2 SB3 1  108 108 SB3 SB3 A . 
C 3 HOH 1  109 109 HOH HOH A . 
C 3 HOH 2  110 110 HOH HOH A . 
C 3 HOH 3  111 111 HOH HOH A . 
C 3 HOH 4  112 112 HOH HOH A . 
C 3 HOH 5  113 113 HOH HOH A . 
C 3 HOH 6  114 114 HOH HOH A . 
C 3 HOH 7  115 115 HOH HOH A . 
C 3 HOH 8  116 116 HOH HOH A . 
C 3 HOH 9  117 117 HOH HOH A . 
C 3 HOH 10 118 118 HOH HOH A . 
C 3 HOH 11 119 119 HOH HOH A . 
C 3 HOH 12 120 120 HOH HOH A . 
C 3 HOH 13 121 121 HOH HOH A . 
C 3 HOH 14 122 122 HOH HOH A . 
C 3 HOH 15 123 123 HOH HOH A . 
C 3 HOH 16 124 124 HOH HOH A . 
C 3 HOH 17 125 125 HOH HOH A . 
C 3 HOH 18 126 126 HOH HOH A . 
C 3 HOH 19 127 127 HOH HOH A . 
C 3 HOH 20 128 128 HOH HOH A . 
C 3 HOH 21 129 129 HOH HOH A . 
C 3 HOH 22 130 130 HOH HOH A . 
C 3 HOH 23 131 131 HOH HOH A . 
C 3 HOH 24 132 132 HOH HOH A . 
C 3 HOH 25 133 133 HOH HOH A . 
C 3 HOH 26 134 134 HOH HOH A . 
C 3 HOH 27 135 135 HOH HOH A . 
C 3 HOH 28 136 136 HOH HOH A . 
C 3 HOH 29 137 137 HOH HOH A . 
C 3 HOH 30 138 138 HOH HOH A . 
C 3 HOH 31 139 139 HOH HOH A . 
C 3 HOH 32 140 140 HOH HOH A . 
C 3 HOH 33 141 141 HOH HOH A . 
C 3 HOH 34 142 142 HOH HOH A . 
C 3 HOH 35 143 143 HOH HOH A . 
C 3 HOH 36 144 144 HOH HOH A . 
C 3 HOH 37 145 145 HOH HOH A . 
C 3 HOH 38 146 146 HOH HOH A . 
C 3 HOH 39 147 147 HOH HOH A . 
C 3 HOH 40 148 148 HOH HOH A . 
C 3 HOH 41 149 149 HOH HOH A . 
C 3 HOH 42 150 150 HOH HOH A . 
C 3 HOH 43 151 151 HOH HOH A . 
C 3 HOH 44 152 152 HOH HOH A . 
C 3 HOH 45 153 153 HOH HOH A . 
C 3 HOH 46 154 154 HOH HOH A . 
C 3 HOH 47 155 155 HOH HOH A . 
C 3 HOH 48 156 156 HOH HOH A . 
C 3 HOH 49 157 157 HOH HOH A . 
C 3 HOH 50 158 158 HOH HOH A . 
C 3 HOH 51 159 159 HOH HOH A . 
C 3 HOH 52 160 160 HOH HOH A . 
C 3 HOH 53 161 161 HOH HOH A . 
C 3 HOH 54 162 162 HOH HOH A . 
C 3 HOH 55 163 163 HOH HOH A . 
C 3 HOH 56 164 164 HOH HOH A . 
C 3 HOH 57 165 165 HOH HOH A . 
C 3 HOH 58 166 166 HOH HOH A . 
C 3 HOH 59 167 167 HOH HOH A . 
C 3 HOH 60 168 168 HOH HOH A . 
C 3 HOH 61 169 169 HOH HOH A . 
C 3 HOH 62 170 170 HOH HOH A . 
C 3 HOH 63 171 171 HOH HOH A . 
C 3 HOH 64 172 172 HOH HOH A . 
C 3 HOH 65 173 173 HOH HOH A . 
C 3 HOH 66 174 174 HOH HOH A . 
C 3 HOH 67 175 175 HOH HOH A . 
C 3 HOH 68 176 176 HOH HOH A . 
C 3 HOH 69 177 177 HOH HOH A . 
C 3 HOH 70 178 178 HOH HOH A . 
C 3 HOH 71 179 179 HOH HOH A . 
C 3 HOH 72 180 180 HOH HOH A . 
C 3 HOH 73 181 181 HOH HOH A . 
C 3 HOH 74 182 182 HOH HOH A . 
C 3 HOH 75 183 183 HOH HOH A . 
C 3 HOH 76 184 184 HOH HOH A . 
C 3 HOH 77 185 185 HOH HOH A . 
C 3 HOH 78 186 186 HOH HOH A . 
C 3 HOH 79 187 187 HOH HOH A . 
C 3 HOH 80 188 188 HOH HOH A . 
C 3 HOH 81 189 189 HOH HOH A . 
C 3 HOH 82 190 190 HOH HOH A . 
C 3 HOH 83 191 191 HOH HOH A . 
C 3 HOH 84 192 192 HOH HOH A . 
C 3 HOH 85 193 193 HOH HOH A . 
C 3 HOH 86 194 194 HOH HOH A . 
C 3 HOH 87 195 195 HOH HOH A . 
# 
loop_
_software.name 
_software.classification 
_software.version 
_software.citation_id 
_software.pdbx_ordinal 
X-PLOR 'model building' . ? 1 
X-PLOR refinement       . ? 2 
X-PLOR phasing          . ? 3 
# 
_cell.entry_id           1FKG 
_cell.length_a           31.560 
_cell.length_b           43.590 
_cell.length_c           77.030 
_cell.angle_alpha        90.00 
_cell.angle_beta         90.00 
_cell.angle_gamma        90.00 
_cell.Z_PDB              4 
_cell.pdbx_unique_axis   ? 
# 
_symmetry.entry_id                         1FKG 
_symmetry.space_group_name_H-M             'P 21 21 21' 
_symmetry.pdbx_full_space_group_name_H-M   ? 
_symmetry.cell_setting                     ? 
_symmetry.Int_Tables_number                19 
# 
_exptl.entry_id          1FKG 
_exptl.method            'X-RAY DIFFRACTION' 
_exptl.crystals_number   ? 
# 
_exptl_crystal.id                    1 
_exptl_crystal.density_meas          ? 
_exptl_crystal.density_Matthews      2.24 
_exptl_crystal.density_percent_sol   45.01 
_exptl_crystal.description           ? 
# 
_diffrn.id                     1 
_diffrn.ambient_temp           ? 
_diffrn.ambient_temp_details   ? 
_diffrn.crystal_id             1 
# 
_diffrn_radiation.diffrn_id                        1 
_diffrn_radiation.wavelength_id                    1 
_diffrn_radiation.pdbx_monochromatic_or_laue_m_l   ? 
_diffrn_radiation.monochromator                    ? 
_diffrn_radiation.pdbx_diffrn_protocol             ? 
_diffrn_radiation.pdbx_scattering_type             x-ray 
# 
_diffrn_radiation_wavelength.id           1 
_diffrn_radiation_wavelength.wavelength   . 
_diffrn_radiation_wavelength.wt           1.0 
# 
_refine.entry_id                                 1FKG 
_refine.ls_number_reflns_obs                     ? 
_refine.ls_number_reflns_all                     ? 
_refine.pdbx_ls_sigma_I                          ? 
_refine.pdbx_ls_sigma_F                          ? 
_refine.pdbx_data_cutoff_high_absF               ? 
_refine.pdbx_data_cutoff_low_absF                ? 
_refine.pdbx_data_cutoff_high_rms_absF           ? 
_refine.ls_d_res_low                             8.0 
_refine.ls_d_res_high                            2.0 
_refine.ls_percent_reflns_obs                    ? 
_refine.ls_R_factor_obs                          0.1840000 
_refine.ls_R_factor_all                          ? 
_refine.ls_R_factor_R_work                       0.1840000 
_refine.ls_R_factor_R_free                       ? 
_refine.ls_R_factor_R_free_error                 ? 
_refine.ls_R_factor_R_free_error_details         ? 
_refine.ls_percent_reflns_R_free                 ? 
_refine.ls_number_reflns_R_free                  ? 
_refine.ls_number_parameters                     ? 
_refine.ls_number_restraints                     ? 
_refine.occupancy_min                            ? 
_refine.occupancy_max                            ? 
_refine.B_iso_mean                               ? 
_refine.aniso_B[1][1]                            ? 
_refine.aniso_B[2][2]                            ? 
_refine.aniso_B[3][3]                            ? 
_refine.aniso_B[1][2]                            ? 
_refine.aniso_B[1][3]                            ? 
_refine.aniso_B[2][3]                            ? 
_refine.solvent_model_details                    ? 
_refine.solvent_model_param_ksol                 ? 
_refine.solvent_model_param_bsol                 ? 
_refine.pdbx_ls_cross_valid_method               ? 
_refine.details                                  
;THE STRUCTURE WAS SOLVED BY THE METHOD OF MOLECULAR
REPLACEMENT USING X-PLOR.
;
_refine.pdbx_starting_model                      ? 
_refine.pdbx_method_to_determine_struct          ? 
_refine.pdbx_isotropic_thermal_model             ? 
_refine.pdbx_stereochemistry_target_values       ? 
_refine.pdbx_stereochem_target_val_spec_case     ? 
_refine.pdbx_R_Free_selection_details            ? 
_refine.pdbx_overall_ESU_R                       ? 
_refine.pdbx_overall_ESU_R_Free                  ? 
_refine.overall_SU_ML                            ? 
_refine.overall_SU_B                             ? 
_refine.pdbx_refine_id                           'X-RAY DIFFRACTION' 
_refine.pdbx_diffrn_id                           1 
_refine.pdbx_TLS_residual_ADP_flag               ? 
_refine.correlation_coeff_Fo_to_Fc               ? 
_refine.correlation_coeff_Fo_to_Fc_free          ? 
_refine.pdbx_solvent_vdw_probe_radii             ? 
_refine.pdbx_solvent_ion_probe_radii             ? 
_refine.pdbx_solvent_shrinkage_radii             ? 
_refine.pdbx_overall_phase_error                 ? 
_refine.overall_SU_R_Cruickshank_DPI             ? 
_refine.pdbx_overall_SU_R_free_Cruickshank_DPI   ? 
_refine.pdbx_overall_SU_R_Blow_DPI               ? 
_refine.pdbx_overall_SU_R_free_Blow_DPI          ? 
# 
_refine_hist.pdbx_refine_id                   'X-RAY DIFFRACTION' 
_refine_hist.cycle_id                         LAST 
_refine_hist.pdbx_number_atoms_protein        1022 
_refine_hist.pdbx_number_atoms_nucleic_acid   0 
_refine_hist.pdbx_number_atoms_ligand         33 
_refine_hist.number_atoms_solvent             261 
_refine_hist.number_atoms_total               1316 
_refine_hist.d_res_high                       2.0 
_refine_hist.d_res_low                        8.0 
# 
loop_
_refine_ls_restr.type 
_refine_ls_restr.dev_ideal 
_refine_ls_restr.dev_ideal_target 
_refine_ls_restr.weight 
_refine_ls_restr.number 
_refine_ls_restr.pdbx_refine_id 
_refine_ls_restr.pdbx_restraint_function 
x_bond_d                0.015 ? ? ? 'X-RAY DIFFRACTION' ? 
x_bond_d_na             ?     ? ? ? 'X-RAY DIFFRACTION' ? 
x_bond_d_prot           ?     ? ? ? 'X-RAY DIFFRACTION' ? 
x_angle_d               ?     ? ? ? 'X-RAY DIFFRACTION' ? 
x_angle_d_na            ?     ? ? ? 'X-RAY DIFFRACTION' ? 
x_angle_d_prot          ?     ? ? ? 'X-RAY DIFFRACTION' ? 
x_angle_deg             3.0   ? ? ? 'X-RAY DIFFRACTION' ? 
x_angle_deg_na          ?     ? ? ? 'X-RAY DIFFRACTION' ? 
x_angle_deg_prot        ?     ? ? ? 'X-RAY DIFFRACTION' ? 
x_dihedral_angle_d      ?     ? ? ? 'X-RAY DIFFRACTION' ? 
x_dihedral_angle_d_na   ?     ? ? ? 'X-RAY DIFFRACTION' ? 
x_dihedral_angle_d_prot ?     ? ? ? 'X-RAY DIFFRACTION' ? 
x_improper_angle_d      ?     ? ? ? 'X-RAY DIFFRACTION' ? 
x_improper_angle_d_na   ?     ? ? ? 'X-RAY DIFFRACTION' ? 
x_improper_angle_d_prot ?     ? ? ? 'X-RAY DIFFRACTION' ? 
x_mcbond_it             ?     ? ? ? 'X-RAY DIFFRACTION' ? 
x_mcangle_it            ?     ? ? ? 'X-RAY DIFFRACTION' ? 
x_scbond_it             ?     ? ? ? 'X-RAY DIFFRACTION' ? 
x_scangle_it            ?     ? ? ? 'X-RAY DIFFRACTION' ? 
# 
_struct.entry_id                  1FKG 
_struct.title                     
;DESIGN, SYNTHESIS, AND KINETIC EVALUATION OF HIGH-AFFINITY FKBP LIGANDS, AND THE X-RAY CRYSTAL STRUCTURES OF THEIR COMPLEXES WITH FKBP12
;
_struct.pdbx_model_details        ? 
_struct.pdbx_CASP_flag            ? 
_struct.pdbx_model_type_details   ? 
# 
_struct_keywords.entry_id        1FKG 
_struct_keywords.pdbx_keywords   'CIS-TRANS ISOMERASE' 
_struct_keywords.text            'CIS-TRANS ISOMERASE' 
# 
loop_
_struct_asym.id 
_struct_asym.pdbx_blank_PDB_chainid_flag 
_struct_asym.pdbx_modified 
_struct_asym.entity_id 
_struct_asym.details 
A N N 1 ? 
B N N 2 ? 
C N N 3 ? 
# 
_struct_ref.id                         1 
_struct_ref.db_name                    UNP 
_struct_ref.db_code                    FKB1A_HUMAN 
_struct_ref.entity_id                  1 
_struct_ref.pdbx_db_accession          P62942 
_struct_ref.pdbx_align_begin           1 
_struct_ref.pdbx_seq_one_letter_code   
;GVQVETISPGDGRTFPKRGQTCVVHYTGMLEDGKKFDSSRDRNKPFKFMLGKQEVIRGWEEGVAQMSVGQRAKLTISPDY
AYGATGHPGIIPPHATLVFDVELLKLE
;
_struct_ref.pdbx_db_isoform            ? 
# 
_struct_ref_seq.align_id                      1 
_struct_ref_seq.ref_id                        1 
_struct_ref_seq.pdbx_PDB_id_code              1FKG 
_struct_ref_seq.pdbx_strand_id                A 
_struct_ref_seq.seq_align_beg                 1 
_struct_ref_seq.pdbx_seq_align_beg_ins_code   ? 
_struct_ref_seq.seq_align_end                 107 
_struct_ref_seq.pdbx_seq_align_end_ins_code   ? 
_struct_ref_seq.pdbx_db_accession             P62942 
_struct_ref_seq.db_align_beg                  1 
_struct_ref_seq.pdbx_db_align_beg_ins_code    ? 
_struct_ref_seq.db_align_end                  107 
_struct_ref_seq.pdbx_db_align_end_ins_code    ? 
_struct_ref_seq.pdbx_auth_seq_align_beg       1 
_struct_ref_seq.pdbx_auth_seq_align_end       107 
# 
_pdbx_struct_assembly.id                   1 
_pdbx_struct_assembly.details              author_defined_assembly 
_pdbx_struct_assembly.method_details       ? 
_pdbx_struct_assembly.oligomeric_details   monomeric 
_pdbx_struct_assembly.oligomeric_count     1 
# 
_pdbx_struct_assembly_gen.assembly_id       1 
_pdbx_struct_assembly_gen.oper_expression   1 
_pdbx_struct_assembly_gen.asym_id_list      A,B,C 
# 
_pdbx_struct_oper_list.id                   1 
_pdbx_struct_oper_list.type                 'identity operation' 
_pdbx_struct_oper_list.name                 1_555 
_pdbx_struct_oper_list.symmetry_operation   x,y,z 
_pdbx_struct_oper_list.matrix[1][1]         1.0000000000 
_pdbx_struct_oper_list.matrix[1][2]         0.0000000000 
_pdbx_struct_oper_list.matrix[1][3]         0.0000000000 
_pdbx_struct_oper_list.vector[1]            0.0000000000 
_pdbx_struct_oper_list.matrix[2][1]         0.0000000000 
_pdbx_struct_oper_list.matrix[2][2]         1.0000000000 
_pdbx_struct_oper_list.matrix[2][3]         0.0000000000 
_pdbx_struct_oper_list.vector[2]            0.0000000000 
_pdbx_struct_oper_list.matrix[3][1]         0.0000000000 
_pdbx_struct_oper_list.matrix[3][2]         0.0000000000 
_pdbx_struct_oper_list.matrix[3][3]         1.0000000000 
_pdbx_struct_oper_list.vector[3]            0.0000000000 
# 
_struct_biol.id   1 
# 
_struct_conf.conf_type_id            HELX_P 
_struct_conf.id                      HELX_P1 
_struct_conf.pdbx_PDB_helix_id       A 
_struct_conf.beg_label_comp_id       ARG 
_struct_conf.beg_label_asym_id       A 
_struct_conf.beg_label_seq_id        57 
_struct_conf.pdbx_beg_PDB_ins_code   ? 
_struct_conf.end_label_comp_id       VAL 
_struct_conf.end_label_asym_id       A 
_struct_conf.end_label_seq_id        63 
_struct_conf.pdbx_end_PDB_ins_code   ? 
_struct_conf.beg_auth_comp_id        ARG 
_struct_conf.beg_auth_asym_id        A 
_struct_conf.beg_auth_seq_id         57 
_struct_conf.end_auth_comp_id        VAL 
_struct_conf.end_auth_asym_id        A 
_struct_conf.end_auth_seq_id         63 
_struct_conf.pdbx_PDB_helix_class    1 
_struct_conf.details                 ? 
_struct_conf.pdbx_PDB_helix_length   7 
# 
_struct_conf_type.id          HELX_P 
_struct_conf_type.criteria    ? 
_struct_conf_type.reference   ? 
# 
loop_
_struct_sheet.id 
_struct_sheet.type 
_struct_sheet.number_strands 
_struct_sheet.details 
A1 ? 5 ? 
A2 ? 5 ? 
# 
loop_
_struct_sheet_order.sheet_id 
_struct_sheet_order.range_id_1 
_struct_sheet_order.range_id_2 
_struct_sheet_order.offset 
_struct_sheet_order.sense 
A1 1 2 ? anti-parallel 
A1 2 3 ? anti-parallel 
A1 3 4 ? anti-parallel 
A1 4 5 ? anti-parallel 
A2 1 2 ? anti-parallel 
A2 2 3 ? anti-parallel 
A2 3 4 ? anti-parallel 
A2 4 5 ? anti-parallel 
# 
loop_
_struct_sheet_range.sheet_id 
_struct_sheet_range.id 
_struct_sheet_range.beg_label_comp_id 
_struct_sheet_range.beg_label_asym_id 
_struct_sheet_range.beg_label_seq_id 
_struct_sheet_range.pdbx_beg_PDB_ins_code 
_struct_sheet_range.end_label_comp_id 
_struct_sheet_range.end_label_asym_id 
_struct_sheet_range.end_label_seq_id 
_struct_sheet_range.pdbx_end_PDB_ins_code 
_struct_sheet_range.beg_auth_comp_id 
_struct_sheet_range.beg_auth_asym_id 
_struct_sheet_range.beg_auth_seq_id 
_struct_sheet_range.end_auth_comp_id 
_struct_sheet_range.end_auth_asym_id 
_struct_sheet_range.end_auth_seq_id 
A1 1 VAL A 2  ? SER A 8   ? VAL A 2  SER A 8   
A1 2 ARG A 71 ? ILE A 76  ? ARG A 71 ILE A 76  
A1 3 LEU A 97 ? LEU A 106 ? LEU A 97 LEU A 106 
A1 4 THR A 21 ? LEU A 30  ? THR A 21 LEU A 30  
A1 5 LYS A 35 ? SER A 38  ? LYS A 35 SER A 38  
A2 1 VAL A 2  ? SER A 8   ? VAL A 2  SER A 8   
A2 2 ARG A 71 ? ILE A 76  ? ARG A 71 ILE A 76  
A2 3 LEU A 97 ? LEU A 106 ? LEU A 97 LEU A 106 
A2 4 THR A 21 ? LEU A 30  ? THR A 21 LEU A 30  
A2 5 PHE A 46 ? MET A 49  ? PHE A 46 MET A 49  
# 
loop_
_pdbx_struct_sheet_hbond.sheet_id 
_pdbx_struct_sheet_hbond.range_id_1 
_pdbx_struct_sheet_hbond.range_id_2 
_pdbx_struct_sheet_hbond.range_1_label_atom_id 
_pdbx_struct_sheet_hbond.range_1_label_comp_id 
_pdbx_struct_sheet_hbond.range_1_label_asym_id 
_pdbx_struct_sheet_hbond.range_1_label_seq_id 
_pdbx_struct_sheet_hbond.range_1_PDB_ins_code 
_pdbx_struct_sheet_hbond.range_1_auth_atom_id 
_pdbx_struct_sheet_hbond.range_1_auth_comp_id 
_pdbx_struct_sheet_hbond.range_1_auth_asym_id 
_pdbx_struct_sheet_hbond.range_1_auth_seq_id 
_pdbx_struct_sheet_hbond.range_2_label_atom_id 
_pdbx_struct_sheet_hbond.range_2_label_comp_id 
_pdbx_struct_sheet_hbond.range_2_label_asym_id 
_pdbx_struct_sheet_hbond.range_2_label_seq_id 
_pdbx_struct_sheet_hbond.range_2_PDB_ins_code 
_pdbx_struct_sheet_hbond.range_2_auth_atom_id 
_pdbx_struct_sheet_hbond.range_2_auth_comp_id 
_pdbx_struct_sheet_hbond.range_2_auth_asym_id 
_pdbx_struct_sheet_hbond.range_2_auth_seq_id 
A1 1 2 N GLN A 3   ? N GLN A 3   O THR A 75 ? O THR A 75 
A1 2 3 O ILE A 76  ? O ILE A 76  N LEU A 97 ? N LEU A 97 
A1 3 4 O LYS A 105 ? O LYS A 105 N VAL A 23 ? N VAL A 23 
A1 4 5 O GLY A 28  ? O GLY A 28  N PHE A 36 ? N PHE A 36 
A2 1 2 N GLN A 3   ? N GLN A 3   O THR A 75 ? O THR A 75 
A2 2 3 O ILE A 76  ? O ILE A 76  N LEU A 97 ? N LEU A 97 
A2 3 4 O LYS A 105 ? O LYS A 105 N VAL A 23 ? N VAL A 23 
A2 4 5 O VAL A 24  ? O VAL A 24  N PHE A 46 ? N PHE A 46 
# 
loop_
_struct_site.id 
_struct_site.pdbx_evidence_code 
_struct_site.pdbx_auth_asym_id 
_struct_site.pdbx_auth_comp_id 
_struct_site.pdbx_auth_seq_id 
_struct_site.pdbx_auth_ins_code 
_struct_site.pdbx_num_residues 
_struct_site.details 
BP  Unknown  ? ?   ?   ? 6  ?                                    
AC1 Software A SB3 108 ? 13 'BINDING SITE FOR RESIDUE SB3 A 108' 
# 
loop_
_struct_site_gen.id 
_struct_site_gen.site_id 
_struct_site_gen.pdbx_num_res 
_struct_site_gen.label_comp_id 
_struct_site_gen.label_asym_id 
_struct_site_gen.label_seq_id 
_struct_site_gen.pdbx_auth_ins_code 
_struct_site_gen.auth_comp_id 
_struct_site_gen.auth_asym_id 
_struct_site_gen.auth_seq_id 
_struct_site_gen.label_atom_id 
_struct_site_gen.label_alt_id 
_struct_site_gen.symmetry 
_struct_site_gen.details 
1  BP  6  TYR A 26 ? TYR A 26 . ? 1_555 ? 
2  BP  6  PHE A 46 ? PHE A 46 . ? 1_555 ? 
3  BP  6  VAL A 55 ? VAL A 55 . ? 1_555 ? 
4  BP  6  ILE A 56 ? ILE A 56 . ? 1_555 ? 
5  BP  6  TRP A 59 ? TRP A 59 . ? 1_555 ? 
6  BP  6  PHE A 99 ? PHE A 99 . ? 1_555 ? 
7  AC1 13 ARG A 18 ? ARG A 18 . ? 4_465 ? 
8  AC1 13 GLY A 19 ? GLY A 19 . ? 4_465 ? 
9  AC1 13 TYR A 26 ? TYR A 26 . ? 1_555 ? 
10 AC1 13 PHE A 36 ? PHE A 36 . ? 1_555 ? 
11 AC1 13 ASP A 37 ? ASP A 37 . ? 1_555 ? 
12 AC1 13 PHE A 46 ? PHE A 46 . ? 1_555 ? 
13 AC1 13 GLY A 51 ? GLY A 51 . ? 4_465 ? 
14 AC1 13 LYS A 52 ? LYS A 52 . ? 4_465 ? 
15 AC1 13 VAL A 55 ? VAL A 55 . ? 1_555 ? 
16 AC1 13 ILE A 56 ? ILE A 56 . ? 1_555 ? 
17 AC1 13 TRP A 59 ? TRP A 59 . ? 1_555 ? 
18 AC1 13 TYR A 82 ? TYR A 82 . ? 1_555 ? 
19 AC1 13 PHE A 99 ? PHE A 99 . ? 1_555 ? 
# 
loop_
_pdbx_validate_rmsd_angle.id 
_pdbx_validate_rmsd_angle.PDB_model_num 
_pdbx_validate_rmsd_angle.auth_atom_id_1 
_pdbx_validate_rmsd_angle.auth_asym_id_1 
_pdbx_validate_rmsd_angle.auth_comp_id_1 
_pdbx_validate_rmsd_angle.auth_seq_id_1 
_pdbx_validate_rmsd_angle.PDB_ins_code_1 
_pdbx_validate_rmsd_angle.label_alt_id_1 
_pdbx_validate_rmsd_angle.auth_atom_id_2 
_pdbx_validate_rmsd_angle.auth_asym_id_2 
_pdbx_validate_rmsd_angle.auth_comp_id_2 
_pdbx_validate_rmsd_angle.auth_seq_id_2 
_pdbx_validate_rmsd_angle.PDB_ins_code_2 
_pdbx_validate_rmsd_angle.label_alt_id_2 
_pdbx_validate_rmsd_angle.auth_atom_id_3 
_pdbx_validate_rmsd_angle.auth_asym_id_3 
_pdbx_validate_rmsd_angle.auth_comp_id_3 
_pdbx_validate_rmsd_angle.auth_seq_id_3 
_pdbx_validate_rmsd_angle.PDB_ins_code_3 
_pdbx_validate_rmsd_angle.label_alt_id_3 
_pdbx_validate_rmsd_angle.angle_value 
_pdbx_validate_rmsd_angle.angle_target_value 
_pdbx_validate_rmsd_angle.angle_deviation 
_pdbx_validate_rmsd_angle.angle_standard_deviation 
_pdbx_validate_rmsd_angle.linker_flag 
1 1 NE  A ARG 18 ? ? CZ  A ARG 18 ? ? NH1 A ARG 18 ? ? 123.92 120.30 3.62  0.50 N 
2 1 NE  A ARG 18 ? ? CZ  A ARG 18 ? ? NH2 A ARG 18 ? ? 115.48 120.30 -4.82 0.50 N 
3 1 NE  A ARG 57 ? ? CZ  A ARG 57 ? ? NH1 A ARG 57 ? ? 123.79 120.30 3.49  0.50 N 
4 1 NE  A ARG 57 ? ? CZ  A ARG 57 ? ? NH2 A ARG 57 ? ? 116.77 120.30 -3.53 0.50 N 
5 1 CD1 A TRP 59 ? ? CG  A TRP 59 ? ? CD2 A TRP 59 ? ? 112.11 106.30 5.81  0.80 N 
6 1 CE2 A TRP 59 ? ? CD2 A TRP 59 ? ? CG  A TRP 59 ? ? 102.05 107.30 -5.25 0.80 N 
# 
_pdbx_validate_torsion.id              1 
_pdbx_validate_torsion.PDB_model_num   1 
_pdbx_validate_torsion.auth_comp_id    ALA 
_pdbx_validate_torsion.auth_asym_id    A 
_pdbx_validate_torsion.auth_seq_id     81 
_pdbx_validate_torsion.PDB_ins_code    ? 
_pdbx_validate_torsion.label_alt_id    ? 
_pdbx_validate_torsion.phi             -137.79 
_pdbx_validate_torsion.psi             -116.54 
# 
loop_
_chem_comp_atom.comp_id 
_chem_comp_atom.atom_id 
_chem_comp_atom.type_symbol 
_chem_comp_atom.pdbx_aromatic_flag 
_chem_comp_atom.pdbx_stereo_config 
_chem_comp_atom.pdbx_ordinal 
ALA N    N N N 1   
ALA CA   C N S 2   
ALA C    C N N 3   
ALA O    O N N 4   
ALA CB   C N N 5   
ALA OXT  O N N 6   
ALA H    H N N 7   
ALA H2   H N N 8   
ALA HA   H N N 9   
ALA HB1  H N N 10  
ALA HB2  H N N 11  
ALA HB3  H N N 12  
ALA HXT  H N N 13  
ARG N    N N N 14  
ARG CA   C N S 15  
ARG C    C N N 16  
ARG O    O N N 17  
ARG CB   C N N 18  
ARG CG   C N N 19  
ARG CD   C N N 20  
ARG NE   N N N 21  
ARG CZ   C N N 22  
ARG NH1  N N N 23  
ARG NH2  N N N 24  
ARG OXT  O N N 25  
ARG H    H N N 26  
ARG H2   H N N 27  
ARG HA   H N N 28  
ARG HB2  H N N 29  
ARG HB3  H N N 30  
ARG HG2  H N N 31  
ARG HG3  H N N 32  
ARG HD2  H N N 33  
ARG HD3  H N N 34  
ARG HE   H N N 35  
ARG HH11 H N N 36  
ARG HH12 H N N 37  
ARG HH21 H N N 38  
ARG HH22 H N N 39  
ARG HXT  H N N 40  
ASN N    N N N 41  
ASN CA   C N S 42  
ASN C    C N N 43  
ASN O    O N N 44  
ASN CB   C N N 45  
ASN CG   C N N 46  
ASN OD1  O N N 47  
ASN ND2  N N N 48  
ASN OXT  O N N 49  
ASN H    H N N 50  
ASN H2   H N N 51  
ASN HA   H N N 52  
ASN HB2  H N N 53  
ASN HB3  H N N 54  
ASN HD21 H N N 55  
ASN HD22 H N N 56  
ASN HXT  H N N 57  
ASP N    N N N 58  
ASP CA   C N S 59  
ASP C    C N N 60  
ASP O    O N N 61  
ASP CB   C N N 62  
ASP CG   C N N 63  
ASP OD1  O N N 64  
ASP OD2  O N N 65  
ASP OXT  O N N 66  
ASP H    H N N 67  
ASP H2   H N N 68  
ASP HA   H N N 69  
ASP HB2  H N N 70  
ASP HB3  H N N 71  
ASP HD2  H N N 72  
ASP HXT  H N N 73  
CYS N    N N N 74  
CYS CA   C N R 75  
CYS C    C N N 76  
CYS O    O N N 77  
CYS CB   C N N 78  
CYS SG   S N N 79  
CYS OXT  O N N 80  
CYS H    H N N 81  
CYS H2   H N N 82  
CYS HA   H N N 83  
CYS HB2  H N N 84  
CYS HB3  H N N 85  
CYS HG   H N N 86  
CYS HXT  H N N 87  
GLN N    N N N 88  
GLN CA   C N S 89  
GLN C    C N N 90  
GLN O    O N N 91  
GLN CB   C N N 92  
GLN CG   C N N 93  
GLN CD   C N N 94  
GLN OE1  O N N 95  
GLN NE2  N N N 96  
GLN OXT  O N N 97  
GLN H    H N N 98  
GLN H2   H N N 99  
GLN HA   H N N 100 
GLN HB2  H N N 101 
GLN HB3  H N N 102 
GLN HG2  H N N 103 
GLN HG3  H N N 104 
GLN HE21 H N N 105 
GLN HE22 H N N 106 
GLN HXT  H N N 107 
GLU N    N N N 108 
GLU CA   C N S 109 
GLU C    C N N 110 
GLU O    O N N 111 
GLU CB   C N N 112 
GLU CG   C N N 113 
GLU CD   C N N 114 
GLU OE1  O N N 115 
GLU OE2  O N N 116 
GLU OXT  O N N 117 
GLU H    H N N 118 
GLU H2   H N N 119 
GLU HA   H N N 120 
GLU HB2  H N N 121 
GLU HB3  H N N 122 
GLU HG2  H N N 123 
GLU HG3  H N N 124 
GLU HE2  H N N 125 
GLU HXT  H N N 126 
GLY N    N N N 127 
GLY CA   C N N 128 
GLY C    C N N 129 
GLY O    O N N 130 
GLY OXT  O N N 131 
GLY H    H N N 132 
GLY H2   H N N 133 
GLY HA2  H N N 134 
GLY HA3  H N N 135 
GLY HXT  H N N 136 
HIS N    N N N 137 
HIS CA   C N S 138 
HIS C    C N N 139 
HIS O    O N N 140 
HIS CB   C N N 141 
HIS CG   C Y N 142 
HIS ND1  N Y N 143 
HIS CD2  C Y N 144 
HIS CE1  C Y N 145 
HIS NE2  N Y N 146 
HIS OXT  O N N 147 
HIS H    H N N 148 
HIS H2   H N N 149 
HIS HA   H N N 150 
HIS HB2  H N N 151 
HIS HB3  H N N 152 
HIS HD1  H N N 153 
HIS HD2  H N N 154 
HIS HE1  H N N 155 
HIS HE2  H N N 156 
HIS HXT  H N N 157 
HOH O    O N N 158 
HOH H1   H N N 159 
HOH H2   H N N 160 
ILE N    N N N 161 
ILE CA   C N S 162 
ILE C    C N N 163 
ILE O    O N N 164 
ILE CB   C N S 165 
ILE CG1  C N N 166 
ILE CG2  C N N 167 
ILE CD1  C N N 168 
ILE OXT  O N N 169 
ILE H    H N N 170 
ILE H2   H N N 171 
ILE HA   H N N 172 
ILE HB   H N N 173 
ILE HG12 H N N 174 
ILE HG13 H N N 175 
ILE HG21 H N N 176 
ILE HG22 H N N 177 
ILE HG23 H N N 178 
ILE HD11 H N N 179 
ILE HD12 H N N 180 
ILE HD13 H N N 181 
ILE HXT  H N N 182 
LEU N    N N N 183 
LEU CA   C N S 184 
LEU C    C N N 185 
LEU O    O N N 186 
LEU CB   C N N 187 
LEU CG   C N N 188 
LEU CD1  C N N 189 
LEU CD2  C N N 190 
LEU OXT  O N N 191 
LEU H    H N N 192 
LEU H2   H N N 193 
LEU HA   H N N 194 
LEU HB2  H N N 195 
LEU HB3  H N N 196 
LEU HG   H N N 197 
LEU HD11 H N N 198 
LEU HD12 H N N 199 
LEU HD13 H N N 200 
LEU HD21 H N N 201 
LEU HD22 H N N 202 
LEU HD23 H N N 203 
LEU HXT  H N N 204 
LYS N    N N N 205 
LYS CA   C N S 206 
LYS C    C N N 207 
LYS O    O N N 208 
LYS CB   C N N 209 
LYS CG   C N N 210 
LYS CD   C N N 211 
LYS CE   C N N 212 
LYS NZ   N N N 213 
LYS OXT  O N N 214 
LYS H    H N N 215 
LYS H2   H N N 216 
LYS HA   H N N 217 
LYS HB2  H N N 218 
LYS HB3  H N N 219 
LYS HG2  H N N 220 
LYS HG3  H N N 221 
LYS HD2  H N N 222 
LYS HD3  H N N 223 
LYS HE2  H N N 224 
LYS HE3  H N N 225 
LYS HZ1  H N N 226 
LYS HZ2  H N N 227 
LYS HZ3  H N N 228 
LYS HXT  H N N 229 
MET N    N N N 230 
MET CA   C N S 231 
MET C    C N N 232 
MET O    O N N 233 
MET CB   C N N 234 
MET CG   C N N 235 
MET SD   S N N 236 
MET CE   C N N 237 
MET OXT  O N N 238 
MET H    H N N 239 
MET H2   H N N 240 
MET HA   H N N 241 
MET HB2  H N N 242 
MET HB3  H N N 243 
MET HG2  H N N 244 
MET HG3  H N N 245 
MET HE1  H N N 246 
MET HE2  H N N 247 
MET HE3  H N N 248 
MET HXT  H N N 249 
PHE N    N N N 250 
PHE CA   C N S 251 
PHE C    C N N 252 
PHE O    O N N 253 
PHE CB   C N N 254 
PHE CG   C Y N 255 
PHE CD1  C Y N 256 
PHE CD2  C Y N 257 
PHE CE1  C Y N 258 
PHE CE2  C Y N 259 
PHE CZ   C Y N 260 
PHE OXT  O N N 261 
PHE H    H N N 262 
PHE H2   H N N 263 
PHE HA   H N N 264 
PHE HB2  H N N 265 
PHE HB3  H N N 266 
PHE HD1  H N N 267 
PHE HD2  H N N 268 
PHE HE1  H N N 269 
PHE HE2  H N N 270 
PHE HZ   H N N 271 
PHE HXT  H N N 272 
PRO N    N N N 273 
PRO CA   C N S 274 
PRO C    C N N 275 
PRO O    O N N 276 
PRO CB   C N N 277 
PRO CG   C N N 278 
PRO CD   C N N 279 
PRO OXT  O N N 280 
PRO H    H N N 281 
PRO HA   H N N 282 
PRO HB2  H N N 283 
PRO HB3  H N N 284 
PRO HG2  H N N 285 
PRO HG3  H N N 286 
PRO HD2  H N N 287 
PRO HD3  H N N 288 
PRO HXT  H N N 289 
SB3 C1   C N N 290 
SB3 C2   C N S 291 
SB3 C3   C N N 292 
SB3 C4   C N N 293 
SB3 C5   C N N 294 
SB3 C6   C N N 295 
SB3 N7   N N N 296 
SB3 O1   O N N 297 
SB3 O2   O N N 298 
SB3 C8   C N N 299 
SB3 O3   O N N 300 
SB3 C9   C N N 301 
SB3 O4   O N N 302 
SB3 C10  C N N 303 
SB3 C11  C N N 304 
SB3 C12  C N N 305 
SB3 C13  C N N 306 
SB3 C14  C N N 307 
SB3 C15  C N R 308 
SB3 C16  C N N 309 
SB3 C17  C N N 310 
SB3 C18  C Y N 311 
SB3 C19  C Y N 312 
SB3 C20  C Y N 313 
SB3 C21  C Y N 314 
SB3 C22  C Y N 315 
SB3 C23  C Y N 316 
SB3 C24  C Y N 317 
SB3 C25  C Y N 318 
SB3 C26  C Y N 319 
SB3 C27  C Y N 320 
SB3 C28  C Y N 321 
SB3 C29  C Y N 322 
SB3 H2   H N N 323 
SB3 H31  H N N 324 
SB3 H32  H N N 325 
SB3 H41  H N N 326 
SB3 H42  H N N 327 
SB3 H51  H N N 328 
SB3 H52  H N N 329 
SB3 H61  H N N 330 
SB3 H62  H N N 331 
SB3 H111 H N N 332 
SB3 H112 H N N 333 
SB3 H121 H N N 334 
SB3 H122 H N N 335 
SB3 H123 H N N 336 
SB3 H131 H N N 337 
SB3 H132 H N N 338 
SB3 H133 H N N 339 
SB3 H141 H N N 340 
SB3 H142 H N N 341 
SB3 H143 H N N 342 
SB3 H15  H N N 343 
SB3 H161 H N N 344 
SB3 H162 H N N 345 
SB3 H171 H N N 346 
SB3 H172 H N N 347 
SB3 H19  H N N 348 
SB3 H20  H N N 349 
SB3 H21  H N N 350 
SB3 H22  H N N 351 
SB3 H23  H N N 352 
SB3 H25  H N N 353 
SB3 H26  H N N 354 
SB3 H27  H N N 355 
SB3 H28  H N N 356 
SB3 H29  H N N 357 
SER N    N N N 358 
SER CA   C N S 359 
SER C    C N N 360 
SER O    O N N 361 
SER CB   C N N 362 
SER OG   O N N 363 
SER OXT  O N N 364 
SER H    H N N 365 
SER H2   H N N 366 
SER HA   H N N 367 
SER HB2  H N N 368 
SER HB3  H N N 369 
SER HG   H N N 370 
SER HXT  H N N 371 
THR N    N N N 372 
THR CA   C N S 373 
THR C    C N N 374 
THR O    O N N 375 
THR CB   C N R 376 
THR OG1  O N N 377 
THR CG2  C N N 378 
THR OXT  O N N 379 
THR H    H N N 380 
THR H2   H N N 381 
THR HA   H N N 382 
THR HB   H N N 383 
THR HG1  H N N 384 
THR HG21 H N N 385 
THR HG22 H N N 386 
THR HG23 H N N 387 
THR HXT  H N N 388 
TRP N    N N N 389 
TRP CA   C N S 390 
TRP C    C N N 391 
TRP O    O N N 392 
TRP CB   C N N 393 
TRP CG   C Y N 394 
TRP CD1  C Y N 395 
TRP CD2  C Y N 396 
TRP NE1  N Y N 397 
TRP CE2  C Y N 398 
TRP CE3  C Y N 399 
TRP CZ2  C Y N 400 
TRP CZ3  C Y N 401 
TRP CH2  C Y N 402 
TRP OXT  O N N 403 
TRP H    H N N 404 
TRP H2   H N N 405 
TRP HA   H N N 406 
TRP HB2  H N N 407 
TRP HB3  H N N 408 
TRP HD1  H N N 409 
TRP HE1  H N N 410 
TRP HE3  H N N 411 
TRP HZ2  H N N 412 
TRP HZ3  H N N 413 
TRP HH2  H N N 414 
TRP HXT  H N N 415 
TYR N    N N N 416 
TYR CA   C N S 417 
TYR C    C N N 418 
TYR O    O N N 419 
TYR CB   C N N 420 
TYR CG   C Y N 421 
TYR CD1  C Y N 422 
TYR CD2  C Y N 423 
TYR CE1  C Y N 424 
TYR CE2  C Y N 425 
TYR CZ   C Y N 426 
TYR OH   O N N 427 
TYR OXT  O N N 428 
TYR H    H N N 429 
TYR H2   H N N 430 
TYR HA   H N N 431 
TYR HB2  H N N 432 
TYR HB3  H N N 433 
TYR HD1  H N N 434 
TYR HD2  H N N 435 
TYR HE1  H N N 436 
TYR HE2  H N N 437 
TYR HH   H N N 438 
TYR HXT  H N N 439 
VAL N    N N N 440 
VAL CA   C N S 441 
VAL C    C N N 442 
VAL O    O N N 443 
VAL CB   C N N 444 
VAL CG1  C N N 445 
VAL CG2  C N N 446 
VAL OXT  O N N 447 
VAL H    H N N 448 
VAL H2   H N N 449 
VAL HA   H N N 450 
VAL HB   H N N 451 
VAL HG11 H N N 452 
VAL HG12 H N N 453 
VAL HG13 H N N 454 
VAL HG21 H N N 455 
VAL HG22 H N N 456 
VAL HG23 H N N 457 
VAL HXT  H N N 458 
# 
loop_
_chem_comp_bond.comp_id 
_chem_comp_bond.atom_id_1 
_chem_comp_bond.atom_id_2 
_chem_comp_bond.value_order 
_chem_comp_bond.pdbx_aromatic_flag 
_chem_comp_bond.pdbx_stereo_config 
_chem_comp_bond.pdbx_ordinal 
ALA N   CA   sing N N 1   
ALA N   H    sing N N 2   
ALA N   H2   sing N N 3   
ALA CA  C    sing N N 4   
ALA CA  CB   sing N N 5   
ALA CA  HA   sing N N 6   
ALA C   O    doub N N 7   
ALA C   OXT  sing N N 8   
ALA CB  HB1  sing N N 9   
ALA CB  HB2  sing N N 10  
ALA CB  HB3  sing N N 11  
ALA OXT HXT  sing N N 12  
ARG N   CA   sing N N 13  
ARG N   H    sing N N 14  
ARG N   H2   sing N N 15  
ARG CA  C    sing N N 16  
ARG CA  CB   sing N N 17  
ARG CA  HA   sing N N 18  
ARG C   O    doub N N 19  
ARG C   OXT  sing N N 20  
ARG CB  CG   sing N N 21  
ARG CB  HB2  sing N N 22  
ARG CB  HB3  sing N N 23  
ARG CG  CD   sing N N 24  
ARG CG  HG2  sing N N 25  
ARG CG  HG3  sing N N 26  
ARG CD  NE   sing N N 27  
ARG CD  HD2  sing N N 28  
ARG CD  HD3  sing N N 29  
ARG NE  CZ   sing N N 30  
ARG NE  HE   sing N N 31  
ARG CZ  NH1  sing N N 32  
ARG CZ  NH2  doub N N 33  
ARG NH1 HH11 sing N N 34  
ARG NH1 HH12 sing N N 35  
ARG NH2 HH21 sing N N 36  
ARG NH2 HH22 sing N N 37  
ARG OXT HXT  sing N N 38  
ASN N   CA   sing N N 39  
ASN N   H    sing N N 40  
ASN N   H2   sing N N 41  
ASN CA  C    sing N N 42  
ASN CA  CB   sing N N 43  
ASN CA  HA   sing N N 44  
ASN C   O    doub N N 45  
ASN C   OXT  sing N N 46  
ASN CB  CG   sing N N 47  
ASN CB  HB2  sing N N 48  
ASN CB  HB3  sing N N 49  
ASN CG  OD1  doub N N 50  
ASN CG  ND2  sing N N 51  
ASN ND2 HD21 sing N N 52  
ASN ND2 HD22 sing N N 53  
ASN OXT HXT  sing N N 54  
ASP N   CA   sing N N 55  
ASP N   H    sing N N 56  
ASP N   H2   sing N N 57  
ASP CA  C    sing N N 58  
ASP CA  CB   sing N N 59  
ASP CA  HA   sing N N 60  
ASP C   O    doub N N 61  
ASP C   OXT  sing N N 62  
ASP CB  CG   sing N N 63  
ASP CB  HB2  sing N N 64  
ASP CB  HB3  sing N N 65  
ASP CG  OD1  doub N N 66  
ASP CG  OD2  sing N N 67  
ASP OD2 HD2  sing N N 68  
ASP OXT HXT  sing N N 69  
CYS N   CA   sing N N 70  
CYS N   H    sing N N 71  
CYS N   H2   sing N N 72  
CYS CA  C    sing N N 73  
CYS CA  CB   sing N N 74  
CYS CA  HA   sing N N 75  
CYS C   O    doub N N 76  
CYS C   OXT  sing N N 77  
CYS CB  SG   sing N N 78  
CYS CB  HB2  sing N N 79  
CYS CB  HB3  sing N N 80  
CYS SG  HG   sing N N 81  
CYS OXT HXT  sing N N 82  
GLN N   CA   sing N N 83  
GLN N   H    sing N N 84  
GLN N   H2   sing N N 85  
GLN CA  C    sing N N 86  
GLN CA  CB   sing N N 87  
GLN CA  HA   sing N N 88  
GLN C   O    doub N N 89  
GLN C   OXT  sing N N 90  
GLN CB  CG   sing N N 91  
GLN CB  HB2  sing N N 92  
GLN CB  HB3  sing N N 93  
GLN CG  CD   sing N N 94  
GLN CG  HG2  sing N N 95  
GLN CG  HG3  sing N N 96  
GLN CD  OE1  doub N N 97  
GLN CD  NE2  sing N N 98  
GLN NE2 HE21 sing N N 99  
GLN NE2 HE22 sing N N 100 
GLN OXT HXT  sing N N 101 
GLU N   CA   sing N N 102 
GLU N   H    sing N N 103 
GLU N   H2   sing N N 104 
GLU CA  C    sing N N 105 
GLU CA  CB   sing N N 106 
GLU CA  HA   sing N N 107 
GLU C   O    doub N N 108 
GLU C   OXT  sing N N 109 
GLU CB  CG   sing N N 110 
GLU CB  HB2  sing N N 111 
GLU CB  HB3  sing N N 112 
GLU CG  CD   sing N N 113 
GLU CG  HG2  sing N N 114 
GLU CG  HG3  sing N N 115 
GLU CD  OE1  doub N N 116 
GLU CD  OE2  sing N N 117 
GLU OE2 HE2  sing N N 118 
GLU OXT HXT  sing N N 119 
GLY N   CA   sing N N 120 
GLY N   H    sing N N 121 
GLY N   H2   sing N N 122 
GLY CA  C    sing N N 123 
GLY CA  HA2  sing N N 124 
GLY CA  HA3  sing N N 125 
GLY C   O    doub N N 126 
GLY C   OXT  sing N N 127 
GLY OXT HXT  sing N N 128 
HIS N   CA   sing N N 129 
HIS N   H    sing N N 130 
HIS N   H2   sing N N 131 
HIS CA  C    sing N N 132 
HIS CA  CB   sing N N 133 
HIS CA  HA   sing N N 134 
HIS C   O    doub N N 135 
HIS C   OXT  sing N N 136 
HIS CB  CG   sing N N 137 
HIS CB  HB2  sing N N 138 
HIS CB  HB3  sing N N 139 
HIS CG  ND1  sing Y N 140 
HIS CG  CD2  doub Y N 141 
HIS ND1 CE1  doub Y N 142 
HIS ND1 HD1  sing N N 143 
HIS CD2 NE2  sing Y N 144 
HIS CD2 HD2  sing N N 145 
HIS CE1 NE2  sing Y N 146 
HIS CE1 HE1  sing N N 147 
HIS NE2 HE2  sing N N 148 
HIS OXT HXT  sing N N 149 
HOH O   H1   sing N N 150 
HOH O   H2   sing N N 151 
ILE N   CA   sing N N 152 
ILE N   H    sing N N 153 
ILE N   H2   sing N N 154 
ILE CA  C    sing N N 155 
ILE CA  CB   sing N N 156 
ILE CA  HA   sing N N 157 
ILE C   O    doub N N 158 
ILE C   OXT  sing N N 159 
ILE CB  CG1  sing N N 160 
ILE CB  CG2  sing N N 161 
ILE CB  HB   sing N N 162 
ILE CG1 CD1  sing N N 163 
ILE CG1 HG12 sing N N 164 
ILE CG1 HG13 sing N N 165 
ILE CG2 HG21 sing N N 166 
ILE CG2 HG22 sing N N 167 
ILE CG2 HG23 sing N N 168 
ILE CD1 HD11 sing N N 169 
ILE CD1 HD12 sing N N 170 
ILE CD1 HD13 sing N N 171 
ILE OXT HXT  sing N N 172 
LEU N   CA   sing N N 173 
LEU N   H    sing N N 174 
LEU N   H2   sing N N 175 
LEU CA  C    sing N N 176 
LEU CA  CB   sing N N 177 
LEU CA  HA   sing N N 178 
LEU C   O    doub N N 179 
LEU C   OXT  sing N N 180 
LEU CB  CG   sing N N 181 
LEU CB  HB2  sing N N 182 
LEU CB  HB3  sing N N 183 
LEU CG  CD1  sing N N 184 
LEU CG  CD2  sing N N 185 
LEU CG  HG   sing N N 186 
LEU CD1 HD11 sing N N 187 
LEU CD1 HD12 sing N N 188 
LEU CD1 HD13 sing N N 189 
LEU CD2 HD21 sing N N 190 
LEU CD2 HD22 sing N N 191 
LEU CD2 HD23 sing N N 192 
LEU OXT HXT  sing N N 193 
LYS N   CA   sing N N 194 
LYS N   H    sing N N 195 
LYS N   H2   sing N N 196 
LYS CA  C    sing N N 197 
LYS CA  CB   sing N N 198 
LYS CA  HA   sing N N 199 
LYS C   O    doub N N 200 
LYS C   OXT  sing N N 201 
LYS CB  CG   sing N N 202 
LYS CB  HB2  sing N N 203 
LYS CB  HB3  sing N N 204 
LYS CG  CD   sing N N 205 
LYS CG  HG2  sing N N 206 
LYS CG  HG3  sing N N 207 
LYS CD  CE   sing N N 208 
LYS CD  HD2  sing N N 209 
LYS CD  HD3  sing N N 210 
LYS CE  NZ   sing N N 211 
LYS CE  HE2  sing N N 212 
LYS CE  HE3  sing N N 213 
LYS NZ  HZ1  sing N N 214 
LYS NZ  HZ2  sing N N 215 
LYS NZ  HZ3  sing N N 216 
LYS OXT HXT  sing N N 217 
MET N   CA   sing N N 218 
MET N   H    sing N N 219 
MET N   H2   sing N N 220 
MET CA  C    sing N N 221 
MET CA  CB   sing N N 222 
MET CA  HA   sing N N 223 
MET C   O    doub N N 224 
MET C   OXT  sing N N 225 
MET CB  CG   sing N N 226 
MET CB  HB2  sing N N 227 
MET CB  HB3  sing N N 228 
MET CG  SD   sing N N 229 
MET CG  HG2  sing N N 230 
MET CG  HG3  sing N N 231 
MET SD  CE   sing N N 232 
MET CE  HE1  sing N N 233 
MET CE  HE2  sing N N 234 
MET CE  HE3  sing N N 235 
MET OXT HXT  sing N N 236 
PHE N   CA   sing N N 237 
PHE N   H    sing N N 238 
PHE N   H2   sing N N 239 
PHE CA  C    sing N N 240 
PHE CA  CB   sing N N 241 
PHE CA  HA   sing N N 242 
PHE C   O    doub N N 243 
PHE C   OXT  sing N N 244 
PHE CB  CG   sing N N 245 
PHE CB  HB2  sing N N 246 
PHE CB  HB3  sing N N 247 
PHE CG  CD1  doub Y N 248 
PHE CG  CD2  sing Y N 249 
PHE CD1 CE1  sing Y N 250 
PHE CD1 HD1  sing N N 251 
PHE CD2 CE2  doub Y N 252 
PHE CD2 HD2  sing N N 253 
PHE CE1 CZ   doub Y N 254 
PHE CE1 HE1  sing N N 255 
PHE CE2 CZ   sing Y N 256 
PHE CE2 HE2  sing N N 257 
PHE CZ  HZ   sing N N 258 
PHE OXT HXT  sing N N 259 
PRO N   CA   sing N N 260 
PRO N   CD   sing N N 261 
PRO N   H    sing N N 262 
PRO CA  C    sing N N 263 
PRO CA  CB   sing N N 264 
PRO CA  HA   sing N N 265 
PRO C   O    doub N N 266 
PRO C   OXT  sing N N 267 
PRO CB  CG   sing N N 268 
PRO CB  HB2  sing N N 269 
PRO CB  HB3  sing N N 270 
PRO CG  CD   sing N N 271 
PRO CG  HG2  sing N N 272 
PRO CG  HG3  sing N N 273 
PRO CD  HD2  sing N N 274 
PRO CD  HD3  sing N N 275 
PRO OXT HXT  sing N N 276 
SB3 C1  C2   sing N N 277 
SB3 C1  O1   doub N N 278 
SB3 C1  O2   sing N N 279 
SB3 C2  C3   sing N N 280 
SB3 C2  N7   sing N N 281 
SB3 C2  H2   sing N N 282 
SB3 C3  C4   sing N N 283 
SB3 C3  H31  sing N N 284 
SB3 C3  H32  sing N N 285 
SB3 C4  C5   sing N N 286 
SB3 C4  H41  sing N N 287 
SB3 C4  H42  sing N N 288 
SB3 C5  C6   sing N N 289 
SB3 C5  H51  sing N N 290 
SB3 C5  H52  sing N N 291 
SB3 C6  N7   sing N N 292 
SB3 C6  H61  sing N N 293 
SB3 C6  H62  sing N N 294 
SB3 N7  C8   sing N N 295 
SB3 O2  C15  sing N N 296 
SB3 C8  O3   doub N N 297 
SB3 C8  C9   sing N N 298 
SB3 C9  O4   doub N N 299 
SB3 C9  C10  sing N N 300 
SB3 C10 C11  sing N N 301 
SB3 C10 C13  sing N N 302 
SB3 C10 C14  sing N N 303 
SB3 C11 C12  sing N N 304 
SB3 C11 H111 sing N N 305 
SB3 C11 H112 sing N N 306 
SB3 C12 H121 sing N N 307 
SB3 C12 H122 sing N N 308 
SB3 C12 H123 sing N N 309 
SB3 C13 H131 sing N N 310 
SB3 C13 H132 sing N N 311 
SB3 C13 H133 sing N N 312 
SB3 C14 H141 sing N N 313 
SB3 C14 H142 sing N N 314 
SB3 C14 H143 sing N N 315 
SB3 C15 C16  sing N N 316 
SB3 C15 C24  sing N N 317 
SB3 C15 H15  sing N N 318 
SB3 C16 C17  sing N N 319 
SB3 C16 H161 sing N N 320 
SB3 C16 H162 sing N N 321 
SB3 C17 C18  sing N N 322 
SB3 C17 H171 sing N N 323 
SB3 C17 H172 sing N N 324 
SB3 C18 C19  doub Y N 325 
SB3 C18 C23  sing Y N 326 
SB3 C19 C20  sing Y N 327 
SB3 C19 H19  sing N N 328 
SB3 C20 C21  doub Y N 329 
SB3 C20 H20  sing N N 330 
SB3 C21 C22  sing Y N 331 
SB3 C21 H21  sing N N 332 
SB3 C22 C23  doub Y N 333 
SB3 C22 H22  sing N N 334 
SB3 C23 H23  sing N N 335 
SB3 C24 C25  doub Y N 336 
SB3 C24 C29  sing Y N 337 
SB3 C25 C26  sing Y N 338 
SB3 C25 H25  sing N N 339 
SB3 C26 C27  doub Y N 340 
SB3 C26 H26  sing N N 341 
SB3 C27 C28  sing Y N 342 
SB3 C27 H27  sing N N 343 
SB3 C28 C29  doub Y N 344 
SB3 C28 H28  sing N N 345 
SB3 C29 H29  sing N N 346 
SER N   CA   sing N N 347 
SER N   H    sing N N 348 
SER N   H2   sing N N 349 
SER CA  C    sing N N 350 
SER CA  CB   sing N N 351 
SER CA  HA   sing N N 352 
SER C   O    doub N N 353 
SER C   OXT  sing N N 354 
SER CB  OG   sing N N 355 
SER CB  HB2  sing N N 356 
SER CB  HB3  sing N N 357 
SER OG  HG   sing N N 358 
SER OXT HXT  sing N N 359 
THR N   CA   sing N N 360 
THR N   H    sing N N 361 
THR N   H2   sing N N 362 
THR CA  C    sing N N 363 
THR CA  CB   sing N N 364 
THR CA  HA   sing N N 365 
THR C   O    doub N N 366 
THR C   OXT  sing N N 367 
THR CB  OG1  sing N N 368 
THR CB  CG2  sing N N 369 
THR CB  HB   sing N N 370 
THR OG1 HG1  sing N N 371 
THR CG2 HG21 sing N N 372 
THR CG2 HG22 sing N N 373 
THR CG2 HG23 sing N N 374 
THR OXT HXT  sing N N 375 
TRP N   CA   sing N N 376 
TRP N   H    sing N N 377 
TRP N   H2   sing N N 378 
TRP CA  C    sing N N 379 
TRP CA  CB   sing N N 380 
TRP CA  HA   sing N N 381 
TRP C   O    doub N N 382 
TRP C   OXT  sing N N 383 
TRP CB  CG   sing N N 384 
TRP CB  HB2  sing N N 385 
TRP CB  HB3  sing N N 386 
TRP CG  CD1  doub Y N 387 
TRP CG  CD2  sing Y N 388 
TRP CD1 NE1  sing Y N 389 
TRP CD1 HD1  sing N N 390 
TRP CD2 CE2  doub Y N 391 
TRP CD2 CE3  sing Y N 392 
TRP NE1 CE2  sing Y N 393 
TRP NE1 HE1  sing N N 394 
TRP CE2 CZ2  sing Y N 395 
TRP CE3 CZ3  doub Y N 396 
TRP CE3 HE3  sing N N 397 
TRP CZ2 CH2  doub Y N 398 
TRP CZ2 HZ2  sing N N 399 
TRP CZ3 CH2  sing Y N 400 
TRP CZ3 HZ3  sing N N 401 
TRP CH2 HH2  sing N N 402 
TRP OXT HXT  sing N N 403 
TYR N   CA   sing N N 404 
TYR N   H    sing N N 405 
TYR N   H2   sing N N 406 
TYR CA  C    sing N N 407 
TYR CA  CB   sing N N 408 
TYR CA  HA   sing N N 409 
TYR C   O    doub N N 410 
TYR C   OXT  sing N N 411 
TYR CB  CG   sing N N 412 
TYR CB  HB2  sing N N 413 
TYR CB  HB3  sing N N 414 
TYR CG  CD1  doub Y N 415 
TYR CG  CD2  sing Y N 416 
TYR CD1 CE1  sing Y N 417 
TYR CD1 HD1  sing N N 418 
TYR CD2 CE2  doub Y N 419 
TYR CD2 HD2  sing N N 420 
TYR CE1 CZ   doub Y N 421 
TYR CE1 HE1  sing N N 422 
TYR CE2 CZ   sing Y N 423 
TYR CE2 HE2  sing N N 424 
TYR CZ  OH   sing N N 425 
TYR OH  HH   sing N N 426 
TYR OXT HXT  sing N N 427 
VAL N   CA   sing N N 428 
VAL N   H    sing N N 429 
VAL N   H2   sing N N 430 
VAL CA  C    sing N N 431 
VAL CA  CB   sing N N 432 
VAL CA  HA   sing N N 433 
VAL C   O    doub N N 434 
VAL C   OXT  sing N N 435 
VAL CB  CG1  sing N N 436 
VAL CB  CG2  sing N N 437 
VAL CB  HB   sing N N 438 
VAL CG1 HG11 sing N N 439 
VAL CG1 HG12 sing N N 440 
VAL CG1 HG13 sing N N 441 
VAL CG2 HG21 sing N N 442 
VAL CG2 HG22 sing N N 443 
VAL CG2 HG23 sing N N 444 
VAL OXT HXT  sing N N 445 
# 
_atom_sites.entry_id                    1FKG 
_atom_sites.fract_transf_matrix[1][1]   -0.02797111 
_atom_sites.fract_transf_matrix[1][2]   -0.01442135 
_atom_sites.fract_transf_matrix[1][3]   0.00369384 
_atom_sites.fract_transf_matrix[2][1]   0.01052293 
_atom_sites.fract_transf_matrix[2][2]   -0.01792163 
_atom_sites.fract_transf_matrix[2][3]   0.00971456 
_atom_sites.fract_transf_matrix[3][1]   -0.00131975 
_atom_sites.fract_transf_matrix[3][2]   0.00554701 
_atom_sites.fract_transf_matrix[3][3]   0.01166281 
_atom_sites.fract_transf_vector[1]      -0.767848 
_atom_sites.fract_transf_vector[2]      0.481980 
_atom_sites.fract_transf_vector[3]      0.003885 
# 
loop_
_atom_type.symbol 
C 
H 
N 
O 
S 
# 
loop_
_atom_site.group_PDB 
_atom_site.id 
_atom_site.type_symbol 
_atom_site.label_atom_id 
_atom_site.label_alt_id 
_atom_site.label_comp_id 
_atom_site.label_asym_id 
_atom_site.label_entity_id 
_atom_site.label_seq_id 
_atom_site.pdbx_PDB_ins_code 
_atom_site.Cartn_x 
_atom_site.Cartn_y 
_atom_site.Cartn_z 
_atom_site.occupancy 
_atom_site.B_iso_or_equiv 
_atom_site.pdbx_formal_charge 
_atom_site.auth_seq_id 
_atom_site.auth_comp_id 
_atom_site.auth_asym_id 
_atom_site.auth_atom_id 
_atom_site.pdbx_PDB_model_num 
ATOM   1    N N    . GLY A 1 1   ? -10.798 4.446   7.071   1.00 6.24  ? 1   GLY A N    1 
ATOM   2    C CA   . GLY A 1 1   ? -10.830 3.545   5.928   1.00 5.48  ? 1   GLY A CA   1 
ATOM   3    C C    . GLY A 1 1   ? -9.559  3.827   5.133   1.00 6.33  ? 1   GLY A C    1 
ATOM   4    O O    . GLY A 1 1   ? -8.625  4.394   5.701   1.00 5.75  ? 1   GLY A O    1 
ATOM   5    H H1   . GLY A 1 1   ? -9.880  4.343   7.562   1.00 5.90  ? 1   GLY A H1   1 
ATOM   6    H H2   . GLY A 1 1   ? -10.827 5.406   6.681   1.00 5.92  ? 1   GLY A H2   1 
ATOM   7    H H3   . GLY A 1 1   ? -11.599 4.286   7.705   1.00 6.13  ? 1   GLY A H3   1 
ATOM   8    N N    . VAL A 1 2   ? -9.559  3.456   3.849   1.00 5.47  ? 2   VAL A N    1 
ATOM   9    C CA   . VAL A 1 2   ? -8.483  3.706   2.896   1.00 4.13  ? 2   VAL A CA   1 
ATOM   10   C C    . VAL A 1 2   ? -9.235  4.374   1.748   1.00 4.43  ? 2   VAL A C    1 
ATOM   11   O O    . VAL A 1 2   ? -10.407 4.100   1.462   1.00 5.81  ? 2   VAL A O    1 
ATOM   12   C CB   . VAL A 1 2   ? -7.811  2.337   2.535   1.00 3.49  ? 2   VAL A CB   1 
ATOM   13   C CG1  . VAL A 1 2   ? -8.845  1.293   2.156   1.00 4.13  ? 2   VAL A CG1  1 
ATOM   14   C CG2  . VAL A 1 2   ? -6.865  2.523   1.348   1.00 6.35  ? 2   VAL A CG2  1 
ATOM   15   H H    . VAL A 1 2   ? -10.373 3.076   3.452   1.00 5.34  ? 2   VAL A H    1 
ATOM   16   N N    . GLN A 1 3   ? -8.603  5.337   1.143   1.00 4.31  ? 3   GLN A N    1 
ATOM   17   C CA   . GLN A 1 3   ? -9.116  6.083   0.017   1.00 5.50  ? 3   GLN A CA   1 
ATOM   18   C C    . GLN A 1 3   ? -8.117  5.745   -1.099  1.00 5.28  ? 3   GLN A C    1 
ATOM   19   O O    . GLN A 1 3   ? -6.913  5.863   -0.867  1.00 5.22  ? 3   GLN A O    1 
ATOM   20   C CB   . GLN A 1 3   ? -9.032  7.492   0.413   1.00 7.13  ? 3   GLN A CB   1 
ATOM   21   C CG   . GLN A 1 3   ? -9.273  8.493   -0.659  1.00 11.82 ? 3   GLN A CG   1 
ATOM   22   C CD   . GLN A 1 3   ? -9.061  9.845   -0.022  1.00 15.85 ? 3   GLN A CD   1 
ATOM   23   O OE1  . GLN A 1 3   ? -9.695  10.122  1.002   1.00 16.98 ? 3   GLN A OE1  1 
ATOM   24   N NE2  . GLN A 1 3   ? -8.180  10.689  -0.546  1.00 16.20 ? 3   GLN A NE2  1 
ATOM   25   H H    . GLN A 1 3   ? -7.705  5.568   1.467   1.00 3.59  ? 3   GLN A H    1 
ATOM   26   H HE21 . GLN A 1 3   ? -8.068  11.545  -0.085  1.00 13.97 ? 3   GLN A HE21 1 
ATOM   27   H HE22 . GLN A 1 3   ? -7.689  10.421  -1.341  1.00 13.82 ? 3   GLN A HE22 1 
ATOM   28   N N    . VAL A 1 4   ? -8.562  5.339   -2.276  1.00 5.58  ? 4   VAL A N    1 
ATOM   29   C CA   . VAL A 1 4   ? -7.708  4.904   -3.381  1.00 3.08  ? 4   VAL A CA   1 
ATOM   30   C C    . VAL A 1 4   ? -7.844  6.039   -4.416  1.00 3.85  ? 4   VAL A C    1 
ATOM   31   O O    . VAL A 1 4   ? -8.963  6.379   -4.841  1.00 2.22  ? 4   VAL A O    1 
ATOM   32   C CB   . VAL A 1 4   ? -8.251  3.524   -3.960  1.00 2.68  ? 4   VAL A CB   1 
ATOM   33   C CG1  . VAL A 1 4   ? -7.415  3.166   -5.186  1.00 2.05  ? 4   VAL A CG1  1 
ATOM   34   C CG2  . VAL A 1 4   ? -8.204  2.354   -2.929  1.00 2.28  ? 4   VAL A CG2  1 
ATOM   35   H H    . VAL A 1 4   ? -9.522  5.390   -2.464  1.00 6.60  ? 4   VAL A H    1 
ATOM   36   N N    . GLU A 1 5   ? -6.785  6.756   -4.758  1.00 2.00  ? 5   GLU A N    1 
ATOM   37   C CA   . GLU A 1 5   ? -6.875  7.798   -5.772  1.00 3.34  ? 5   GLU A CA   1 
ATOM   38   C C    . GLU A 1 5   ? -5.908  7.368   -6.857  1.00 2.00  ? 5   GLU A C    1 
ATOM   39   O O    . GLU A 1 5   ? -4.742  7.092   -6.572  1.00 2.94  ? 5   GLU A O    1 
ATOM   40   C CB   . GLU A 1 5   ? -6.449  9.162   -5.217  1.00 5.96  ? 5   GLU A CB   1 
ATOM   41   C CG   . GLU A 1 5   ? -7.026  9.420   -3.785  1.00 12.28 ? 5   GLU A CG   1 
ATOM   42   C CD   . GLU A 1 5   ? -5.956  9.786   -2.735  1.00 12.80 ? 5   GLU A CD   1 
ATOM   43   O OE1  . GLU A 1 5   ? -5.564  10.955  -2.787  1.00 11.78 ? 5   GLU A OE1  1 
ATOM   44   O OE2  . GLU A 1 5   ? -5.543  8.942   -1.896  1.00 10.77 ? 5   GLU A OE2  1 
ATOM   45   H H    . GLU A 1 5   ? -5.915  6.570   -4.344  1.00 2.01  ? 5   GLU A H    1 
ATOM   46   N N    . THR A 1 6   ? -6.316  7.233   -8.104  1.00 2.69  ? 6   THR A N    1 
ATOM   47   C CA   . THR A 1 6   ? -5.436  6.777   -9.179  1.00 2.32  ? 6   THR A CA   1 
ATOM   48   C C    . THR A 1 6   ? -4.420  7.820   -9.701  1.00 2.06  ? 6   THR A C    1 
ATOM   49   O O    . THR A 1 6   ? -4.716  9.005   -9.852  1.00 2.01  ? 6   THR A O    1 
ATOM   50   C CB   . THR A 1 6   ? -6.379  6.278   -10.289 1.00 3.24  ? 6   THR A CB   1 
ATOM   51   O OG1  . THR A 1 6   ? -7.241  5.295   -9.686  1.00 2.71  ? 6   THR A OG1  1 
ATOM   52   C CG2  . THR A 1 6   ? -5.623  5.787   -11.508 1.00 2.00  ? 6   THR A CG2  1 
ATOM   53   H H    . THR A 1 6   ? -7.262  7.348   -8.327  1.00 3.29  ? 6   THR A H    1 
ATOM   54   H HG1  . THR A 1 6   ? -6.848  4.408   -9.743  1.00 3.33  ? 6   THR A HG1  1 
ATOM   55   N N    . ILE A 1 7   ? -3.199  7.371   -9.978  1.00 2.06  ? 7   ILE A N    1 
ATOM   56   C CA   . ILE A 1 7   ? -2.128  8.133   -10.636 1.00 3.36  ? 7   ILE A CA   1 
ATOM   57   C C    . ILE A 1 7   ? -2.105  7.647   -12.105 1.00 3.28  ? 7   ILE A C    1 
ATOM   58   O O    . ILE A 1 7   ? -2.198  8.456   -13.032 1.00 2.33  ? 7   ILE A O    1 
ATOM   59   C CB   . ILE A 1 7   ? -0.767  7.849   -9.912  1.00 2.81  ? 7   ILE A CB   1 
ATOM   60   C CG1  . ILE A 1 7   ? -0.925  8.355   -8.474  1.00 2.08  ? 7   ILE A CG1  1 
ATOM   61   C CG2  . ILE A 1 7   ? 0.454   8.535   -10.585 1.00 2.00  ? 7   ILE A CG2  1 
ATOM   62   C CD1  . ILE A 1 7   ? 0.255   8.055   -7.533  1.00 4.79  ? 7   ILE A CD1  1 
ATOM   63   H H    . ILE A 1 7   ? -3.027  6.459   -9.703  1.00 2.01  ? 7   ILE A H    1 
ATOM   64   N N    . SER A 1 8   ? -2.032  6.337   -12.375 1.00 2.13  ? 8   SER A N    1 
ATOM   65   C CA   . SER A 1 8   ? -2.061  5.815   -13.735 1.00 5.82  ? 8   SER A CA   1 
ATOM   66   C C    . SER A 1 8   ? -2.945  4.569   -13.699 1.00 3.98  ? 8   SER A C    1 
ATOM   67   O O    . SER A 1 8   ? -2.915  3.810   -12.715 1.00 2.39  ? 8   SER A O    1 
ATOM   68   C CB   . SER A 1 8   ? -0.684  5.379   -14.228 1.00 4.18  ? 8   SER A CB   1 
ATOM   69   O OG   . SER A 1 8   ? 0.183   6.499   -14.068 1.00 11.59 ? 8   SER A OG   1 
ATOM   70   H H    . SER A 1 8   ? -2.065  5.679   -11.651 1.00 3.45  ? 8   SER A H    1 
ATOM   71   H HG   . SER A 1 8   ? 0.349   6.586   -13.126 1.00 9.67  ? 8   SER A HG   1 
ATOM   72   N N    . PRO A 1 9   ? -3.786  4.386   -14.711 1.00 4.08  ? 9   PRO A N    1 
ATOM   73   C CA   . PRO A 1 9   ? -4.749  3.281   -14.776 1.00 2.14  ? 9   PRO A CA   1 
ATOM   74   C C    . PRO A 1 9   ? -4.065  1.933   -14.934 1.00 2.33  ? 9   PRO A C    1 
ATOM   75   O O    . PRO A 1 9   ? -2.959  1.868   -15.475 1.00 2.00  ? 9   PRO A O    1 
ATOM   76   C CB   . PRO A 1 9   ? -5.621  3.620   -15.941 1.00 2.10  ? 9   PRO A CB   1 
ATOM   77   C CG   . PRO A 1 9   ? -5.393  5.086   -16.157 1.00 4.55  ? 9   PRO A CG   1 
ATOM   78   C CD   . PRO A 1 9   ? -3.933  5.298   -15.840 1.00 3.80  ? 9   PRO A CD   1 
ATOM   79   N N    . GLY A 1 10  ? -4.757  0.893   -14.490 1.00 2.00  ? 10  GLY A N    1 
ATOM   80   C CA   . GLY A 1 10  ? -4.335  -0.490  -14.620 1.00 2.00  ? 10  GLY A CA   1 
ATOM   81   C C    . GLY A 1 10  ? -5.066  -1.130  -15.810 1.00 2.00  ? 10  GLY A C    1 
ATOM   82   O O    . GLY A 1 10  ? -5.616  -0.416  -16.650 1.00 2.00  ? 10  GLY A O    1 
ATOM   83   H H    . GLY A 1 10  ? -5.672  1.068   -14.185 1.00 2.41  ? 10  GLY A H    1 
ATOM   84   N N    . ASP A 1 11  ? -5.170  -2.447  -15.956 1.00 2.00  ? 11  ASP A N    1 
ATOM   85   C CA   . ASP A 1 11  ? -5.844  -2.977  -17.151 1.00 2.83  ? 11  ASP A CA   1 
ATOM   86   C C    . ASP A 1 11  ? -7.370  -3.001  -17.022 1.00 2.73  ? 11  ASP A C    1 
ATOM   87   O O    . ASP A 1 11  ? -8.109  -3.350  -17.954 1.00 2.14  ? 11  ASP A O    1 
ATOM   88   C CB   . ASP A 1 11  ? -5.338  -4.402  -17.472 1.00 2.14  ? 11  ASP A CB   1 
ATOM   89   C CG   . ASP A 1 11  ? -5.693  -5.483  -16.463 1.00 2.06  ? 11  ASP A CG   1 
ATOM   90   O OD1  . ASP A 1 11  ? -6.217  -5.203  -15.399 1.00 3.24  ? 11  ASP A OD1  1 
ATOM   91   O OD2  . ASP A 1 11  ? -5.448  -6.635  -16.759 1.00 2.43  ? 11  ASP A OD2  1 
ATOM   92   H H    . ASP A 1 11  ? -4.673  -3.031  -15.348 1.00 2.01  ? 11  ASP A H    1 
ATOM   93   N N    . GLY A 1 12  ? -7.856  -2.728  -15.804 1.00 2.91  ? 12  GLY A N    1 
ATOM   94   C CA   . GLY A 1 12  ? -9.297  -2.766  -15.541 1.00 3.38  ? 12  GLY A CA   1 
ATOM   95   C C    . GLY A 1 12  ? -9.870  -4.157  -15.491 1.00 2.10  ? 12  GLY A C    1 
ATOM   96   O O    . GLY A 1 12  ? -11.083 -4.267  -15.450 1.00 2.19  ? 12  GLY A O    1 
ATOM   97   H H    . GLY A 1 12  ? -7.245  -2.397  -15.116 1.00 3.46  ? 12  GLY A H    1 
ATOM   98   N N    . ARG A 1 13  ? -9.106  -5.248  -15.482 1.00 3.67  ? 13  ARG A N    1 
ATOM   99   C CA   . ARG A 1 13  ? -9.700  -6.581  -15.464 1.00 3.74  ? 13  ARG A CA   1 
ATOM   100  C C    . ARG A 1 13  ? -9.005  -7.568  -14.513 1.00 2.30  ? 13  ARG A C    1 
ATOM   101  O O    . ARG A 1 13  ? -9.611  -8.572  -14.108 1.00 2.00  ? 13  ARG A O    1 
ATOM   102  C CB   . ARG A 1 13  ? -9.671  -7.205  -16.889 1.00 8.46  ? 13  ARG A CB   1 
ATOM   103  C CG   . ARG A 1 13  ? -9.865  -6.273  -18.097 1.00 13.37 ? 13  ARG A CG   1 
ATOM   104  C CD   . ARG A 1 13  ? -9.722  -6.916  -19.481 1.00 17.99 ? 13  ARG A CD   1 
ATOM   105  N NE   . ARG A 1 13  ? -11.009 -7.505  -19.866 1.00 23.58 ? 13  ARG A NE   1 
ATOM   106  C CZ   . ARG A 1 13  ? -11.809 -6.922  -20.789 1.00 25.35 ? 13  ARG A CZ   1 
ATOM   107  N NH1  . ARG A 1 13  ? -11.441 -5.802  -21.436 1.00 26.59 ? 13  ARG A NH1  1 
ATOM   108  N NH2  . ARG A 1 13  ? -12.979 -7.495  -21.094 1.00 25.67 ? 13  ARG A NH2  1 
ATOM   109  H H    . ARG A 1 13  ? -8.174  -5.138  -15.699 1.00 2.03  ? 13  ARG A H    1 
ATOM   110  H HE   . ARG A 1 13  ? -11.294 -8.345  -19.452 1.00 23.27 ? 13  ARG A HE   1 
ATOM   111  H HH11 . ARG A 1 13  ? -10.561 -5.369  -21.240 1.00 26.62 ? 13  ARG A HH11 1 
ATOM   112  H HH12 . ARG A 1 13  ? -12.060 -5.391  -22.104 1.00 26.68 ? 13  ARG A HH12 1 
ATOM   113  H HH21 . ARG A 1 13  ? -13.250 -8.346  -20.641 1.00 25.36 ? 13  ARG A HH21 1 
ATOM   114  H HH22 . ARG A 1 13  ? -13.585 -7.075  -21.768 1.00 25.39 ? 13  ARG A HH22 1 
ATOM   115  N N    . THR A 1 14  ? -7.711  -7.418  -14.200 1.00 2.21  ? 14  THR A N    1 
ATOM   116  C CA   . THR A 1 14  ? -6.964  -8.378  -13.363 1.00 2.87  ? 14  THR A CA   1 
ATOM   117  C C    . THR A 1 14  ? -6.747  -7.784  -11.976 1.00 3.02  ? 14  THR A C    1 
ATOM   118  O O    . THR A 1 14  ? -5.844  -6.957  -11.781 1.00 2.00  ? 14  THR A O    1 
ATOM   119  C CB   . THR A 1 14  ? -5.576  -8.705  -14.010 1.00 2.06  ? 14  THR A CB   1 
ATOM   120  O OG1  . THR A 1 14  ? -5.887  -8.837  -15.382 1.00 2.22  ? 14  THR A OG1  1 
ATOM   121  C CG2  . THR A 1 14  ? -4.873  -9.978  -13.591 1.00 2.06  ? 14  THR A CG2  1 
ATOM   122  H H    . THR A 1 14  ? -7.197  -6.714  -14.610 1.00 2.14  ? 14  THR A H    1 
ATOM   123  H HG1  . THR A 1 14  ? -6.561  -9.518  -15.484 1.00 2.02  ? 14  THR A HG1  1 
ATOM   124  N N    . PHE A 1 15  ? -7.681  -8.133  -11.074 1.00 2.37  ? 15  PHE A N    1 
ATOM   125  C CA   . PHE A 1 15  ? -7.645  -7.658  -9.684  1.00 3.88  ? 15  PHE A CA   1 
ATOM   126  C C    . PHE A 1 15  ? -7.164  -8.788  -8.762  1.00 2.49  ? 15  PHE A C    1 
ATOM   127  O O    . PHE A 1 15  ? -7.422  -9.974  -9.063  1.00 3.42  ? 15  PHE A O    1 
ATOM   128  C CB   . PHE A 1 15  ? -9.021  -7.191  -9.272  1.00 2.61  ? 15  PHE A CB   1 
ATOM   129  C CG   . PHE A 1 15  ? -9.557  -6.018  -10.098 1.00 4.70  ? 15  PHE A CG   1 
ATOM   130  C CD1  . PHE A 1 15  ? -9.269  -4.727  -9.722  1.00 2.42  ? 15  PHE A CD1  1 
ATOM   131  C CD2  . PHE A 1 15  ? -10.346 -6.244  -11.230 1.00 3.62  ? 15  PHE A CD2  1 
ATOM   132  C CE1  . PHE A 1 15  ? -9.755  -3.669  -10.457 1.00 4.21  ? 15  PHE A CE1  1 
ATOM   133  C CE2  . PHE A 1 15  ? -10.821 -5.163  -11.942 1.00 2.04  ? 15  PHE A CE2  1 
ATOM   134  C CZ   . PHE A 1 15  ? -10.529 -3.888  -11.556 1.00 3.90  ? 15  PHE A CZ   1 
ATOM   135  H H    . PHE A 1 15  ? -8.365  -8.795  -11.309 1.00 3.62  ? 15  PHE A H    1 
ATOM   136  N N    . PRO A 1 16  ? -6.367  -8.505  -7.725  1.00 2.05  ? 16  PRO A N    1 
ATOM   137  C CA   . PRO A 1 16  ? -5.771  -9.538  -6.884  1.00 2.01  ? 16  PRO A CA   1 
ATOM   138  C C    . PRO A 1 16  ? -6.835  -10.239 -6.064  1.00 2.69  ? 16  PRO A C    1 
ATOM   139  O O    . PRO A 1 16  ? -7.828  -9.641  -5.641  1.00 2.00  ? 16  PRO A O    1 
ATOM   140  C CB   . PRO A 1 16  ? -4.735  -8.789  -6.047  1.00 2.17  ? 16  PRO A CB   1 
ATOM   141  C CG   . PRO A 1 16  ? -5.120  -7.306  -6.133  1.00 2.94  ? 16  PRO A CG   1 
ATOM   142  C CD   . PRO A 1 16  ? -5.725  -7.200  -7.499  1.00 2.00  ? 16  PRO A CD   1 
ATOM   143  N N    . LYS A 1 17  ? -6.587  -11.511 -5.846  1.00 2.05  ? 17  LYS A N    1 
ATOM   144  C CA   . LYS A 1 17  ? -7.492  -12.377 -5.126  1.00 2.82  ? 17  LYS A CA   1 
ATOM   145  C C    . LYS A 1 17  ? -6.731  -12.927 -3.943  1.00 2.65  ? 17  LYS A C    1 
ATOM   146  O O    . LYS A 1 17  ? -5.496  -12.989 -3.976  1.00 2.00  ? 17  LYS A O    1 
ATOM   147  C CB   . LYS A 1 17  ? -7.931  -13.524 -6.065  1.00 6.99  ? 17  LYS A CB   1 
ATOM   148  C CG   . LYS A 1 17  ? -8.622  -12.988 -7.320  1.00 10.61 ? 17  LYS A CG   1 
ATOM   149  C CD   . LYS A 1 17  ? -10.075 -12.724 -6.943  1.00 14.13 ? 17  LYS A CD   1 
ATOM   150  C CE   . LYS A 1 17  ? -10.704 -11.422 -7.467  1.00 14.97 ? 17  LYS A CE   1 
ATOM   151  N NZ   . LYS A 1 17  ? -10.587 -10.352 -6.485  1.00 15.96 ? 17  LYS A NZ   1 
ATOM   152  H H    . LYS A 1 17  ? -5.769  -11.907 -6.213  1.00 2.27  ? 17  LYS A H    1 
ATOM   153  H HZ1  . LYS A 1 17  ? -9.583  -10.205 -6.263  1.00 15.01 ? 17  LYS A HZ1  1 
ATOM   154  H HZ2  . LYS A 1 17  ? -10.991 -9.477  -6.875  1.00 15.10 ? 17  LYS A HZ2  1 
ATOM   155  H HZ3  . LYS A 1 17  ? -11.098 -10.620 -5.620  1.00 14.84 ? 17  LYS A HZ3  1 
ATOM   156  N N    . ARG A 1 18  ? -7.455  -13.335 -2.898  1.00 3.00  ? 18  ARG A N    1 
ATOM   157  C CA   . ARG A 1 18  ? -6.881  -13.986 -1.741  1.00 3.17  ? 18  ARG A CA   1 
ATOM   158  C C    . ARG A 1 18  ? -5.993  -15.196 -2.113  1.00 4.58  ? 18  ARG A C    1 
ATOM   159  O O    . ARG A 1 18  ? -6.339  -16.105 -2.886  1.00 4.56  ? 18  ARG A O    1 
ATOM   160  C CB   . ARG A 1 18  ? -7.975  -14.472 -0.804  1.00 2.35  ? 18  ARG A CB   1 
ATOM   161  C CG   . ARG A 1 18  ? -7.419  -14.705 0.602   1.00 4.98  ? 18  ARG A CG   1 
ATOM   162  C CD   . ARG A 1 18  ? -8.301  -15.525 1.544   1.00 7.29  ? 18  ARG A CD   1 
ATOM   163  N NE   . ARG A 1 18  ? -8.820  -16.725 0.896   1.00 11.65 ? 18  ARG A NE   1 
ATOM   164  C CZ   . ARG A 1 18  ? -9.461  -17.758 1.498   1.00 11.69 ? 18  ARG A CZ   1 
ATOM   165  N NH1  . ARG A 1 18  ? -9.683  -17.837 2.833   1.00 8.81  ? 18  ARG A NH1  1 
ATOM   166  N NH2  . ARG A 1 18  ? -9.863  -18.741 0.681   1.00 11.68 ? 18  ARG A NH2  1 
ATOM   167  H H    . ARG A 1 18  ? -8.426  -13.234 -2.938  1.00 3.86  ? 18  ARG A H    1 
ATOM   168  H HE   . ARG A 1 18  ? -8.700  -16.807 -0.073  1.00 10.00 ? 18  ARG A HE   1 
ATOM   169  H HH11 . ARG A 1 18  ? -9.363  -17.107 3.437   1.00 9.67  ? 18  ARG A HH11 1 
ATOM   170  H HH12 . ARG A 1 18  ? -10.160 -18.629 3.214   1.00 10.04 ? 18  ARG A HH12 1 
ATOM   171  H HH21 . ARG A 1 18  ? -9.689  -18.677 -0.302  1.00 11.02 ? 18  ARG A HH21 1 
ATOM   172  H HH22 . ARG A 1 18  ? -10.342 -19.536 1.053   1.00 11.30 ? 18  ARG A HH22 1 
ATOM   173  N N    . GLY A 1 19  ? -4.800  -15.223 -1.560  1.00 3.63  ? 19  GLY A N    1 
ATOM   174  C CA   . GLY A 1 19  ? -3.886  -16.269 -1.863  1.00 3.22  ? 19  GLY A CA   1 
ATOM   175  C C    . GLY A 1 19  ? -2.916  -15.900 -2.965  1.00 2.00  ? 19  GLY A C    1 
ATOM   176  O O    . GLY A 1 19  ? -1.908  -16.600 -3.120  1.00 2.09  ? 19  GLY A O    1 
ATOM   177  H H    . GLY A 1 19  ? -4.518  -14.494 -0.977  1.00 3.72  ? 19  GLY A H    1 
ATOM   178  N N    . GLN A 1 20  ? -3.142  -14.849 -3.712  1.00 2.68  ? 20  GLN A N    1 
ATOM   179  C CA   . GLN A 1 20  ? -2.170  -14.412 -4.702  1.00 2.00  ? 20  GLN A CA   1 
ATOM   180  C C    . GLN A 1 20  ? -1.122  -13.501 -4.113  1.00 2.70  ? 20  GLN A C    1 
ATOM   181  O O    . GLN A 1 20  ? -1.401  -12.762 -3.144  1.00 2.45  ? 20  GLN A O    1 
ATOM   182  C CB   . GLN A 1 20  ? -2.830  -13.654 -5.846  1.00 3.16  ? 20  GLN A CB   1 
ATOM   183  C CG   . GLN A 1 20  ? -3.745  -14.576 -6.710  1.00 2.12  ? 20  GLN A CG   1 
ATOM   184  C CD   . GLN A 1 20  ? -4.298  -13.861 -7.939  1.00 4.98  ? 20  GLN A CD   1 
ATOM   185  O OE1  . GLN A 1 20  ? -5.016  -12.867 -7.865  1.00 5.90  ? 20  GLN A OE1  1 
ATOM   186  N NE2  . GLN A 1 20  ? -3.933  -14.283 -9.139  1.00 4.69  ? 20  GLN A NE2  1 
ATOM   187  H H    . GLN A 1 20  ? -3.957  -14.316 -3.588  1.00 2.07  ? 20  GLN A H    1 
ATOM   188  H HE21 . GLN A 1 20  ? -4.339  -13.826 -9.902  1.00 4.86  ? 20  GLN A HE21 1 
ATOM   189  H HE22 . GLN A 1 20  ? -3.283  -15.016 -9.198  1.00 4.72  ? 20  GLN A HE22 1 
ATOM   190  N N    . THR A 1 21  ? 0.068   -13.579 -4.702  1.00 2.00  ? 21  THR A N    1 
ATOM   191  C CA   . THR A 1 21  ? 1.161   -12.684 -4.340  1.00 2.11  ? 21  THR A CA   1 
ATOM   192  C C    . THR A 1 21  ? 1.155   -11.401 -5.192  1.00 3.07  ? 21  THR A C    1 
ATOM   193  O O    . THR A 1 21  ? 1.203   -11.442 -6.440  1.00 2.00  ? 21  THR A O    1 
ATOM   194  C CB   . THR A 1 21  ? 2.502   -13.413 -4.503  1.00 2.03  ? 21  THR A CB   1 
ATOM   195  O OG1  . THR A 1 21  ? 2.450   -14.495 -3.542  1.00 2.00  ? 21  THR A OG1  1 
ATOM   196  C CG2  . THR A 1 21  ? 3.743   -12.521 -4.286  1.00 2.03  ? 21  THR A CG2  1 
ATOM   197  H H    . THR A 1 21  ? 0.214   -14.210 -5.444  1.00 2.00  ? 21  THR A H    1 
ATOM   198  H HG1  . THR A 1 21  ? 2.042   -15.225 -4.032  1.00 3.09  ? 21  THR A HG1  1 
ATOM   199  N N    . CYS A 1 22  ? 1.032   -10.252 -4.517  1.00 2.00  ? 22  CYS A N    1 
ATOM   200  C CA   . CYS A 1 22  ? 1.087   -8.953  -5.170  1.00 2.88  ? 22  CYS A CA   1 
ATOM   201  C C    . CYS A 1 22  ? 2.512   -8.414  -5.133  1.00 2.00  ? 22  CYS A C    1 
ATOM   202  O O    . CYS A 1 22  ? 3.185   -8.393  -4.105  1.00 4.11  ? 22  CYS A O    1 
ATOM   203  C CB   . CYS A 1 22  ? 0.171   -7.950  -4.486  1.00 2.17  ? 22  CYS A CB   1 
ATOM   204  S SG   . CYS A 1 22  ? -1.538  -8.491  -4.306  1.00 3.26  ? 22  CYS A SG   1 
ATOM   205  H H    . CYS A 1 22  ? 0.910   -10.280 -3.547  1.00 2.79  ? 22  CYS A H    1 
ATOM   206  N N    . VAL A 1 23  ? 2.988   -7.973  -6.276  1.00 2.00  ? 23  VAL A N    1 
ATOM   207  C CA   . VAL A 1 23  ? 4.369   -7.537  -6.456  1.00 2.00  ? 23  VAL A CA   1 
ATOM   208  C C    . VAL A 1 23  ? 4.193   -6.054  -6.681  1.00 2.00  ? 23  VAL A C    1 
ATOM   209  O O    . VAL A 1 23  ? 3.600   -5.651  -7.701  1.00 2.00  ? 23  VAL A O    1 
ATOM   210  C CB   . VAL A 1 23  ? 4.998   -8.266  -7.716  1.00 2.16  ? 23  VAL A CB   1 
ATOM   211  C CG1  . VAL A 1 23  ? 6.473   -7.894  -7.884  1.00 2.10  ? 23  VAL A CG1  1 
ATOM   212  C CG2  . VAL A 1 23  ? 4.851   -9.780  -7.571  1.00 2.02  ? 23  VAL A CG2  1 
ATOM   213  H H    . VAL A 1 23  ? 2.403   -7.955  -7.064  1.00 2.01  ? 23  VAL A H    1 
ATOM   214  N N    . VAL A 1 24  ? 4.627   -5.208  -5.743  1.00 2.00  ? 24  VAL A N    1 
ATOM   215  C CA   . VAL A 1 24  ? 4.323   -3.796  -5.847  1.00 2.26  ? 24  VAL A CA   1 
ATOM   216  C C    . VAL A 1 24  ? 5.558   -2.929  -5.689  1.00 2.04  ? 24  VAL A C    1 
ATOM   217  O O    . VAL A 1 24  ? 6.553   -3.317  -5.060  1.00 2.00  ? 24  VAL A O    1 
ATOM   218  C CB   . VAL A 1 24  ? 3.276   -3.303  -4.754  1.00 2.63  ? 24  VAL A CB   1 
ATOM   219  C CG1  . VAL A 1 24  ? 1.969   -4.085  -4.839  1.00 3.59  ? 24  VAL A CG1  1 
ATOM   220  C CG2  . VAL A 1 24  ? 3.868   -3.475  -3.333  1.00 2.08  ? 24  VAL A CG2  1 
ATOM   221  H H    . VAL A 1 24  ? 5.160   -5.534  -4.984  1.00 2.34  ? 24  VAL A H    1 
ATOM   222  N N    . HIS A 1 25  ? 5.526   -1.728  -6.261  1.00 3.13  ? 25  HIS A N    1 
ATOM   223  C CA   . HIS A 1 25  ? 6.528   -0.776  -5.847  1.00 2.12  ? 25  HIS A CA   1 
ATOM   224  C C    . HIS A 1 25  ? 5.799   0.205   -4.956  1.00 2.04  ? 25  HIS A C    1 
ATOM   225  O O    . HIS A 1 25  ? 4.627   0.469   -5.227  1.00 2.00  ? 25  HIS A O    1 
ATOM   226  C CB   . HIS A 1 25  ? 7.183   -0.050  -7.051  1.00 2.00  ? 25  HIS A CB   1 
ATOM   227  C CG   . HIS A 1 25  ? 8.645   -0.498  -7.181  1.00 2.20  ? 25  HIS A CG   1 
ATOM   228  N ND1  . HIS A 1 25  ? 9.499   -0.860  -6.237  1.00 2.09  ? 25  HIS A ND1  1 
ATOM   229  C CD2  . HIS A 1 25  ? 9.319   -0.668  -8.361  1.00 2.98  ? 25  HIS A CD2  1 
ATOM   230  C CE1  . HIS A 1 25  ? 10.629  -1.238  -6.764  1.00 2.00  ? 25  HIS A CE1  1 
ATOM   231  N NE2  . HIS A 1 25  ? 10.507  -1.121  -8.048  1.00 2.07  ? 25  HIS A NE2  1 
ATOM   232  H H    . HIS A 1 25  ? 4.754   -1.461  -6.807  1.00 2.03  ? 25  HIS A H    1 
ATOM   233  H HD1  . HIS A 1 25  ? 9.357   -0.796  -5.268  1.00 2.44  ? 25  HIS A HD1  1 
ATOM   234  H HE2  . HIS A 1 25  ? 11.194  -1.369  -8.704  1.00 3.14  ? 25  HIS A HE2  1 
ATOM   235  N N    . TYR A 1 26  ? 6.429   0.756   -3.898  1.00 2.18  ? 26  TYR A N    1 
ATOM   236  C CA   . TYR A 1 26  ? 5.731   1.710   -3.058  1.00 2.00  ? 26  TYR A CA   1 
ATOM   237  C C    . TYR A 1 26  ? 6.672   2.795   -2.518  1.00 2.55  ? 26  TYR A C    1 
ATOM   238  O O    . TYR A 1 26  ? 7.888   2.550   -2.436  1.00 2.00  ? 26  TYR A O    1 
ATOM   239  C CB   . TYR A 1 26  ? 5.031   0.960   -1.877  1.00 2.00  ? 26  TYR A CB   1 
ATOM   240  C CG   . TYR A 1 26  ? 5.922   0.404   -0.777  1.00 2.00  ? 26  TYR A CG   1 
ATOM   241  C CD1  . TYR A 1 26  ? 6.288   1.240   0.283   1.00 2.38  ? 26  TYR A CD1  1 
ATOM   242  C CD2  . TYR A 1 26  ? 6.421   -0.888  -0.828  1.00 2.00  ? 26  TYR A CD2  1 
ATOM   243  C CE1  . TYR A 1 26  ? 7.143   0.777   1.269   1.00 2.00  ? 26  TYR A CE1  1 
ATOM   244  C CE2  . TYR A 1 26  ? 7.292   -1.356  0.161   1.00 2.00  ? 26  TYR A CE2  1 
ATOM   245  C CZ   . TYR A 1 26  ? 7.646   -0.515  1.204   1.00 2.12  ? 26  TYR A CZ   1 
ATOM   246  O OH   . TYR A 1 26  ? 8.498   -0.957  2.198   1.00 2.00  ? 26  TYR A OH   1 
ATOM   247  H H    . TYR A 1 26  ? 7.385   0.634   -3.724  1.00 2.02  ? 26  TYR A H    1 
ATOM   248  H HH   . TYR A 1 26  ? 8.858   -1.820  1.967   1.00 3.28  ? 26  TYR A HH   1 
ATOM   249  N N    . THR A 1 27  ? 6.102   3.952   -2.171  1.00 2.38  ? 27  THR A N    1 
ATOM   250  C CA   . THR A 1 27  ? 6.775   4.995   -1.399  1.00 2.63  ? 27  THR A CA   1 
ATOM   251  C C    . THR A 1 27  ? 5.734   5.372   -0.356  1.00 2.34  ? 27  THR A C    1 
ATOM   252  O O    . THR A 1 27  ? 4.584   5.655   -0.695  1.00 2.79  ? 27  THR A O    1 
ATOM   253  C CB   . THR A 1 27  ? 7.097   6.236   -2.197  1.00 2.00  ? 27  THR A CB   1 
ATOM   254  O OG1  . THR A 1 27  ? 7.979   5.844   -3.245  1.00 2.75  ? 27  THR A OG1  1 
ATOM   255  C CG2  . THR A 1 27  ? 7.742   7.290   -1.322  1.00 4.47  ? 27  THR A CG2  1 
ATOM   256  H H    . THR A 1 27  ? 5.173   4.111   -2.443  1.00 2.85  ? 27  THR A H    1 
ATOM   257  H HG1  . THR A 1 27  ? 8.010   6.545   -3.905  1.00 2.90  ? 27  THR A HG1  1 
ATOM   258  N N    . GLY A 1 28  ? 6.059   5.248   0.910   1.00 3.41  ? 28  GLY A N    1 
ATOM   259  C CA   . GLY A 1 28  ? 5.167   5.594   2.026   1.00 2.19  ? 28  GLY A CA   1 
ATOM   260  C C    . GLY A 1 28  ? 5.567   6.946   2.584   1.00 2.29  ? 28  GLY A C    1 
ATOM   261  O O    . GLY A 1 28  ? 6.739   7.177   2.881   1.00 2.51  ? 28  GLY A O    1 
ATOM   262  H H    . GLY A 1 28  ? 6.956   4.943   1.140   1.00 4.47  ? 28  GLY A H    1 
ATOM   263  N N    . MET A 1 29  ? 4.571   7.802   2.764   1.00 2.00  ? 29  MET A N    1 
ATOM   264  C CA   . MET A 1 29  ? 4.702   9.159   3.280   1.00 2.53  ? 29  MET A CA   1 
ATOM   265  C C    . MET A 1 29  ? 3.658   9.419   4.375   1.00 3.85  ? 29  MET A C    1 
ATOM   266  O O    . MET A 1 29  ? 2.620   8.757   4.548   1.00 5.17  ? 29  MET A O    1 
ATOM   267  C CB   . MET A 1 29  ? 4.493   10.198  2.175   1.00 2.36  ? 29  MET A CB   1 
ATOM   268  C CG   . MET A 1 29  ? 5.530   10.112  1.100   1.00 3.29  ? 29  MET A CG   1 
ATOM   269  S SD   . MET A 1 29  ? 4.932   10.843  -0.440  1.00 18.22 ? 29  MET A SD   1 
ATOM   270  C CE   . MET A 1 29  ? 3.914   9.505   -1.003  1.00 4.93  ? 29  MET A CE   1 
ATOM   271  H H    . MET A 1 29  ? 3.662   7.488   2.614   1.00 2.04  ? 29  MET A H    1 
ATOM   272  N N    . LEU A 1 30  ? 4.074   10.324  5.240   1.00 5.61  ? 30  LEU A N    1 
ATOM   273  C CA   . LEU A 1 30  ? 3.273   10.900  6.291   1.00 2.23  ? 30  LEU A CA   1 
ATOM   274  C C    . LEU A 1 30  ? 2.424   11.990  5.640   1.00 2.28  ? 30  LEU A C    1 
ATOM   275  O O    . LEU A 1 30  ? 2.766   12.470  4.554   1.00 2.13  ? 30  LEU A O    1 
ATOM   276  C CB   . LEU A 1 30  ? 4.266   11.444  7.304   1.00 3.44  ? 30  LEU A CB   1 
ATOM   277  C CG   . LEU A 1 30  ? 4.548   10.800  8.668   1.00 5.20  ? 30  LEU A CG   1 
ATOM   278  C CD1  . LEU A 1 30  ? 4.081   9.359   8.744   1.00 5.93  ? 30  LEU A CD1  1 
ATOM   279  C CD2  . LEU A 1 30  ? 6.006   10.970  8.939   1.00 5.88  ? 30  LEU A CD2  1 
ATOM   280  H H    . LEU A 1 30  ? 5.002   10.621  5.134   1.00 4.17  ? 30  LEU A H    1 
ATOM   281  N N    . GLU A 1 31  ? 1.354   12.530  6.239   1.00 2.00  ? 31  GLU A N    1 
ATOM   282  C CA   . GLU A 1 31  ? 0.555   13.574  5.603   1.00 3.38  ? 31  GLU A CA   1 
ATOM   283  C C    . GLU A 1 31  ? 1.261   14.852  5.197   1.00 2.24  ? 31  GLU A C    1 
ATOM   284  O O    . GLU A 1 31  ? 0.815   15.612  4.351   1.00 2.51  ? 31  GLU A O    1 
ATOM   285  C CB   . GLU A 1 31  ? -0.570  13.963  6.512   1.00 6.39  ? 31  GLU A CB   1 
ATOM   286  C CG   . GLU A 1 31  ? -1.714  13.002  6.396   1.00 8.67  ? 31  GLU A CG   1 
ATOM   287  C CD   . GLU A 1 31  ? -2.922  13.588  7.119   1.00 12.33 ? 31  GLU A CD   1 
ATOM   288  O OE1  . GLU A 1 31  ? -2.830  13.775  8.352   1.00 11.11 ? 31  GLU A OE1  1 
ATOM   289  O OE2  . GLU A 1 31  ? -3.924  13.849  6.431   1.00 11.97 ? 31  GLU A OE2  1 
ATOM   290  H H    . GLU A 1 31  ? 1.053   12.141  7.084   1.00 2.52  ? 31  GLU A H    1 
ATOM   291  N N    . ASP A 1 32  ? 2.411   15.134  5.789   1.00 2.28  ? 32  ASP A N    1 
ATOM   292  C CA   . ASP A 1 32  ? 3.159   16.319  5.412   1.00 2.22  ? 32  ASP A CA   1 
ATOM   293  C C    . ASP A 1 32  ? 4.122   16.099  4.240   1.00 2.02  ? 32  ASP A C    1 
ATOM   294  O O    . ASP A 1 32  ? 4.927   17.010  3.995   1.00 3.63  ? 32  ASP A O    1 
ATOM   295  C CB   . ASP A 1 32  ? 3.941   16.813  6.643   1.00 2.07  ? 32  ASP A CB   1 
ATOM   296  C CG   . ASP A 1 32  ? 5.013   15.887  7.189   1.00 4.69  ? 32  ASP A CG   1 
ATOM   297  O OD1  . ASP A 1 32  ? 5.152   14.768  6.710   1.00 3.24  ? 32  ASP A OD1  1 
ATOM   298  O OD2  . ASP A 1 32  ? 5.733   16.301  8.100   1.00 7.19  ? 32  ASP A OD2  1 
ATOM   299  H H    . ASP A 1 32  ? 2.743   14.542  6.488   1.00 2.08  ? 32  ASP A H    1 
ATOM   300  N N    . GLY A 1 33  ? 4.120   14.905  3.600   1.00 2.80  ? 33  GLY A N    1 
ATOM   301  C CA   . GLY A 1 33  ? 4.983   14.604  2.466   1.00 3.15  ? 33  GLY A CA   1 
ATOM   302  C C    . GLY A 1 33  ? 6.278   13.893  2.851   1.00 5.33  ? 33  GLY A C    1 
ATOM   303  O O    . GLY A 1 33  ? 7.056   13.398  2.041   1.00 6.47  ? 33  GLY A O    1 
ATOM   304  H H    . GLY A 1 33  ? 3.477   14.213  3.863   1.00 2.05  ? 33  GLY A H    1 
ATOM   305  N N    . LYS A 1 34  ? 6.607   13.799  4.118   1.00 6.33  ? 34  LYS A N    1 
ATOM   306  C CA   . LYS A 1 34  ? 7.826   13.156  4.533   1.00 8.80  ? 34  LYS A CA   1 
ATOM   307  C C    . LYS A 1 34  ? 7.776   11.660  4.222   1.00 8.23  ? 34  LYS A C    1 
ATOM   308  O O    . LYS A 1 34  ? 6.901   10.942  4.695   1.00 5.74  ? 34  LYS A O    1 
ATOM   309  C CB   . LYS A 1 34  ? 7.993   13.407  6.026   1.00 10.07 ? 34  LYS A CB   1 
ATOM   310  C CG   . LYS A 1 34  ? 9.437   13.369  6.397   1.00 12.70 ? 34  LYS A CG   1 
ATOM   311  C CD   . LYS A 1 34  ? 9.906   12.025  6.918   1.00 16.34 ? 34  LYS A CD   1 
ATOM   312  C CE   . LYS A 1 34  ? 9.382   11.840  8.335   1.00 21.18 ? 34  LYS A CE   1 
ATOM   313  N NZ   . LYS A 1 34  ? 9.985   12.796  9.256   1.00 21.86 ? 34  LYS A NZ   1 
ATOM   314  H H    . LYS A 1 34  ? 5.999   14.170  4.777   1.00 7.95  ? 34  LYS A H    1 
ATOM   315  H HZ1  . LYS A 1 34  ? 11.019  12.702  9.225   1.00 21.83 ? 34  LYS A HZ1  1 
ATOM   316  H HZ2  . LYS A 1 34  ? 9.714   13.761  8.981   1.00 22.00 ? 34  LYS A HZ2  1 
ATOM   317  H HZ3  . LYS A 1 34  ? 9.647   12.600  10.220  1.00 21.81 ? 34  LYS A HZ3  1 
ATOM   318  N N    . LYS A 1 35  ? 8.767   11.202  3.476   1.00 7.56  ? 35  LYS A N    1 
ATOM   319  C CA   . LYS A 1 35  ? 8.913   9.822   3.084   1.00 8.04  ? 35  LYS A CA   1 
ATOM   320  C C    . LYS A 1 35  ? 9.462   9.075   4.266   1.00 5.68  ? 35  LYS A C    1 
ATOM   321  O O    . LYS A 1 35  ? 10.464  9.497   4.864   1.00 6.91  ? 35  LYS A O    1 
ATOM   322  C CB   . LYS A 1 35  ? 9.897   9.733   1.917   1.00 8.72  ? 35  LYS A CB   1 
ATOM   323  C CG   . LYS A 1 35  ? 10.081  8.400   1.184   1.00 12.44 ? 35  LYS A CG   1 
ATOM   324  C CD   . LYS A 1 35  ? 11.158  8.475   0.085   1.00 14.32 ? 35  LYS A CD   1 
ATOM   325  C CE   . LYS A 1 35  ? 12.580  8.716   0.652   1.00 15.27 ? 35  LYS A CE   1 
ATOM   326  N NZ   . LYS A 1 35  ? 13.589  8.861   -0.396  1.00 16.18 ? 35  LYS A NZ   1 
ATOM   327  H H    . LYS A 1 35  ? 9.456   11.832  3.197   1.00 9.94  ? 35  LYS A H    1 
ATOM   328  H HZ1  . LYS A 1 35  ? 13.603  8.012   -0.996  1.00 15.49 ? 35  LYS A HZ1  1 
ATOM   329  H HZ2  . LYS A 1 35  ? 13.354  9.689   -0.980  1.00 15.70 ? 35  LYS A HZ2  1 
ATOM   330  H HZ3  . LYS A 1 35  ? 14.526  8.999   0.036   1.00 15.71 ? 35  LYS A HZ3  1 
ATOM   331  N N    . PHE A 1 36  ? 8.859   7.958   4.619   1.00 3.94  ? 36  PHE A N    1 
ATOM   332  C CA   . PHE A 1 36  ? 9.444   7.140   5.671   1.00 2.69  ? 36  PHE A CA   1 
ATOM   333  C C    . PHE A 1 36  ? 10.058  5.865   5.089   1.00 2.19  ? 36  PHE A C    1 
ATOM   334  O O    . PHE A 1 36  ? 10.841  5.189   5.765   1.00 2.00  ? 36  PHE A O    1 
ATOM   335  C CB   . PHE A 1 36  ? 8.388   6.806   6.742   1.00 2.10  ? 36  PHE A CB   1 
ATOM   336  C CG   . PHE A 1 36  ? 7.054   6.207   6.314   1.00 4.03  ? 36  PHE A CG   1 
ATOM   337  C CD1  . PHE A 1 36  ? 6.938   4.831   6.103   1.00 2.64  ? 36  PHE A CD1  1 
ATOM   338  C CD2  . PHE A 1 36  ? 5.942   7.043   6.210   1.00 5.73  ? 36  PHE A CD2  1 
ATOM   339  C CE1  . PHE A 1 36  ? 5.699   4.300   5.796   1.00 2.73  ? 36  PHE A CE1  1 
ATOM   340  C CE2  . PHE A 1 36  ? 4.711   6.484   5.903   1.00 4.29  ? 36  PHE A CE2  1 
ATOM   341  C CZ   . PHE A 1 36  ? 4.587   5.119   5.698   1.00 3.77  ? 36  PHE A CZ   1 
ATOM   342  H H    . PHE A 1 36  ? 8.021   7.700   4.188   1.00 5.56  ? 36  PHE A H    1 
ATOM   343  N N    . ASP A 1 37  ? 9.687   5.484   3.866   1.00 3.41  ? 37  ASP A N    1 
ATOM   344  C CA   . ASP A 1 37  ? 10.286  4.304   3.215   1.00 2.12  ? 37  ASP A CA   1 
ATOM   345  C C    . ASP A 1 37  ? 9.823   4.198   1.774   1.00 2.45  ? 37  ASP A C    1 
ATOM   346  O O    . ASP A 1 37  ? 8.772   4.741   1.465   1.00 2.93  ? 37  ASP A O    1 
ATOM   347  C CB   . ASP A 1 37  ? 9.907   2.966   3.885   1.00 2.05  ? 37  ASP A CB   1 
ATOM   348  C CG   . ASP A 1 37  ? 10.833  1.837   3.405   1.00 2.59  ? 37  ASP A CG   1 
ATOM   349  O OD1  . ASP A 1 37  ? 12.047  2.003   3.446   1.00 6.13  ? 37  ASP A OD1  1 
ATOM   350  O OD2  . ASP A 1 37  ? 10.377  0.809   2.941   1.00 2.00  ? 37  ASP A OD2  1 
ATOM   351  H H    . ASP A 1 37  ? 8.968   5.958   3.397   1.00 2.63  ? 37  ASP A H    1 
ATOM   352  N N    . SER A 1 38  ? 10.604  3.534   0.908   1.00 2.00  ? 38  SER A N    1 
ATOM   353  C CA   . SER A 1 38  ? 10.293  3.341   -0.514  1.00 2.93  ? 38  SER A CA   1 
ATOM   354  C C    . SER A 1 38  ? 11.067  2.157   -1.069  1.00 2.00  ? 38  SER A C    1 
ATOM   355  O O    . SER A 1 38  ? 12.282  2.072   -0.870  1.00 2.00  ? 38  SER A O    1 
ATOM   356  C CB   . SER A 1 38  ? 10.662  4.581   -1.352  1.00 2.08  ? 38  SER A CB   1 
ATOM   357  O OG   . SER A 1 38  ? 10.293  4.366   -2.706  1.00 2.00  ? 38  SER A OG   1 
ATOM   358  H H    . SER A 1 38  ? 11.445  3.139   1.222   1.00 2.27  ? 38  SER A H    1 
ATOM   359  H HG   . SER A 1 38  ? 9.347   4.584   -2.806  1.00 2.02  ? 38  SER A HG   1 
ATOM   360  N N    . SER A 1 39  ? 10.379  1.212   -1.722  1.00 2.00  ? 39  SER A N    1 
ATOM   361  C CA   . SER A 1 39  ? 11.091  0.107   -2.366  1.00 2.30  ? 39  SER A CA   1 
ATOM   362  C C    . SER A 1 39  ? 11.734  0.613   -3.659  1.00 2.10  ? 39  SER A C    1 
ATOM   363  O O    . SER A 1 39  ? 12.653  -0.014  -4.201  1.00 2.00  ? 39  SER A O    1 
ATOM   364  C CB   . SER A 1 39  ? 10.148  -1.047  -2.694  1.00 2.05  ? 39  SER A CB   1 
ATOM   365  O OG   . SER A 1 39  ? 9.030   -0.613  -3.458  1.00 2.24  ? 39  SER A OG   1 
ATOM   366  H H    . SER A 1 39  ? 9.411   1.311   -1.840  1.00 2.20  ? 39  SER A H    1 
ATOM   367  H HG   . SER A 1 39  ? 8.355   -1.265  -3.208  1.00 2.41  ? 39  SER A HG   1 
ATOM   368  N N    . ARG A 1 40  ? 11.214  1.737   -4.179  1.00 2.24  ? 40  ARG A N    1 
ATOM   369  C CA   . ARG A 1 40  ? 11.736  2.332   -5.385  1.00 2.47  ? 40  ARG A CA   1 
ATOM   370  C C    . ARG A 1 40  ? 13.186  2.762   -5.076  1.00 4.47  ? 40  ARG A C    1 
ATOM   371  O O    . ARG A 1 40  ? 14.063  2.524   -5.896  1.00 3.23  ? 40  ARG A O    1 
ATOM   372  C CB   . ARG A 1 40  ? 10.873  3.542   -5.836  1.00 2.21  ? 40  ARG A CB   1 
ATOM   373  C CG   . ARG A 1 40  ? 9.448   3.157   -6.294  1.00 3.48  ? 40  ARG A CG   1 
ATOM   374  C CD   . ARG A 1 40  ? 8.612   4.278   -6.972  1.00 6.38  ? 40  ARG A CD   1 
ATOM   375  N NE   . ARG A 1 40  ? 7.225   3.882   -7.285  1.00 9.98  ? 40  ARG A NE   1 
ATOM   376  C CZ   . ARG A 1 40  ? 6.188   4.093   -6.432  1.00 10.55 ? 40  ARG A CZ   1 
ATOM   377  N NH1  . ARG A 1 40  ? 6.370   4.683   -5.243  1.00 10.41 ? 40  ARG A NH1  1 
ATOM   378  N NH2  . ARG A 1 40  ? 4.924   3.703   -6.740  1.00 10.02 ? 40  ARG A NH2  1 
ATOM   379  H H    . ARG A 1 40  ? 10.527  2.233   -3.680  1.00 2.70  ? 40  ARG A H    1 
ATOM   380  H HE   . ARG A 1 40  ? 7.040   3.447   -8.144  1.00 9.12  ? 40  ARG A HE   1 
ATOM   381  H HH11 . ARG A 1 40  ? 7.283   4.979   -4.963  1.00 9.84  ? 40  ARG A HH11 1 
ATOM   382  H HH12 . ARG A 1 40  ? 5.589   4.823   -4.634  1.00 9.66  ? 40  ARG A HH12 1 
ATOM   383  H HH21 . ARG A 1 40  ? 4.740   3.243   -7.608  1.00 9.30  ? 40  ARG A HH21 1 
ATOM   384  H HH22 . ARG A 1 40  ? 4.181   3.870   -6.093  1.00 9.29  ? 40  ARG A HH22 1 
ATOM   385  N N    . ASP A 1 41  ? 13.504  3.244   -3.875  1.00 5.39  ? 41  ASP A N    1 
ATOM   386  C CA   . ASP A 1 41  ? 14.888  3.576   -3.526  1.00 4.46  ? 41  ASP A CA   1 
ATOM   387  C C    . ASP A 1 41  ? 15.749  2.310   -3.446  1.00 4.66  ? 41  ASP A C    1 
ATOM   388  O O    . ASP A 1 41  ? 16.958  2.381   -3.674  1.00 5.88  ? 41  ASP A O    1 
ATOM   389  C CB   . ASP A 1 41  ? 14.942  4.326   -2.155  1.00 4.98  ? 41  ASP A CB   1 
ATOM   390  C CG   . ASP A 1 41  ? 14.206  5.659   -2.120  1.00 5.60  ? 41  ASP A CG   1 
ATOM   391  O OD1  . ASP A 1 41  ? 14.117  6.378   -3.116  1.00 7.25  ? 41  ASP A OD1  1 
ATOM   392  O OD2  . ASP A 1 41  ? 13.679  5.972   -1.050  1.00 8.02  ? 41  ASP A OD2  1 
ATOM   393  H H    . ASP A 1 41  ? 12.783  3.424   -3.236  1.00 4.86  ? 41  ASP A H    1 
ATOM   394  N N    . ARG A 1 42  ? 15.182  1.147   -3.114  1.00 6.18  ? 42  ARG A N    1 
ATOM   395  C CA   . ARG A 1 42  ? 15.959  -0.080  -3.110  1.00 6.28  ? 42  ARG A CA   1 
ATOM   396  C C    . ARG A 1 42  ? 15.958  -0.778  -4.478  1.00 6.35  ? 42  ARG A C    1 
ATOM   397  O O    . ARG A 1 42  ? 16.737  -1.707  -4.734  1.00 4.86  ? 42  ARG A O    1 
ATOM   398  C CB   . ARG A 1 42  ? 15.431  -1.063  -2.101  1.00 6.80  ? 42  ARG A CB   1 
ATOM   399  C CG   . ARG A 1 42  ? 15.228  -0.433  -0.746  1.00 8.27  ? 42  ARG A CG   1 
ATOM   400  C CD   . ARG A 1 42  ? 14.816  -1.494  0.266   1.00 6.41  ? 42  ARG A CD   1 
ATOM   401  N NE   . ARG A 1 42  ? 13.481  -2.049  0.244   1.00 9.14  ? 42  ARG A NE   1 
ATOM   402  C CZ   . ARG A 1 42  ? 12.453  -1.459  0.868   1.00 9.65  ? 42  ARG A CZ   1 
ATOM   403  N NH1  . ARG A 1 42  ? 12.614  -0.268  1.453   1.00 10.21 ? 42  ARG A NH1  1 
ATOM   404  N NH2  . ARG A 1 42  ? 11.246  -2.018  0.840   1.00 8.82  ? 42  ARG A NH2  1 
ATOM   405  H H    . ARG A 1 42  ? 14.235  1.117   -2.882  1.00 5.95  ? 42  ARG A H    1 
ATOM   406  H HE   . ARG A 1 42  ? 13.322  -2.884  -0.243  1.00 8.37  ? 42  ARG A HE   1 
ATOM   407  H HH11 . ARG A 1 42  ? 13.498  0.198   1.430   1.00 11.55 ? 42  ARG A HH11 1 
ATOM   408  H HH12 . ARG A 1 42  ? 11.842  0.166   1.908   1.00 11.45 ? 42  ARG A HH12 1 
ATOM   409  H HH21 . ARG A 1 42  ? 11.105  -2.878  0.350   1.00 10.86 ? 42  ARG A HH21 1 
ATOM   410  H HH22 . ARG A 1 42  ? 10.479  -1.576  1.307   1.00 11.23 ? 42  ARG A HH22 1 
ATOM   411  N N    . ASN A 1 43  ? 15.104  -0.303  -5.395  1.00 9.32  ? 43  ASN A N    1 
ATOM   412  C CA   . ASN A 1 43  ? 14.967  -0.840  -6.734  1.00 9.05  ? 43  ASN A CA   1 
ATOM   413  C C    . ASN A 1 43  ? 14.634  -2.339  -6.694  1.00 10.05 ? 43  ASN A C    1 
ATOM   414  O O    . ASN A 1 43  ? 15.037  -3.134  -7.517  1.00 6.95  ? 43  ASN A O    1 
ATOM   415  C CB   . ASN A 1 43  ? 16.262  -0.548  -7.455  1.00 11.21 ? 43  ASN A CB   1 
ATOM   416  C CG   . ASN A 1 43  ? 16.159  -0.863  -8.926  1.00 14.48 ? 43  ASN A CG   1 
ATOM   417  O OD1  . ASN A 1 43  ? 17.035  -1.510  -9.477  1.00 16.38 ? 43  ASN A OD1  1 
ATOM   418  N ND2  . ASN A 1 43  ? 15.183  -0.414  -9.707  1.00 15.17 ? 43  ASN A ND2  1 
ATOM   419  H H    . ASN A 1 43  ? 14.552  0.462   -5.140  1.00 9.13  ? 43  ASN A H    1 
ATOM   420  H HD21 . ASN A 1 43  ? 15.210  -0.742  -10.628 1.00 15.47 ? 43  ASN A HD21 1 
ATOM   421  H HD22 . ASN A 1 43  ? 14.521  0.201   -9.342  1.00 15.62 ? 43  ASN A HD22 1 
ATOM   422  N N    . LYS A 1 44  ? 13.881  -2.800  -5.719  1.00 10.76 ? 44  LYS A N    1 
ATOM   423  C CA   . LYS A 1 44  ? 13.489  -4.195  -5.640  1.00 10.17 ? 44  LYS A CA   1 
ATOM   424  C C    . LYS A 1 44  ? 12.025  -4.141  -5.183  1.00 8.67  ? 44  LYS A C    1 
ATOM   425  O O    . LYS A 1 44  ? 11.729  -3.436  -4.198  1.00 7.64  ? 44  LYS A O    1 
ATOM   426  C CB   . LYS A 1 44  ? 14.432  -4.893  -4.634  1.00 13.81 ? 44  LYS A CB   1 
ATOM   427  C CG   . LYS A 1 44  ? 14.255  -6.424  -4.535  1.00 15.25 ? 44  LYS A CG   1 
ATOM   428  C CD   . LYS A 1 44  ? 15.262  -7.001  -3.540  1.00 17.60 ? 44  LYS A CD   1 
ATOM   429  C CE   . LYS A 1 44  ? 14.917  -8.451  -3.129  1.00 19.28 ? 44  LYS A CE   1 
ATOM   430  N NZ   . LYS A 1 44  ? 13.727  -8.515  -2.291  1.00 20.21 ? 44  LYS A NZ   1 
ATOM   431  H H    . LYS A 1 44  ? 13.603  -2.207  -4.987  1.00 8.97  ? 44  LYS A H    1 
ATOM   432  H HZ1  . LYS A 1 44  ? 12.919  -8.111  -2.807  1.00 19.03 ? 44  LYS A HZ1  1 
ATOM   433  H HZ2  . LYS A 1 44  ? 13.521  -9.505  -2.047  1.00 18.95 ? 44  LYS A HZ2  1 
ATOM   434  H HZ3  . LYS A 1 44  ? 13.885  -7.969  -1.421  1.00 18.82 ? 44  LYS A HZ3  1 
ATOM   435  N N    . PRO A 1 45  ? 11.047  -4.679  -5.961  1.00 8.75  ? 45  PRO A N    1 
ATOM   436  C CA   . PRO A 1 45  ? 9.624   -4.665  -5.621  1.00 5.33  ? 45  PRO A CA   1 
ATOM   437  C C    . PRO A 1 45  ? 9.389   -5.377  -4.300  1.00 3.26  ? 45  PRO A C    1 
ATOM   438  O O    . PRO A 1 45  ? 10.139  -6.290  -3.936  1.00 2.00  ? 45  PRO A O    1 
ATOM   439  C CB   . PRO A 1 45  ? 8.890   -5.373  -6.734  1.00 4.54  ? 45  PRO A CB   1 
ATOM   440  C CG   . PRO A 1 45  ? 9.881   -5.343  -7.864  1.00 6.86  ? 45  PRO A CG   1 
ATOM   441  C CD   . PRO A 1 45  ? 11.245  -5.454  -7.191  1.00 6.96  ? 45  PRO A CD   1 
ATOM   442  N N    . PHE A 1 46  ? 8.327   -4.973  -3.601  1.00 3.06  ? 46  PHE A N    1 
ATOM   443  C CA   . PHE A 1 46  ? 8.006   -5.620  -2.352  1.00 2.08  ? 46  PHE A CA   1 
ATOM   444  C C    . PHE A 1 46  ? 6.960   -6.678  -2.669  1.00 2.00  ? 46  PHE A C    1 
ATOM   445  O O    . PHE A 1 46  ? 6.037   -6.388  -3.424  1.00 2.00  ? 46  PHE A O    1 
ATOM   446  C CB   . PHE A 1 46  ? 7.462   -4.559  -1.394  1.00 2.00  ? 46  PHE A CB   1 
ATOM   447  C CG   . PHE A 1 46  ? 6.976   -5.090  -0.073  1.00 2.33  ? 46  PHE A CG   1 
ATOM   448  C CD1  . PHE A 1 46  ? 7.878   -5.492  0.883   1.00 2.08  ? 46  PHE A CD1  1 
ATOM   449  C CD2  . PHE A 1 46  ? 5.626   -5.169  0.165   1.00 2.08  ? 46  PHE A CD2  1 
ATOM   450  C CE1  . PHE A 1 46  ? 7.416   -5.975  2.085   1.00 4.65  ? 46  PHE A CE1  1 
ATOM   451  C CE2  . PHE A 1 46  ? 5.184   -5.656  1.370   1.00 3.26  ? 46  PHE A CE2  1 
ATOM   452  C CZ   . PHE A 1 46  ? 6.072   -6.064  2.341   1.00 3.32  ? 46  PHE A CZ   1 
ATOM   453  H H    . PHE A 1 46  ? 7.663   -4.381  -3.995  1.00 2.12  ? 46  PHE A H    1 
ATOM   454  N N    . LYS A 1 47  ? 7.026   -7.877  -2.112  1.00 2.00  ? 47  LYS A N    1 
ATOM   455  C CA   . LYS A 1 47  ? 5.995   -8.876  -2.371  1.00 3.08  ? 47  LYS A CA   1 
ATOM   456  C C    . LYS A 1 47  ? 5.156   -9.153  -1.114  1.00 2.74  ? 47  LYS A C    1 
ATOM   457  O O    . LYS A 1 47  ? 5.747   -9.256  -0.028  1.00 2.00  ? 47  LYS A O    1 
ATOM   458  C CB   . LYS A 1 47  ? 6.615   -10.201 -2.788  1.00 2.52  ? 47  LYS A CB   1 
ATOM   459  C CG   . LYS A 1 47  ? 7.290   -10.083 -4.117  1.00 5.16  ? 47  LYS A CG   1 
ATOM   460  C CD   . LYS A 1 47  ? 7.825   -11.412 -4.611  1.00 8.34  ? 47  LYS A CD   1 
ATOM   461  C CE   . LYS A 1 47  ? 8.297   -11.098 -6.020  1.00 8.64  ? 47  LYS A CE   1 
ATOM   462  N NZ   . LYS A 1 47  ? 8.989   -12.230 -6.622  1.00 10.62 ? 47  LYS A NZ   1 
ATOM   463  H H    . LYS A 1 47  ? 7.770   -8.091  -1.506  1.00 2.00  ? 47  LYS A H    1 
ATOM   464  H HZ1  . LYS A 1 47  ? 8.374   -13.068 -6.591  1.00 10.09 ? 47  LYS A HZ1  1 
ATOM   465  H HZ2  . LYS A 1 47  ? 9.220   -12.006 -7.611  1.00 10.08 ? 47  LYS A HZ2  1 
ATOM   466  H HZ3  . LYS A 1 47  ? 9.864   -12.421 -6.093  1.00 9.69  ? 47  LYS A HZ3  1 
ATOM   467  N N    . PHE A 1 48  ? 3.829   -9.261  -1.197  1.00 2.00  ? 48  PHE A N    1 
ATOM   468  C CA   . PHE A 1 48  ? 3.058   -9.754  -0.068  1.00 2.38  ? 48  PHE A CA   1 
ATOM   469  C C    . PHE A 1 48  ? 1.934   -10.609 -0.625  1.00 2.38  ? 48  PHE A C    1 
ATOM   470  O O    . PHE A 1 48  ? 1.496   -10.339 -1.758  1.00 4.31  ? 48  PHE A O    1 
ATOM   471  C CB   . PHE A 1 48  ? 2.465   -8.605  0.767   1.00 2.00  ? 48  PHE A CB   1 
ATOM   472  C CG   . PHE A 1 48  ? 1.294   -7.839  0.152   1.00 2.08  ? 48  PHE A CG   1 
ATOM   473  C CD1  . PHE A 1 48  ? 1.536   -6.832  -0.754  1.00 2.00  ? 48  PHE A CD1  1 
ATOM   474  C CD2  . PHE A 1 48  ? -0.010  -8.137  0.527   1.00 2.00  ? 48  PHE A CD2  1 
ATOM   475  C CE1  . PHE A 1 48  ? 0.481   -6.126  -1.279  1.00 2.00  ? 48  PHE A CE1  1 
ATOM   476  C CE2  . PHE A 1 48  ? -1.074  -7.415  -0.008  1.00 2.00  ? 48  PHE A CE2  1 
ATOM   477  C CZ   . PHE A 1 48  ? -0.821  -6.405  -0.910  1.00 2.20  ? 48  PHE A CZ   1 
ATOM   478  H H    . PHE A 1 48  ? 3.368   -9.058  -2.043  1.00 2.49  ? 48  PHE A H    1 
ATOM   479  N N    . MET A 1 49  ? 1.439   -11.629 0.093   1.00 2.00  ? 49  MET A N    1 
ATOM   480  C CA   . MET A 1 49  ? 0.255   -12.396 -0.300  1.00 2.02  ? 49  MET A CA   1 
ATOM   481  C C    . MET A 1 49  ? -0.993  -11.805 0.323   1.00 2.13  ? 49  MET A C    1 
ATOM   482  O O    . MET A 1 49  ? -1.061  -11.609 1.554   1.00 2.11  ? 49  MET A O    1 
ATOM   483  C CB   . MET A 1 49  ? 0.378   -13.870 0.145   1.00 2.17  ? 49  MET A CB   1 
ATOM   484  C CG   . MET A 1 49  ? -0.901  -14.746 0.148   1.00 2.67  ? 49  MET A CG   1 
ATOM   485  S SD   . MET A 1 49  ? -0.634  -16.528 0.392   1.00 2.56  ? 49  MET A SD   1 
ATOM   486  C CE   . MET A 1 49  ? 0.746   -16.803 -0.643  1.00 2.40  ? 49  MET A CE   1 
ATOM   487  H H    . MET A 1 49  ? 1.860   -11.853 0.941   1.00 2.01  ? 49  MET A H    1 
ATOM   488  N N    . LEU A 1 50  ? -1.950  -11.531 -0.548  1.00 2.73  ? 50  LEU A N    1 
ATOM   489  C CA   . LEU A 1 50  ? -3.235  -11.034 -0.175  1.00 2.85  ? 50  LEU A CA   1 
ATOM   490  C C    . LEU A 1 50  ? -3.971  -12.042 0.685   1.00 3.08  ? 50  LEU A C    1 
ATOM   491  O O    . LEU A 1 50  ? -4.118  -13.202 0.300   1.00 2.26  ? 50  LEU A O    1 
ATOM   492  C CB   . LEU A 1 50  ? -4.168  -10.803 -1.369  1.00 2.20  ? 50  LEU A CB   1 
ATOM   493  C CG   . LEU A 1 50  ? -4.679  -9.478  -1.831  1.00 2.52  ? 50  LEU A CG   1 
ATOM   494  C CD1  . LEU A 1 50  ? -6.031  -9.807  -2.471  1.00 2.96  ? 50  LEU A CD1  1 
ATOM   495  C CD2  . LEU A 1 50  ? -4.889  -8.479  -0.742  1.00 2.66  ? 50  LEU A CD2  1 
ATOM   496  H H    . LEU A 1 50  ? -1.783  -11.737 -1.494  1.00 3.34  ? 50  LEU A H    1 
ATOM   497  N N    . GLY A 1 51  ? -4.486  -11.565 1.828   1.00 2.96  ? 51  GLY A N    1 
ATOM   498  C CA   . GLY A 1 51  ? -5.290  -12.351 2.741   1.00 2.36  ? 51  GLY A CA   1 
ATOM   499  C C    . GLY A 1 51  ? -4.490  -13.086 3.786   1.00 4.78  ? 51  GLY A C    1 
ATOM   500  O O    . GLY A 1 51  ? -5.060  -13.640 4.725   1.00 4.95  ? 51  GLY A O    1 
ATOM   501  H H    . GLY A 1 51  ? -4.311  -10.630 2.046   1.00 3.90  ? 51  GLY A H    1 
ATOM   502  N N    . LYS A 1 52  ? -3.170  -13.027 3.738   1.00 3.99  ? 52  LYS A N    1 
ATOM   503  C CA   . LYS A 1 52  ? -2.371  -13.724 4.706   1.00 4.41  ? 52  LYS A CA   1 
ATOM   504  C C    . LYS A 1 52  ? -2.155  -12.965 6.023   1.00 6.54  ? 52  LYS A C    1 
ATOM   505  O O    . LYS A 1 52  ? -1.532  -13.472 6.944   1.00 6.39  ? 52  LYS A O    1 
ATOM   506  C CB   . LYS A 1 52  ? -1.094  -13.986 4.066   1.00 5.08  ? 52  LYS A CB   1 
ATOM   507  C CG   . LYS A 1 52  ? -0.324  -15.183 4.585   1.00 4.53  ? 52  LYS A CG   1 
ATOM   508  C CD   . LYS A 1 52  ? 0.974   -14.847 3.905   1.00 6.87  ? 52  LYS A CD   1 
ATOM   509  C CE   . LYS A 1 52  ? 1.926   -15.936 3.989   1.00 7.65  ? 52  LYS A CE   1 
ATOM   510  N NZ   . LYS A 1 52  ? 3.233   -15.423 3.630   1.00 10.26 ? 52  LYS A NZ   1 
ATOM   511  H H    . LYS A 1 52  ? -2.726  -12.583 2.985   1.00 5.41  ? 52  LYS A H    1 
ATOM   512  H HZ1  . LYS A 1 52  ? 3.192   -15.023 2.672   1.00 8.80  ? 52  LYS A HZ1  1 
ATOM   513  H HZ2  . LYS A 1 52  ? 3.517   -14.683 4.305   1.00 8.71  ? 52  LYS A HZ2  1 
ATOM   514  H HZ3  . LYS A 1 52  ? 3.924   -16.200 3.652   1.00 8.46  ? 52  LYS A HZ3  1 
ATOM   515  N N    . GLN A 1 53  ? -2.647  -11.738 6.147   1.00 5.52  ? 53  GLN A N    1 
ATOM   516  C CA   . GLN A 1 53  ? -2.524  -10.924 7.352   1.00 7.26  ? 53  GLN A CA   1 
ATOM   517  C C    . GLN A 1 53  ? -1.088  -10.546 7.694   1.00 6.71  ? 53  GLN A C    1 
ATOM   518  O O    . GLN A 1 53  ? -0.678  -10.553 8.858   1.00 7.22  ? 53  GLN A O    1 
ATOM   519  C CB   . GLN A 1 53  ? -3.115  -11.643 8.554   1.00 6.90  ? 53  GLN A CB   1 
ATOM   520  C CG   . GLN A 1 53  ? -4.603  -11.851 8.548   1.00 8.41  ? 53  GLN A CG   1 
ATOM   521  C CD   . GLN A 1 53  ? -4.974  -12.972 9.508   1.00 8.08  ? 53  GLN A CD   1 
ATOM   522  O OE1  . GLN A 1 53  ? -4.479  -13.098 10.630  1.00 7.07  ? 53  GLN A OE1  1 
ATOM   523  N NE2  . GLN A 1 53  ? -5.883  -13.825 9.052   1.00 10.24 ? 53  GLN A NE2  1 
ATOM   524  H H    . GLN A 1 53  ? -3.167  -11.394 5.399   1.00 7.00  ? 53  GLN A H    1 
ATOM   525  H HE21 . GLN A 1 53  ? -6.204  -14.526 9.663   1.00 8.42  ? 53  GLN A HE21 1 
ATOM   526  H HE22 . GLN A 1 53  ? -6.215  -13.721 8.137   1.00 8.33  ? 53  GLN A HE22 1 
ATOM   527  N N    . GLU A 1 54  ? -0.292  -10.227 6.671   1.00 3.31  ? 54  GLU A N    1 
ATOM   528  C CA   . GLU A 1 54  ? 1.066   -9.825  6.937   1.00 4.11  ? 54  GLU A CA   1 
ATOM   529  C C    . GLU A 1 54  ? 1.384   -8.377  6.579   1.00 2.44  ? 54  GLU A C    1 
ATOM   530  O O    . GLU A 1 54  ? 2.518   -7.964  6.736   1.00 2.19  ? 54  GLU A O    1 
ATOM   531  C CB   . GLU A 1 54  ? 2.006   -10.724 6.211   1.00 6.18  ? 54  GLU A CB   1 
ATOM   532  C CG   . GLU A 1 54  ? 1.850   -10.738 4.692   1.00 7.49  ? 54  GLU A CG   1 
ATOM   533  C CD   . GLU A 1 54  ? 2.835   -11.676 4.014   1.00 8.80  ? 54  GLU A CD   1 
ATOM   534  O OE1  . GLU A 1 54  ? 3.604   -12.345 4.712   1.00 10.56 ? 54  GLU A OE1  1 
ATOM   535  O OE2  . GLU A 1 54  ? 2.827   -11.767 2.790   1.00 3.57  ? 54  GLU A OE2  1 
ATOM   536  H H    . GLU A 1 54  ? -0.610  -10.318 5.754   1.00 4.75  ? 54  GLU A H    1 
ATOM   537  N N    . VAL A 1 55  ? 0.423   -7.634  6.055   1.00 2.00  ? 55  VAL A N    1 
ATOM   538  C CA   . VAL A 1 55  ? 0.542   -6.208  5.829   1.00 2.05  ? 55  VAL A CA   1 
ATOM   539  C C    . VAL A 1 55  ? -0.592  -5.508  6.591   1.00 2.45  ? 55  VAL A C    1 
ATOM   540  O O    . VAL A 1 55  ? -1.488  -6.172  7.161   1.00 2.43  ? 55  VAL A O    1 
ATOM   541  C CB   . VAL A 1 55  ? 0.451   -5.857  4.318   1.00 2.04  ? 55  VAL A CB   1 
ATOM   542  C CG1  . VAL A 1 55  ? 1.779   -6.272  3.721   1.00 2.03  ? 55  VAL A CG1  1 
ATOM   543  C CG2  . VAL A 1 55  ? -0.765  -6.499  3.632   1.00 2.00  ? 55  VAL A CG2  1 
ATOM   544  H H    . VAL A 1 55  ? -0.475  -8.007  5.977   1.00 2.34  ? 55  VAL A H    1 
ATOM   545  N N    . ILE A 1 56  ? -0.581  -4.177  6.640   1.00 2.91  ? 56  ILE A N    1 
ATOM   546  C CA   . ILE A 1 56  ? -1.593  -3.450  7.372   1.00 2.47  ? 56  ILE A CA   1 
ATOM   547  C C    . ILE A 1 56  ? -2.933  -3.531  6.625   1.00 2.36  ? 56  ILE A C    1 
ATOM   548  O O    . ILE A 1 56  ? -3.013  -3.669  5.378   1.00 2.00  ? 56  ILE A O    1 
ATOM   549  C CB   . ILE A 1 56  ? -1.162  -1.921  7.618   1.00 4.27  ? 56  ILE A CB   1 
ATOM   550  C CG1  . ILE A 1 56  ? -0.648  -1.228  6.350   1.00 5.57  ? 56  ILE A CG1  1 
ATOM   551  C CG2  . ILE A 1 56  ? -0.068  -1.907  8.692   1.00 3.68  ? 56  ILE A CG2  1 
ATOM   552  C CD1  . ILE A 1 56  ? -0.517  0.318   6.423   1.00 5.31  ? 56  ILE A CD1  1 
ATOM   553  H H    . ILE A 1 56  ? 0.134   -3.704  6.171   1.00 2.73  ? 56  ILE A H    1 
ATOM   554  N N    . ARG A 1 57  ? -4.020  -3.437  7.421   1.00 3.25  ? 57  ARG A N    1 
ATOM   555  C CA   . ARG A 1 57  ? -5.378  -3.578  6.875   1.00 4.24  ? 57  ARG A CA   1 
ATOM   556  C C    . ARG A 1 57  ? -5.708  -2.606  5.745   1.00 2.00  ? 57  ARG A C    1 
ATOM   557  O O    . ARG A 1 57  ? -6.404  -3.000  4.830   1.00 2.00  ? 57  ARG A O    1 
ATOM   558  C CB   . ARG A 1 57  ? -6.410  -3.413  8.035   1.00 6.66  ? 57  ARG A CB   1 
ATOM   559  C CG   . ARG A 1 57  ? -7.850  -3.596  7.582   1.00 10.53 ? 57  ARG A CG   1 
ATOM   560  C CD   . ARG A 1 57  ? -8.905  -3.494  8.685   1.00 14.34 ? 57  ARG A CD   1 
ATOM   561  N NE   . ARG A 1 57  ? -10.183 -3.686  7.988   1.00 15.24 ? 57  ARG A NE   1 
ATOM   562  C CZ   . ARG A 1 57  ? -11.406 -3.540  8.527   1.00 17.74 ? 57  ARG A CZ   1 
ATOM   563  N NH1  . ARG A 1 57  ? -11.622 -3.203  9.810   1.00 18.93 ? 57  ARG A NH1  1 
ATOM   564  N NH2  . ARG A 1 57  ? -12.454 -3.748  7.714   1.00 19.11 ? 57  ARG A NH2  1 
ATOM   565  H H    . ARG A 1 57  ? -3.896  -3.280  8.379   1.00 4.29  ? 57  ARG A H    1 
ATOM   566  H HE   . ARG A 1 57  ? -10.152 -3.929  7.039   1.00 16.13 ? 57  ARG A HE   1 
ATOM   567  H HH11 . ARG A 1 57  ? -10.851 -3.052  10.426  1.00 19.05 ? 57  ARG A HH11 1 
ATOM   568  H HH12 . ARG A 1 57  ? -12.559 -3.116  10.151  1.00 18.94 ? 57  ARG A HH12 1 
ATOM   569  H HH21 . ARG A 1 57  ? -12.302 -3.982  6.754   1.00 19.23 ? 57  ARG A HH21 1 
ATOM   570  H HH22 . ARG A 1 57  ? -13.386 -3.646  8.062   1.00 19.06 ? 57  ARG A HH22 1 
ATOM   571  N N    . GLY A 1 58  ? -5.264  -1.366  5.702   1.00 2.00  ? 58  GLY A N    1 
ATOM   572  C CA   . GLY A 1 58  ? -5.553  -0.485  4.591   1.00 2.00  ? 58  GLY A CA   1 
ATOM   573  C C    . GLY A 1 58  ? -4.883  -0.947  3.286   1.00 2.93  ? 58  GLY A C    1 
ATOM   574  O O    . GLY A 1 58  ? -5.361  -0.572  2.201   1.00 2.06  ? 58  GLY A O    1 
ATOM   575  H H    . GLY A 1 58  ? -4.762  -1.010  6.467   1.00 2.06  ? 58  GLY A H    1 
ATOM   576  N N    . TRP A 1 59  ? -3.788  -1.738  3.366   1.00 2.66  ? 59  TRP A N    1 
ATOM   577  C CA   . TRP A 1 59  ? -3.154  -2.354  2.183   1.00 2.01  ? 59  TRP A CA   1 
ATOM   578  C C    . TRP A 1 59  ? -3.983  -3.536  1.646   1.00 4.56  ? 59  TRP A C    1 
ATOM   579  O O    . TRP A 1 59  ? -4.389  -3.523  0.465   1.00 3.85  ? 59  TRP A O    1 
ATOM   580  C CB   . TRP A 1 59  ? -1.728  -2.837  2.527   1.00 2.42  ? 59  TRP A CB   1 
ATOM   581  C CG   . TRP A 1 59  ? -0.678  -1.807  2.134   1.00 3.74  ? 59  TRP A CG   1 
ATOM   582  C CD1  . TRP A 1 59  ? -0.695  -0.510  2.615   1.00 2.71  ? 59  TRP A CD1  1 
ATOM   583  C CD2  . TRP A 1 59  ? 0.364   -2.022  1.247   1.00 5.38  ? 59  TRP A CD2  1 
ATOM   584  N NE1  . TRP A 1 59  ? 0.327   0.086   2.030   1.00 4.59  ? 59  TRP A NE1  1 
ATOM   585  C CE2  . TRP A 1 59  ? 0.976   -0.774  1.212   1.00 4.49  ? 59  TRP A CE2  1 
ATOM   586  C CE3  . TRP A 1 59  ? 0.841   -3.092  0.494   1.00 4.69  ? 59  TRP A CE3  1 
ATOM   587  C CZ2  . TRP A 1 59  ? 2.082   -0.574  0.419   1.00 6.46  ? 59  TRP A CZ2  1 
ATOM   588  C CZ3  . TRP A 1 59  ? 1.939   -2.885  -0.295  1.00 6.70  ? 59  TRP A CZ3  1 
ATOM   589  C CH2  . TRP A 1 59  ? 2.549   -1.644  -0.330  1.00 7.96  ? 59  TRP A CH2  1 
ATOM   590  H H    . TRP A 1 59  ? -3.433  -1.957  4.251   1.00 2.03  ? 59  TRP A H    1 
ATOM   591  H HE1  . TRP A 1 59  ? 0.581   1.018   2.180   1.00 3.84  ? 59  TRP A HE1  1 
ATOM   592  N N    . GLU A 1 60  ? -4.317  -4.546  2.473   1.00 5.21  ? 60  GLU A N    1 
ATOM   593  C CA   . GLU A 1 60  ? -5.214  -5.654  2.086   1.00 6.47  ? 60  GLU A CA   1 
ATOM   594  C C    . GLU A 1 60  ? -6.468  -5.137  1.367   1.00 6.41  ? 60  GLU A C    1 
ATOM   595  O O    . GLU A 1 60  ? -6.965  -5.675  0.357   1.00 4.95  ? 60  GLU A O    1 
ATOM   596  C CB   . GLU A 1 60  ? -5.752  -6.444  3.306   1.00 8.59  ? 60  GLU A CB   1 
ATOM   597  C CG   . GLU A 1 60  ? -4.758  -7.062  4.294   1.00 12.19 ? 60  GLU A CG   1 
ATOM   598  C CD   . GLU A 1 60  ? -4.167  -8.427  3.921   1.00 14.08 ? 60  GLU A CD   1 
ATOM   599  O OE1  . GLU A 1 60  ? -3.722  -8.595  2.790   1.00 15.05 ? 60  GLU A OE1  1 
ATOM   600  O OE2  . GLU A 1 60  ? -4.133  -9.322  4.766   1.00 12.54 ? 60  GLU A OE2  1 
ATOM   601  H H    . GLU A 1 60  ? -3.958  -4.524  3.386   1.00 5.08  ? 60  GLU A H    1 
ATOM   602  N N    . GLU A 1 61  ? -7.035  -4.073  1.939   1.00 5.65  ? 61  GLU A N    1 
ATOM   603  C CA   . GLU A 1 61  ? -8.232  -3.459  1.380   1.00 6.52  ? 61  GLU A CA   1 
ATOM   604  C C    . GLU A 1 61  ? -7.970  -2.575  0.188   1.00 5.27  ? 61  GLU A C    1 
ATOM   605  O O    . GLU A 1 61  ? -8.775  -2.550  -0.751  1.00 3.77  ? 61  GLU A O    1 
ATOM   606  C CB   . GLU A 1 61  ? -8.928  -2.627  2.448   1.00 9.22  ? 61  GLU A CB   1 
ATOM   607  C CG   . GLU A 1 61  ? -9.274  -3.458  3.695   1.00 14.36 ? 61  GLU A CG   1 
ATOM   608  C CD   . GLU A 1 61  ? -10.764 -3.710  3.891   1.00 19.08 ? 61  GLU A CD   1 
ATOM   609  O OE1  . GLU A 1 61  ? -11.299 -4.572  3.194   1.00 20.27 ? 61  GLU A OE1  1 
ATOM   610  O OE2  . GLU A 1 61  ? -11.379 -3.018  4.709   1.00 17.50 ? 61  GLU A OE2  1 
ATOM   611  H H    . GLU A 1 61  ? -6.670  -3.727  2.781   1.00 4.46  ? 61  GLU A H    1 
ATOM   612  N N    . GLY A 1 62  ? -6.849  -1.859  0.152   1.00 2.00  ? 62  GLY A N    1 
ATOM   613  C CA   . GLY A 1 62  ? -6.636  -0.936  -0.923  1.00 2.02  ? 62  GLY A CA   1 
ATOM   614  C C    . GLY A 1 62  ? -6.063  -1.550  -2.174  1.00 2.26  ? 62  GLY A C    1 
ATOM   615  O O    . GLY A 1 62  ? -6.512  -1.292  -3.308  1.00 4.04  ? 62  GLY A O    1 
ATOM   616  H H    . GLY A 1 62  ? -6.194  -1.919  0.875   1.00 2.01  ? 62  GLY A H    1 
ATOM   617  N N    . VAL A 1 63  ? -5.051  -2.377  -2.009  1.00 2.35  ? 63  VAL A N    1 
ATOM   618  C CA   . VAL A 1 63  ? -4.453  -2.987  -3.159  1.00 3.82  ? 63  VAL A CA   1 
ATOM   619  C C    . VAL A 1 63  ? -5.460  -3.972  -3.802  1.00 3.38  ? 63  VAL A C    1 
ATOM   620  O O    . VAL A 1 63  ? -5.467  -4.141  -5.027  1.00 2.43  ? 63  VAL A O    1 
ATOM   621  C CB   . VAL A 1 63  ? -3.106  -3.638  -2.701  1.00 3.21  ? 63  VAL A CB   1 
ATOM   622  C CG1  . VAL A 1 63  ? -2.499  -4.351  -3.906  1.00 2.73  ? 63  VAL A CG1  1 
ATOM   623  C CG2  . VAL A 1 63  ? -2.045  -2.570  -2.299  1.00 5.35  ? 63  VAL A CG2  1 
ATOM   624  H H    . VAL A 1 63  ? -4.717  -2.568  -1.112  1.00 3.15  ? 63  VAL A H    1 
ATOM   625  N N    . ALA A 1 64  ? -6.411  -4.567  -3.069  1.00 2.32  ? 64  ALA A N    1 
ATOM   626  C CA   . ALA A 1 64  ? -7.407  -5.432  -3.677  1.00 2.00  ? 64  ALA A CA   1 
ATOM   627  C C    . ALA A 1 64  ? -8.311  -4.680  -4.651  1.00 2.06  ? 64  ALA A C    1 
ATOM   628  O O    . ALA A 1 64  ? -8.910  -5.270  -5.548  1.00 3.03  ? 64  ALA A O    1 
ATOM   629  C CB   . ALA A 1 64  ? -8.299  -6.056  -2.640  1.00 2.22  ? 64  ALA A CB   1 
ATOM   630  H H    . ALA A 1 64  ? -6.421  -4.455  -2.096  1.00 3.15  ? 64  ALA A H    1 
ATOM   631  N N    . GLN A 1 65  ? -8.350  -3.346  -4.532  1.00 2.11  ? 65  GLN A N    1 
ATOM   632  C CA   . GLN A 1 65  ? -9.088  -2.508  -5.446  1.00 2.06  ? 65  GLN A CA   1 
ATOM   633  C C    . GLN A 1 65  ? -8.316  -2.170  -6.689  1.00 2.00  ? 65  GLN A C    1 
ATOM   634  O O    . GLN A 1 65  ? -8.844  -1.461  -7.527  1.00 2.00  ? 65  GLN A O    1 
ATOM   635  C CB   . GLN A 1 65  ? -9.487  -1.214  -4.761  1.00 2.23  ? 65  GLN A CB   1 
ATOM   636  C CG   . GLN A 1 65  ? -10.647 -1.512  -3.782  1.00 2.09  ? 65  GLN A CG   1 
ATOM   637  C CD   . GLN A 1 65  ? -10.990 -0.270  -2.960  1.00 3.49  ? 65  GLN A CD   1 
ATOM   638  O OE1  . GLN A 1 65  ? -11.567 0.684   -3.459  1.00 3.09  ? 65  GLN A OE1  1 
ATOM   639  N NE2  . GLN A 1 65  ? -10.598 -0.190  -1.707  1.00 2.33  ? 65  GLN A NE2  1 
ATOM   640  H H    . GLN A 1 65  ? -7.812  -2.905  -3.843  1.00 2.72  ? 65  GLN A H    1 
ATOM   641  H HE21 . GLN A 1 65  ? -10.855 0.617   -1.222  1.00 2.61  ? 65  GLN A HE21 1 
ATOM   642  H HE22 . GLN A 1 65  ? -10.076 -0.933  -1.329  1.00 2.27  ? 65  GLN A HE22 1 
ATOM   643  N N    . MET A 1 66  ? -7.089  -2.632  -6.871  1.00 2.34  ? 66  MET A N    1 
ATOM   644  C CA   . MET A 1 66  ? -6.259  -2.183  -7.970  1.00 2.31  ? 66  MET A CA   1 
ATOM   645  C C    . MET A 1 66  ? -6.140  -3.287  -8.995  1.00 2.15  ? 66  MET A C    1 
ATOM   646  O O    . MET A 1 66  ? -6.105  -4.455  -8.636  1.00 2.00  ? 66  MET A O    1 
ATOM   647  C CB   . MET A 1 66  ? -4.873  -1.832  -7.497  1.00 2.00  ? 66  MET A CB   1 
ATOM   648  C CG   . MET A 1 66  ? -4.903  -0.697  -6.471  1.00 2.45  ? 66  MET A CG   1 
ATOM   649  S SD   . MET A 1 66  ? -3.282  -0.298  -5.757  1.00 3.75  ? 66  MET A SD   1 
ATOM   650  C CE   . MET A 1 66  ? -2.441  0.220   -7.261  1.00 2.08  ? 66  MET A CE   1 
ATOM   651  H H    . MET A 1 66  ? -6.757  -3.378  -6.326  1.00 2.13  ? 66  MET A H    1 
ATOM   652  N N    . SER A 1 67  ? -6.120  -2.919  -10.279 1.00 2.30  ? 67  SER A N    1 
ATOM   653  C CA   . SER A 1 67  ? -5.889  -3.840  -11.376 1.00 2.08  ? 67  SER A CA   1 
ATOM   654  C C    . SER A 1 67  ? -4.411  -3.834  -11.754 1.00 2.00  ? 67  SER A C    1 
ATOM   655  O O    . SER A 1 67  ? -3.745  -2.817  -11.535 1.00 2.00  ? 67  SER A O    1 
ATOM   656  C CB   . SER A 1 67  ? -6.734  -3.416  -12.550 1.00 2.00  ? 67  SER A CB   1 
ATOM   657  O OG   . SER A 1 67  ? -6.715  -2.034  -12.881 1.00 2.05  ? 67  SER A OG   1 
ATOM   658  H H    . SER A 1 67  ? -6.272  -1.989  -10.505 1.00 2.02  ? 67  SER A H    1 
ATOM   659  H HG   . SER A 1 67  ? -7.577  -1.661  -12.639 1.00 2.14  ? 67  SER A HG   1 
ATOM   660  N N    . VAL A 1 68  ? -3.876  -4.890  -12.343 1.00 2.00  ? 68  VAL A N    1 
ATOM   661  C CA   . VAL A 1 68  ? -2.476  -4.935  -12.721 1.00 2.47  ? 68  VAL A CA   1 
ATOM   662  C C    . VAL A 1 68  ? -2.161  -3.783  -13.658 1.00 2.15  ? 68  VAL A C    1 
ATOM   663  O O    . VAL A 1 68  ? -2.902  -3.490  -14.607 1.00 2.01  ? 68  VAL A O    1 
ATOM   664  C CB   . VAL A 1 68  ? -2.158  -6.300  -13.392 1.00 2.10  ? 68  VAL A CB   1 
ATOM   665  C CG1  . VAL A 1 68  ? -0.714  -6.354  -13.915 1.00 2.14  ? 68  VAL A CG1  1 
ATOM   666  C CG2  . VAL A 1 68  ? -2.452  -7.362  -12.380 1.00 2.00  ? 68  VAL A CG2  1 
ATOM   667  H H    . VAL A 1 68  ? -4.430  -5.689  -12.449 1.00 2.78  ? 68  VAL A H    1 
ATOM   668  N N    . GLY A 1 69  ? -1.087  -3.088  -13.295 1.00 2.40  ? 69  GLY A N    1 
ATOM   669  C CA   . GLY A 1 69  ? -0.572  -1.953  -14.023 1.00 2.09  ? 69  GLY A CA   1 
ATOM   670  C C    . GLY A 1 69  ? -0.893  -0.622  -13.356 1.00 2.24  ? 69  GLY A C    1 
ATOM   671  O O    . GLY A 1 69  ? -0.316  0.410   -13.734 1.00 2.61  ? 69  GLY A O    1 
ATOM   672  H H    . GLY A 1 69  ? -0.613  -3.335  -12.473 1.00 3.23  ? 69  GLY A H    1 
ATOM   673  N N    . GLN A 1 70  ? -1.800  -0.624  -12.366 1.00 2.82  ? 70  GLN A N    1 
ATOM   674  C CA   . GLN A 1 70  ? -2.276  0.609   -11.830 1.00 2.29  ? 70  GLN A CA   1 
ATOM   675  C C    . GLN A 1 70  ? -1.374  1.163   -10.768 1.00 2.00  ? 70  GLN A C    1 
ATOM   676  O O    . GLN A 1 70  ? -0.684  0.439   -10.064 1.00 2.00  ? 70  GLN A O    1 
ATOM   677  C CB   . GLN A 1 70  ? -3.652  0.369   -11.314 1.00 4.50  ? 70  GLN A CB   1 
ATOM   678  C CG   . GLN A 1 70  ? -4.431  1.636   -11.032 1.00 5.27  ? 70  GLN A CG   1 
ATOM   679  C CD   . GLN A 1 70  ? -5.780  1.379   -10.344 1.00 4.45  ? 70  GLN A CD   1 
ATOM   680  O OE1  . GLN A 1 70  ? -6.426  2.283   -9.803  1.00 6.53  ? 70  GLN A OE1  1 
ATOM   681  N NE2  . GLN A 1 70  ? -6.302  0.167   -10.373 1.00 2.24  ? 70  GLN A NE2  1 
ATOM   682  H H    . GLN A 1 70  ? -2.106  -1.475  -11.992 1.00 2.36  ? 70  GLN A H    1 
ATOM   683  H HE21 . GLN A 1 70  ? -7.144  0.060   -9.877  1.00 2.02  ? 70  GLN A HE21 1 
ATOM   684  H HE22 . GLN A 1 70  ? -5.848  -0.524  -10.890 1.00 2.15  ? 70  GLN A HE22 1 
ATOM   685  N N    . ARG A 1 71  ? -1.304  2.488   -10.771 1.00 4.23  ? 71  ARG A N    1 
ATOM   686  C CA   . ARG A 1 71  ? -0.502  3.249   -9.813  1.00 3.45  ? 71  ARG A CA   1 
ATOM   687  C C    . ARG A 1 71  ? -1.524  4.178   -9.190  1.00 2.00  ? 71  ARG A C    1 
ATOM   688  O O    . ARG A 1 71  ? -2.311  4.805   -9.913  1.00 2.00  ? 71  ARG A O    1 
ATOM   689  C CB   . ARG A 1 71  ? 0.601   4.039   -10.510 1.00 2.11  ? 71  ARG A CB   1 
ATOM   690  C CG   . ARG A 1 71  ? 1.420   4.837   -9.462  1.00 5.11  ? 71  ARG A CG   1 
ATOM   691  C CD   . ARG A 1 71  ? 2.807   5.096   -10.024 1.00 8.54  ? 71  ARG A CD   1 
ATOM   692  N NE   . ARG A 1 71  ? 3.525   6.014   -9.152  1.00 9.92  ? 71  ARG A NE   1 
ATOM   693  C CZ   . ARG A 1 71  ? 4.758   6.423   -9.426  1.00 11.22 ? 71  ARG A CZ   1 
ATOM   694  N NH1  . ARG A 1 71  ? 5.425   6.014   -10.536 1.00 12.09 ? 71  ARG A NH1  1 
ATOM   695  N NH2  . ARG A 1 71  ? 5.337   7.247   -8.556  1.00 12.36 ? 71  ARG A NH2  1 
ATOM   696  H H    . ARG A 1 71  ? -1.836  2.980   -11.426 1.00 3.18  ? 71  ARG A H    1 
ATOM   697  H HE   . ARG A 1 71  ? 3.072   6.376   -8.364  1.00 9.38  ? 71  ARG A HE   1 
ATOM   698  H HH11 . ARG A 1 71  ? 4.994   5.384   -11.182 1.00 11.58 ? 71  ARG A HH11 1 
ATOM   699  H HH12 . ARG A 1 71  ? 6.352   6.347   -10.705 1.00 11.57 ? 71  ARG A HH12 1 
ATOM   700  H HH21 . ARG A 1 71  ? 4.845   7.538   -7.740  1.00 11.81 ? 71  ARG A HH21 1 
ATOM   701  H HH22 . ARG A 1 71  ? 6.266   7.576   -8.725  1.00 12.31 ? 71  ARG A HH22 1 
ATOM   702  N N    . ALA A 1 72  ? -1.581  4.072   -7.860  1.00 2.87  ? 72  ALA A N    1 
ATOM   703  C CA   . ALA A 1 72  ? -2.529  4.812   -7.048  1.00 2.85  ? 72  ALA A CA   1 
ATOM   704  C C    . ALA A 1 72  ? -1.971  5.287   -5.706  1.00 3.85  ? 72  ALA A C    1 
ATOM   705  O O    . ALA A 1 72  ? -0.959  4.782   -5.189  1.00 5.84  ? 72  ALA A O    1 
ATOM   706  C CB   . ALA A 1 72  ? -3.756  3.961   -6.762  1.00 2.19  ? 72  ALA A CB   1 
ATOM   707  H H    . ALA A 1 72  ? -0.941  3.495   -7.388  1.00 3.37  ? 72  ALA A H    1 
ATOM   708  N N    . LYS A 1 73  ? -2.584  6.326   -5.163  1.00 5.73  ? 73  LYS A N    1 
ATOM   709  C CA   . LYS A 1 73  ? -2.269  6.850   -3.847  1.00 4.79  ? 73  LYS A CA   1 
ATOM   710  C C    . LYS A 1 73  ? -3.322  6.356   -2.861  1.00 5.06  ? 73  LYS A C    1 
ATOM   711  O O    . LYS A 1 73  ? -4.529  6.561   -2.995  1.00 4.43  ? 73  LYS A O    1 
ATOM   712  C CB   . LYS A 1 73  ? -2.264  8.346   -3.973  1.00 7.22  ? 73  LYS A CB   1 
ATOM   713  C CG   . LYS A 1 73  ? -1.888  9.136   -2.731  1.00 9.20  ? 73  LYS A CG   1 
ATOM   714  C CD   . LYS A 1 73  ? -2.355  10.510  -3.128  1.00 11.07 ? 73  LYS A CD   1 
ATOM   715  C CE   . LYS A 1 73  ? -2.126  11.559  -2.075  1.00 14.75 ? 73  LYS A CE   1 
ATOM   716  N NZ   . LYS A 1 73  ? -2.901  12.770  -2.398  1.00 16.57 ? 73  LYS A NZ   1 
ATOM   717  H H    . LYS A 1 73  ? -3.249  6.804   -5.673  1.00 5.06  ? 73  LYS A H    1 
ATOM   718  H HZ1  . LYS A 1 73  ? -2.604  13.131  -3.328  1.00 16.51 ? 73  LYS A HZ1  1 
ATOM   719  H HZ2  . LYS A 1 73  ? -3.913  12.532  -2.424  1.00 16.78 ? 73  LYS A HZ2  1 
ATOM   720  H HZ3  . LYS A 1 73  ? -2.729  13.493  -1.671  1.00 16.89 ? 73  LYS A HZ3  1 
ATOM   721  N N    . LEU A 1 74  ? -2.907  5.667   -1.814  1.00 5.22  ? 74  LEU A N    1 
ATOM   722  C CA   . LEU A 1 74  ? -3.796  5.084   -0.842  1.00 4.39  ? 74  LEU A CA   1 
ATOM   723  C C    . LEU A 1 74  ? -3.700  5.937   0.408   1.00 3.32  ? 74  LEU A C    1 
ATOM   724  O O    . LEU A 1 74  ? -2.594  6.028   0.959   1.00 4.92  ? 74  LEU A O    1 
ATOM   725  C CB   . LEU A 1 74  ? -3.302  3.639   -0.652  1.00 5.27  ? 74  LEU A CB   1 
ATOM   726  C CG   . LEU A 1 74  ? -3.977  2.428   -1.377  1.00 5.86  ? 74  LEU A CG   1 
ATOM   727  C CD1  . LEU A 1 74  ? -4.424  2.782   -2.796  1.00 2.84  ? 74  LEU A CD1  1 
ATOM   728  C CD2  . LEU A 1 74  ? -2.998  1.267   -1.269  1.00 5.61  ? 74  LEU A CD2  1 
ATOM   729  H H    . LEU A 1 74  ? -1.947  5.573   -1.672  1.00 6.03  ? 74  LEU A H    1 
ATOM   730  N N    . THR A 1 75  ? -4.742  6.646   0.846   1.00 2.21  ? 75  THR A N    1 
ATOM   731  C CA   . THR A 1 75  ? -4.678  7.411   2.108   1.00 3.18  ? 75  THR A CA   1 
ATOM   732  C C    . THR A 1 75  ? -5.359  6.525   3.172   1.00 5.53  ? 75  THR A C    1 
ATOM   733  O O    . THR A 1 75  ? -6.540  6.167   2.996   1.00 2.15  ? 75  THR A O    1 
ATOM   734  C CB   . THR A 1 75  ? -5.416  8.748   1.896   1.00 4.54  ? 75  THR A CB   1 
ATOM   735  O OG1  . THR A 1 75  ? -4.743  9.374   0.817   1.00 5.76  ? 75  THR A OG1  1 
ATOM   736  C CG2  . THR A 1 75  ? -5.441  9.638   3.118   1.00 3.49  ? 75  THR A CG2  1 
ATOM   737  H H    . THR A 1 75  ? -5.584  6.603   0.350   1.00 3.66  ? 75  THR A H    1 
ATOM   738  H HG1  . THR A 1 75  ? -4.493  8.706   0.173   1.00 5.53  ? 75  THR A HG1  1 
ATOM   739  N N    . ILE A 1 76  ? -4.632  6.158   4.231   1.00 2.00  ? 76  ILE A N    1 
ATOM   740  C CA   . ILE A 1 76  ? -5.046  5.136   5.165   1.00 2.17  ? 76  ILE A CA   1 
ATOM   741  C C    . ILE A 1 76  ? -5.161  5.763   6.560   1.00 2.90  ? 76  ILE A C    1 
ATOM   742  O O    . ILE A 1 76  ? -4.187  6.361   7.059   1.00 3.36  ? 76  ILE A O    1 
ATOM   743  C CB   . ILE A 1 76  ? -3.980  4.007   5.186   1.00 2.04  ? 76  ILE A CB   1 
ATOM   744  C CG1  . ILE A 1 76  ? -3.735  3.509   3.766   1.00 2.00  ? 76  ILE A CG1  1 
ATOM   745  C CG2  . ILE A 1 76  ? -4.386  2.921   6.165   1.00 2.00  ? 76  ILE A CG2  1 
ATOM   746  C CD1  . ILE A 1 76  ? -2.663  2.432   3.634   1.00 2.00  ? 76  ILE A CD1  1 
ATOM   747  H H    . ILE A 1 76  ? -3.776  6.608   4.395   1.00 2.64  ? 76  ILE A H    1 
ATOM   748  N N    . SER A 1 77  ? -6.353  5.661   7.163   1.00 2.00  ? 77  SER A N    1 
ATOM   749  C CA   . SER A 1 77  ? -6.579  6.164   8.508   1.00 2.58  ? 77  SER A CA   1 
ATOM   750  C C    . SER A 1 77  ? -5.771  5.366   9.525   1.00 3.63  ? 77  SER A C    1 
ATOM   751  O O    . SER A 1 77  ? -5.599  4.154   9.308   1.00 2.11  ? 77  SER A O    1 
ATOM   752  C CB   . SER A 1 77  ? -8.067  6.055   8.880   1.00 2.42  ? 77  SER A CB   1 
ATOM   753  O OG   . SER A 1 77  ? -8.613  4.722   8.918   1.00 4.94  ? 77  SER A OG   1 
ATOM   754  H H    . SER A 1 77  ? -7.068  5.199   6.682   1.00 2.75  ? 77  SER A H    1 
ATOM   755  H HG   . SER A 1 77  ? -7.886  4.121   9.156   1.00 4.73  ? 77  SER A HG   1 
ATOM   756  N N    . PRO A 1 78  ? -5.390  5.895   10.700  1.00 2.00  ? 78  PRO A N    1 
ATOM   757  C CA   . PRO A 1 78  ? -4.590  5.182   11.671  1.00 2.12  ? 78  PRO A CA   1 
ATOM   758  C C    . PRO A 1 78  ? -5.160  3.856   12.107  1.00 2.38  ? 78  PRO A C    1 
ATOM   759  O O    . PRO A 1 78  ? -4.390  2.908   12.285  1.00 6.21  ? 78  PRO A O    1 
ATOM   760  C CB   . PRO A 1 78  ? -4.384  6.156   12.854  1.00 2.04  ? 78  PRO A CB   1 
ATOM   761  C CG   . PRO A 1 78  ? -5.281  7.347   12.557  1.00 2.00  ? 78  PRO A CG   1 
ATOM   762  C CD   . PRO A 1 78  ? -5.516  7.308   11.058  1.00 2.04  ? 78  PRO A CD   1 
ATOM   763  N N    . ASP A 1 79  ? -6.484  3.742   12.208  1.00 4.75  ? 79  ASP A N    1 
ATOM   764  C CA   . ASP A 1 79  ? -7.080  2.496   12.641  1.00 5.91  ? 79  ASP A CA   1 
ATOM   765  C C    . ASP A 1 79  ? -6.962  1.371   11.622  1.00 6.52  ? 79  ASP A C    1 
ATOM   766  O O    . ASP A 1 79  ? -7.241  0.217   11.948  1.00 5.97  ? 79  ASP A O    1 
ATOM   767  C CB   . ASP A 1 79  ? -8.577  2.734   13.009  1.00 8.82  ? 79  ASP A CB   1 
ATOM   768  C CG   . ASP A 1 79  ? -9.540  3.159   11.916  1.00 12.39 ? 79  ASP A CG   1 
ATOM   769  O OD1  . ASP A 1 79  ? -9.454  4.290   11.445  1.00 14.22 ? 79  ASP A OD1  1 
ATOM   770  O OD2  . ASP A 1 79  ? -10.403 2.358   11.536  1.00 15.85 ? 79  ASP A OD2  1 
ATOM   771  H H    . ASP A 1 79  ? -7.055  4.519   12.050  1.00 4.25  ? 79  ASP A H    1 
ATOM   772  N N    . TYR A 1 80  ? -6.599  1.743   10.380  1.00 5.54  ? 80  TYR A N    1 
ATOM   773  C CA   . TYR A 1 80  ? -6.336  0.852   9.263   1.00 5.25  ? 80  TYR A CA   1 
ATOM   774  C C    . TYR A 1 80  ? -4.854  0.703   9.003   1.00 3.95  ? 80  TYR A C    1 
ATOM   775  O O    . TYR A 1 80  ? -4.411  0.177   7.980   1.00 2.27  ? 80  TYR A O    1 
ATOM   776  C CB   . TYR A 1 80  ? -6.957  1.405   8.039   1.00 5.38  ? 80  TYR A CB   1 
ATOM   777  C CG   . TYR A 1 80  ? -8.362  0.930   7.916   1.00 9.01  ? 80  TYR A CG   1 
ATOM   778  C CD1  . TYR A 1 80  ? -9.310  1.316   8.832   1.00 9.02  ? 80  TYR A CD1  1 
ATOM   779  C CD2  . TYR A 1 80  ? -8.663  0.112   6.855   1.00 9.72  ? 80  TYR A CD2  1 
ATOM   780  C CE1  . TYR A 1 80  ? -10.600 0.885   8.684   1.00 11.03 ? 80  TYR A CE1  1 
ATOM   781  C CE2  . TYR A 1 80  ? -9.953  -0.332  6.698   1.00 10.74 ? 80  TYR A CE2  1 
ATOM   782  C CZ   . TYR A 1 80  ? -10.916 0.063   7.614   1.00 11.52 ? 80  TYR A CZ   1 
ATOM   783  O OH   . TYR A 1 80  ? -12.226 -0.327  7.400   1.00 10.51 ? 80  TYR A OH   1 
ATOM   784  H H    . TYR A 1 80  ? -6.390  2.680   10.227  1.00 6.51  ? 80  TYR A H    1 
ATOM   785  H HH   . TYR A 1 80  ? -12.750 -0.256  8.202   1.00 12.16 ? 80  TYR A HH   1 
ATOM   786  N N    . ALA A 1 81  ? -4.047  1.187   9.919   1.00 3.70  ? 81  ALA A N    1 
ATOM   787  C CA   . ALA A 1 81  ? -2.604  1.172   9.773   1.00 2.09  ? 81  ALA A CA   1 
ATOM   788  C C    . ALA A 1 81  ? -2.055  0.767   11.133  1.00 2.54  ? 81  ALA A C    1 
ATOM   789  O O    . ALA A 1 81  ? -2.407  -0.329  11.570  1.00 2.00  ? 81  ALA A O    1 
ATOM   790  C CB   . ALA A 1 81  ? -2.168  2.575   9.332   1.00 2.00  ? 81  ALA A CB   1 
ATOM   791  H H    . ALA A 1 81  ? -4.414  1.467   10.781  1.00 3.85  ? 81  ALA A H    1 
ATOM   792  N N    . TYR A 1 82  ? -1.281  1.596   11.871  1.00 3.23  ? 82  TYR A N    1 
ATOM   793  C CA   . TYR A 1 82  ? -0.609  1.231   13.124  1.00 2.24  ? 82  TYR A CA   1 
ATOM   794  C C    . TYR A 1 82  ? -1.287  1.748   14.420  1.00 3.91  ? 82  TYR A C    1 
ATOM   795  O O    . TYR A 1 82  ? -0.785  1.574   15.551  1.00 3.42  ? 82  TYR A O    1 
ATOM   796  C CB   . TYR A 1 82  ? 0.833   1.742   12.998  1.00 3.55  ? 82  TYR A CB   1 
ATOM   797  C CG   . TYR A 1 82  ? 1.600   1.040   11.898  1.00 2.13  ? 82  TYR A CG   1 
ATOM   798  C CD1  . TYR A 1 82  ? 1.973   -0.304  12.034  1.00 3.05  ? 82  TYR A CD1  1 
ATOM   799  C CD2  . TYR A 1 82  ? 1.885   1.730   10.727  1.00 3.38  ? 82  TYR A CD2  1 
ATOM   800  C CE1  . TYR A 1 82  ? 2.619   -0.964  11.001  1.00 3.83  ? 82  TYR A CE1  1 
ATOM   801  C CE2  . TYR A 1 82  ? 2.526   1.074   9.697   1.00 3.32  ? 82  TYR A CE2  1 
ATOM   802  C CZ   . TYR A 1 82  ? 2.885   -0.255  9.839   1.00 2.65  ? 82  TYR A CZ   1 
ATOM   803  O OH   . TYR A 1 82  ? 3.513   -0.874  8.777   1.00 6.84  ? 82  TYR A OH   1 
ATOM   804  H H    . TYR A 1 82  ? -1.195  2.526   11.581  1.00 2.69  ? 82  TYR A H    1 
ATOM   805  H HH   . TYR A 1 82  ? 3.333   -0.322  8.009   1.00 4.47  ? 82  TYR A HH   1 
ATOM   806  N N    . GLY A 1 83  ? -2.463  2.400   14.258  1.00 2.04  ? 83  GLY A N    1 
ATOM   807  C CA   . GLY A 1 83  ? -3.311  2.799   15.349  1.00 3.96  ? 83  GLY A CA   1 
ATOM   808  C C    . GLY A 1 83  ? -2.576  3.712   16.302  1.00 5.99  ? 83  GLY A C    1 
ATOM   809  O O    . GLY A 1 83  ? -1.884  4.665   15.940  1.00 2.62  ? 83  GLY A O    1 
ATOM   810  H H    . GLY A 1 83  ? -2.770  2.577   13.347  1.00 3.31  ? 83  GLY A H    1 
ATOM   811  N N    . ALA A 1 84  ? -2.823  3.402   17.564  1.00 7.64  ? 84  ALA A N    1 
ATOM   812  C CA   . ALA A 1 84  ? -2.237  4.178   18.641  1.00 8.23  ? 84  ALA A CA   1 
ATOM   813  C C    . ALA A 1 84  ? -0.814  3.729   18.925  1.00 9.75  ? 84  ALA A C    1 
ATOM   814  O O    . ALA A 1 84  ? -0.091  4.515   19.522  1.00 10.11 ? 84  ALA A O    1 
ATOM   815  C CB   . ALA A 1 84  ? -3.078  4.020   19.883  1.00 9.35  ? 84  ALA A CB   1 
ATOM   816  H H    . ALA A 1 84  ? -3.340  2.596   17.767  1.00 7.20  ? 84  ALA A H    1 
ATOM   817  N N    . THR A 1 85  ? -0.372  2.531   18.513  1.00 10.35 ? 85  THR A N    1 
ATOM   818  C CA   . THR A 1 85  ? 1.024   2.180   18.721  1.00 11.80 ? 85  THR A CA   1 
ATOM   819  C C    . THR A 1 85  ? 1.963   2.944   17.796  1.00 11.44 ? 85  THR A C    1 
ATOM   820  O O    . THR A 1 85  ? 3.043   3.423   18.187  1.00 13.50 ? 85  THR A O    1 
ATOM   821  C CB   . THR A 1 85  ? 1.197   0.678   18.481  1.00 12.18 ? 85  THR A CB   1 
ATOM   822  O OG1  . THR A 1 85  ? 0.121   0.021   19.103  1.00 13.76 ? 85  THR A OG1  1 
ATOM   823  C CG2  . THR A 1 85  ? 2.460   0.138   19.092  1.00 12.85 ? 85  THR A CG2  1 
ATOM   824  H H    . THR A 1 85  ? -0.947  1.867   18.088  1.00 10.36 ? 85  THR A H    1 
ATOM   825  H HG1  . THR A 1 85  ? 0.267   -0.926  19.015  1.00 12.46 ? 85  THR A HG1  1 
ATOM   826  N N    . GLY A 1 86  ? 1.588   3.044   16.518  1.00 9.98  ? 86  GLY A N    1 
ATOM   827  C CA   . GLY A 1 86  ? 2.541   3.577   15.549  1.00 8.62  ? 86  GLY A CA   1 
ATOM   828  C C    . GLY A 1 86  ? 3.604   2.504   15.303  1.00 5.63  ? 86  GLY A C    1 
ATOM   829  O O    . GLY A 1 86  ? 3.445   1.337   15.670  1.00 6.65  ? 86  GLY A O    1 
ATOM   830  H H    . GLY A 1 86  ? 0.745   2.650   16.225  1.00 9.98  ? 86  GLY A H    1 
ATOM   831  N N    . HIS A 1 87  ? 4.703   2.799   14.632  1.00 6.67  ? 87  HIS A N    1 
ATOM   832  C CA   . HIS A 1 87  ? 5.716   1.775   14.420  1.00 8.71  ? 87  HIS A CA   1 
ATOM   833  C C    . HIS A 1 87  ? 6.933   2.343   15.111  1.00 5.88  ? 87  HIS A C    1 
ATOM   834  O O    . HIS A 1 87  ? 7.415   3.379   14.613  1.00 6.76  ? 87  HIS A O    1 
ATOM   835  C CB   . HIS A 1 87  ? 6.017   1.585   12.942  1.00 10.42 ? 87  HIS A CB   1 
ATOM   836  C CG   . HIS A 1 87  ? 6.938   0.396   12.667  1.00 14.33 ? 87  HIS A CG   1 
ATOM   837  N ND1  . HIS A 1 87  ? 8.278   0.315   12.747  1.00 15.88 ? 87  HIS A ND1  1 
ATOM   838  C CD2  . HIS A 1 87  ? 6.479   -0.849  12.290  1.00 14.59 ? 87  HIS A CD2  1 
ATOM   839  C CE1  . HIS A 1 87  ? 8.637   -0.911  12.443  1.00 15.05 ? 87  HIS A CE1  1 
ATOM   840  N NE2  . HIS A 1 87  ? 7.544   -1.600  12.172  1.00 15.30 ? 87  HIS A NE2  1 
ATOM   841  H H    . HIS A 1 87  ? 4.897   3.743   14.446  1.00 7.06  ? 87  HIS A H    1 
ATOM   842  H HD1  . HIS A 1 87  ? 8.912   1.005   13.056  1.00 15.01 ? 87  HIS A HD1  1 
ATOM   843  H HE2  . HIS A 1 87  ? 7.541   -2.549  11.910  1.00 13.62 ? 87  HIS A HE2  1 
ATOM   844  N N    . PRO A 1 88  ? 7.474   1.745   16.208  1.00 7.70  ? 88  PRO A N    1 
ATOM   845  C CA   . PRO A 1 88  ? 8.471   2.367   17.096  1.00 10.44 ? 88  PRO A CA   1 
ATOM   846  C C    . PRO A 1 88  ? 9.610   2.990   16.286  1.00 9.91  ? 88  PRO A C    1 
ATOM   847  O O    . PRO A 1 88  ? 10.101  2.379   15.322  1.00 11.41 ? 88  PRO A O    1 
ATOM   848  C CB   . PRO A 1 88  ? 8.903   1.225   18.029  1.00 10.62 ? 88  PRO A CB   1 
ATOM   849  C CG   . PRO A 1 88  ? 8.603   -0.027  17.250  1.00 10.41 ? 88  PRO A CG   1 
ATOM   850  C CD   . PRO A 1 88  ? 7.285   0.337   16.558  1.00 9.40  ? 88  PRO A CD   1 
ATOM   851  N N    . GLY A 1 89  ? 9.748   4.300   16.542  1.00 10.00 ? 89  GLY A N    1 
ATOM   852  C CA   . GLY A 1 89  ? 10.724  5.134   15.863  1.00 10.18 ? 89  GLY A CA   1 
ATOM   853  C C    . GLY A 1 89  ? 10.353  5.662   14.458  1.00 12.92 ? 89  GLY A C    1 
ATOM   854  O O    . GLY A 1 89  ? 10.820  6.747   14.086  1.00 14.20 ? 89  GLY A O    1 
ATOM   855  H H    . GLY A 1 89  ? 9.138   4.726   17.177  1.00 10.78 ? 89  GLY A H    1 
ATOM   856  N N    . ILE A 1 90  ? 9.494   4.989   13.667  1.00 11.06 ? 90  ILE A N    1 
ATOM   857  C CA   . ILE A 1 90  ? 9.205   5.425   12.303  1.00 8.16  ? 90  ILE A CA   1 
ATOM   858  C C    . ILE A 1 90  ? 7.883   6.131   12.126  1.00 6.45  ? 90  ILE A C    1 
ATOM   859  O O    . ILE A 1 90  ? 7.807   7.186   11.496  1.00 7.46  ? 90  ILE A O    1 
ATOM   860  C CB   . ILE A 1 90  ? 9.306   4.172   11.368  1.00 7.49  ? 90  ILE A CB   1 
ATOM   861  C CG1  . ILE A 1 90  ? 10.709  3.639   11.451  1.00 6.98  ? 90  ILE A CG1  1 
ATOM   862  C CG2  . ILE A 1 90  ? 9.091   4.507   9.891   1.00 7.67  ? 90  ILE A CG2  1 
ATOM   863  C CD1  . ILE A 1 90  ? 10.847  2.194   10.989  1.00 8.17  ? 90  ILE A CD1  1 
ATOM   864  H H    . ILE A 1 90  ? 9.059   4.198   14.033  1.00 12.41 ? 90  ILE A H    1 
ATOM   865  N N    . ILE A 1 91  ? 6.794   5.547   12.622  1.00 4.73  ? 91  ILE A N    1 
ATOM   866  C CA   . ILE A 1 91  ? 5.464   6.125   12.411  1.00 6.29  ? 91  ILE A CA   1 
ATOM   867  C C    . ILE A 1 91  ? 5.049   6.555   13.805  1.00 3.79  ? 91  ILE A C    1 
ATOM   868  O O    . ILE A 1 91  ? 5.196   5.717   14.692  1.00 4.88  ? 91  ILE A O    1 
ATOM   869  C CB   . ILE A 1 91  ? 4.445   5.068   11.876  1.00 6.01  ? 91  ILE A CB   1 
ATOM   870  C CG1  . ILE A 1 91  ? 4.957   4.379   10.618  1.00 6.44  ? 91  ILE A CG1  1 
ATOM   871  C CG2  . ILE A 1 91  ? 3.124   5.743   11.590  1.00 4.02  ? 91  ILE A CG2  1 
ATOM   872  C CD1  . ILE A 1 91  ? 5.203   5.319   9.432   1.00 8.01  ? 91  ILE A CD1  1 
ATOM   873  H H    . ILE A 1 91  ? 6.898   4.841   13.289  1.00 6.19  ? 91  ILE A H    1 
ATOM   874  N N    . PRO A 1 92  ? 4.543   7.775   14.059  1.00 4.17  ? 92  PRO A N    1 
ATOM   875  C CA   . PRO A 1 92  ? 3.962   8.204   15.343  1.00 5.55  ? 92  PRO A CA   1 
ATOM   876  C C    . PRO A 1 92  ? 2.666   7.482   15.677  1.00 4.42  ? 92  PRO A C    1 
ATOM   877  O O    . PRO A 1 92  ? 2.003   6.964   14.766  1.00 5.15  ? 92  PRO A O    1 
ATOM   878  C CB   . PRO A 1 92  ? 3.746   9.682   15.182  1.00 6.08  ? 92  PRO A CB   1 
ATOM   879  C CG   . PRO A 1 92  ? 4.513   10.058  13.938  1.00 6.52  ? 92  PRO A CG   1 
ATOM   880  C CD   . PRO A 1 92  ? 4.378   8.836   13.078  1.00 3.94  ? 92  PRO A CD   1 
ATOM   881  N N    . PRO A 1 93  ? 2.190   7.494   16.933  1.00 4.82  ? 93  PRO A N    1 
ATOM   882  C CA   . PRO A 1 93  ? 0.804   7.152   17.251  1.00 2.73  ? 93  PRO A CA   1 
ATOM   883  C C    . PRO A 1 93  ? -0.160  8.033   16.445  1.00 4.00  ? 93  PRO A C    1 
ATOM   884  O O    . PRO A 1 93  ? 0.108   9.194   16.125  1.00 2.50  ? 93  PRO A O    1 
ATOM   885  C CB   . PRO A 1 93  ? 0.640   7.383   18.747  1.00 4.57  ? 93  PRO A CB   1 
ATOM   886  C CG   . PRO A 1 93  ? 2.034   7.577   19.302  1.00 2.86  ? 93  PRO A CG   1 
ATOM   887  C CD   . PRO A 1 93  ? 2.908   7.990   18.122  1.00 3.66  ? 93  PRO A CD   1 
ATOM   888  N N    . HIS A 1 94  ? -1.266  7.386   16.073  1.00 2.02  ? 94  HIS A N    1 
ATOM   889  C CA   . HIS A 1 94  ? -2.423  8.010   15.441  1.00 2.29  ? 94  HIS A CA   1 
ATOM   890  C C    . HIS A 1 94  ? -2.114  8.638   14.093  1.00 3.54  ? 94  HIS A C    1 
ATOM   891  O O    . HIS A 1 94  ? -2.812  9.568   13.731  1.00 5.36  ? 94  HIS A O    1 
ATOM   892  C CB   . HIS A 1 94  ? -3.030  9.080   16.425  1.00 2.13  ? 94  HIS A CB   1 
ATOM   893  C CG   . HIS A 1 94  ? -3.454  8.415   17.724  1.00 3.62  ? 94  HIS A CG   1 
ATOM   894  N ND1  . HIS A 1 94  ? -4.453  7.565   17.894  1.00 5.90  ? 94  HIS A ND1  1 
ATOM   895  C CD2  . HIS A 1 94  ? -2.813  8.555   18.938  1.00 6.00  ? 94  HIS A CD2  1 
ATOM   896  C CE1  . HIS A 1 94  ? -4.430  7.188   19.154  1.00 7.29  ? 94  HIS A CE1  1 
ATOM   897  N NE2  . HIS A 1 94  ? -3.448  7.785   19.783  1.00 7.42  ? 94  HIS A NE2  1 
ATOM   898  H H    . HIS A 1 94  ? -1.224  6.410   16.114  1.00 2.16  ? 94  HIS A H    1 
ATOM   899  H HD1  . HIS A 1 94  ? -5.175  7.372   17.258  1.00 5.22  ? 94  HIS A HD1  1 
ATOM   900  H HE2  . HIS A 1 94  ? -3.339  7.778   20.770  1.00 5.58  ? 94  HIS A HE2  1 
ATOM   901  N N    . ALA A 1 95  ? -1.113  8.162   13.344  1.00 2.02  ? 95  ALA A N    1 
ATOM   902  C CA   . ALA A 1 95  ? -0.748  8.742   12.056  1.00 2.07  ? 95  ALA A CA   1 
ATOM   903  C C    . ALA A 1 95  ? -1.579  8.318   10.824  1.00 2.04  ? 95  ALA A C    1 
ATOM   904  O O    . ALA A 1 95  ? -1.802  7.121   10.652  1.00 2.22  ? 95  ALA A O    1 
ATOM   905  C CB   . ALA A 1 95  ? 0.694   8.392   11.791  1.00 2.15  ? 95  ALA A CB   1 
ATOM   906  H H    . ALA A 1 95  ? -0.591  7.401   13.672  1.00 2.11  ? 95  ALA A H    1 
ATOM   907  N N    . THR A 1 96  ? -2.061  9.220   9.951   1.00 2.15  ? 96  THR A N    1 
ATOM   908  C CA   . THR A 1 96  ? -2.639  8.862   8.661   1.00 2.05  ? 96  THR A CA   1 
ATOM   909  C C    . THR A 1 96  ? -1.453  8.624   7.705   1.00 2.64  ? 96  THR A C    1 
ATOM   910  O O    . THR A 1 96  ? -0.536  9.439   7.609   1.00 2.00  ? 96  THR A O    1 
ATOM   911  C CB   . THR A 1 96  ? -3.522  10.023  8.102   1.00 3.72  ? 96  THR A CB   1 
ATOM   912  O OG1  . THR A 1 96  ? -4.696  10.118  8.926   1.00 4.61  ? 96  THR A OG1  1 
ATOM   913  C CG2  . THR A 1 96  ? -3.878  9.820   6.648   1.00 2.33  ? 96  THR A CG2  1 
ATOM   914  H H    . THR A 1 96  ? -2.030  10.165  10.186  1.00 3.23  ? 96  THR A H    1 
ATOM   915  H HG1  . THR A 1 96  ? -5.153  10.942  8.731   1.00 3.96  ? 96  THR A HG1  1 
ATOM   916  N N    . LEU A 1 97  ? -1.459  7.524   6.954   1.00 2.19  ? 97  LEU A N    1 
ATOM   917  C CA   . LEU A 1 97  ? -0.355  7.195   6.078   1.00 2.07  ? 97  LEU A CA   1 
ATOM   918  C C    . LEU A 1 97  ? -0.766  7.380   4.612   1.00 2.05  ? 97  LEU A C    1 
ATOM   919  O O    . LEU A 1 97  ? -1.932  7.219   4.249   1.00 5.34  ? 97  LEU A O    1 
ATOM   920  C CB   . LEU A 1 97  ? 0.057   5.749   6.387   1.00 2.00  ? 97  LEU A CB   1 
ATOM   921  C CG   . LEU A 1 97  ? 0.521   5.462   7.805   1.00 2.82  ? 97  LEU A CG   1 
ATOM   922  C CD1  . LEU A 1 97  ? 0.940   4.021   7.879   1.00 2.15  ? 97  LEU A CD1  1 
ATOM   923  C CD2  . LEU A 1 97  ? 1.676   6.403   8.204   1.00 2.08  ? 97  LEU A CD2  1 
ATOM   924  H H    . LEU A 1 97  ? -2.253  6.948   6.966   1.00 2.76  ? 97  LEU A H    1 
ATOM   925  N N    . VAL A 1 98  ? 0.165   7.780   3.769   1.00 2.00  ? 98  VAL A N    1 
ATOM   926  C CA   . VAL A 1 98  ? -0.137  8.014   2.397   1.00 3.65  ? 98  VAL A CA   1 
ATOM   927  C C    . VAL A 1 98  ? 0.821   7.108   1.660   1.00 2.12  ? 98  VAL A C    1 
ATOM   928  O O    . VAL A 1 98  ? 2.023   7.203   1.867   1.00 3.97  ? 98  VAL A O    1 
ATOM   929  C CB   . VAL A 1 98  ? 0.091   9.502   2.044   1.00 3.31  ? 98  VAL A CB   1 
ATOM   930  C CG1  . VAL A 1 98  ? -0.143  9.648   0.557   1.00 2.09  ? 98  VAL A CG1  1 
ATOM   931  C CG2  . VAL A 1 98  ? -0.885  10.439  2.783   1.00 2.11  ? 98  VAL A CG2  1 
ATOM   932  H H    . VAL A 1 98  ? 1.092   7.857   4.064   1.00 2.87  ? 98  VAL A H    1 
ATOM   933  N N    . PHE A 1 99  ? 0.343   6.161   0.859   1.00 4.42  ? 99  PHE A N    1 
ATOM   934  C CA   . PHE A 1 99  ? 1.244   5.298   0.111   1.00 2.41  ? 99  PHE A CA   1 
ATOM   935  C C    . PHE A 1 99  ? 1.037   5.520   -1.393  1.00 2.00  ? 99  PHE A C    1 
ATOM   936  O O    . PHE A 1 99  ? -0.093  5.640   -1.861  1.00 2.00  ? 99  PHE A O    1 
ATOM   937  C CB   . PHE A 1 99  ? 0.969   3.842   0.419   1.00 2.00  ? 99  PHE A CB   1 
ATOM   938  C CG   . PHE A 1 99  ? 1.534   3.330   1.706   1.00 2.40  ? 99  PHE A CG   1 
ATOM   939  C CD1  . PHE A 1 99  ? 0.784   3.419   2.883   1.00 2.00  ? 99  PHE A CD1  1 
ATOM   940  C CD2  . PHE A 1 99  ? 2.799   2.773   1.712   1.00 2.08  ? 99  PHE A CD2  1 
ATOM   941  C CE1  . PHE A 1 99  ? 1.328   2.942   4.049   1.00 2.02  ? 99  PHE A CE1  1 
ATOM   942  C CE2  . PHE A 1 99  ? 3.327   2.299   2.894   1.00 2.30  ? 99  PHE A CE2  1 
ATOM   943  C CZ   . PHE A 1 99  ? 2.594   2.384   4.058   1.00 2.48  ? 99  PHE A CZ   1 
ATOM   944  H H    . PHE A 1 99  ? -0.625  6.079   0.737   1.00 2.10  ? 99  PHE A H    1 
ATOM   945  N N    . ASP A 1 100 ? 2.113   5.597   -2.143  1.00 2.07  ? 100 ASP A N    1 
ATOM   946  C CA   . ASP A 1 100 ? 2.105   5.680   -3.600  1.00 2.05  ? 100 ASP A CA   1 
ATOM   947  C C    . ASP A 1 100 ? 2.508   4.249   -3.919  1.00 2.00  ? 100 ASP A C    1 
ATOM   948  O O    . ASP A 1 100 ? 3.614   3.818   -3.622  1.00 2.00  ? 100 ASP A O    1 
ATOM   949  C CB   . ASP A 1 100 ? 3.152   6.657   -4.097  1.00 2.00  ? 100 ASP A CB   1 
ATOM   950  C CG   . ASP A 1 100 ? 3.322   6.725   -5.607  1.00 2.09  ? 100 ASP A CG   1 
ATOM   951  O OD1  . ASP A 1 100 ? 2.852   5.846   -6.327  1.00 2.00  ? 100 ASP A OD1  1 
ATOM   952  O OD2  . ASP A 1 100 ? 3.924   7.687   -6.056  1.00 2.00  ? 100 ASP A OD2  1 
ATOM   953  H H    . ASP A 1 100 ? 2.983   5.547   -1.699  1.00 2.67  ? 100 ASP A H    1 
ATOM   954  N N    . VAL A 1 101 ? 1.558   3.536   -4.499  1.00 2.00  ? 101 VAL A N    1 
ATOM   955  C CA   . VAL A 1 101 ? 1.657   2.100   -4.744  1.00 3.03  ? 101 VAL A CA   1 
ATOM   956  C C    . VAL A 1 101 ? 1.382   1.778   -6.227  1.00 2.94  ? 101 VAL A C    1 
ATOM   957  O O    . VAL A 1 101 ? 0.419   2.277   -6.827  1.00 2.23  ? 101 VAL A O    1 
ATOM   958  C CB   . VAL A 1 101 ? 0.646   1.367   -3.790  1.00 2.13  ? 101 VAL A CB   1 
ATOM   959  C CG1  . VAL A 1 101 ? 0.646   -0.133  -4.037  1.00 2.10  ? 101 VAL A CG1  1 
ATOM   960  C CG2  . VAL A 1 101 ? 1.127   1.432   -2.374  1.00 3.53  ? 101 VAL A CG2  1 
ATOM   961  H H    . VAL A 1 101 ? 0.738   3.987   -4.791  1.00 2.64  ? 101 VAL A H    1 
ATOM   962  N N    . GLU A 1 102 ? 2.237   0.968   -6.833  1.00 2.47  ? 102 GLU A N    1 
ATOM   963  C CA   . GLU A 1 102 ? 2.064   0.577   -8.203  1.00 3.37  ? 102 GLU A CA   1 
ATOM   964  C C    . GLU A 1 102 ? 1.954   -0.921  -8.183  1.00 2.00  ? 102 GLU A C    1 
ATOM   965  O O    . GLU A 1 102 ? 2.866   -1.566  -7.658  1.00 2.00  ? 102 GLU A O    1 
ATOM   966  C CB   . GLU A 1 102 ? 3.258   1.028   -9.002  1.00 5.33  ? 102 GLU A CB   1 
ATOM   967  C CG   . GLU A 1 102 ? 3.216   0.447   -10.430 1.00 8.11  ? 102 GLU A CG   1 
ATOM   968  C CD   . GLU A 1 102 ? 4.066   1.155   -11.485 1.00 12.60 ? 102 GLU A CD   1 
ATOM   969  O OE1  . GLU A 1 102 ? 5.115   1.714   -11.181 1.00 8.00  ? 102 GLU A OE1  1 
ATOM   970  O OE2  . GLU A 1 102 ? 3.616   1.186   -12.631 1.00 14.21 ? 102 GLU A OE2  1 
ATOM   971  H H    . GLU A 1 102 ? 2.980   0.588   -6.318  1.00 3.33  ? 102 GLU A H    1 
ATOM   972  N N    . LEU A 1 103 ? 0.858   -1.477  -8.686  1.00 2.00  ? 103 LEU A N    1 
ATOM   973  C CA   . LEU A 1 103 ? 0.709   -2.927  -8.700  1.00 2.00  ? 103 LEU A CA   1 
ATOM   974  C C    . LEU A 1 103 ? 1.317   -3.442  -10.017 1.00 2.00  ? 103 LEU A C    1 
ATOM   975  O O    . LEU A 1 103 ? 0.805   -3.257  -11.125 1.00 2.08  ? 103 LEU A O    1 
ATOM   976  C CB   . LEU A 1 103 ? -0.784  -3.292  -8.569  1.00 2.00  ? 103 LEU A CB   1 
ATOM   977  C CG   . LEU A 1 103 ? -1.132  -4.778  -8.792  1.00 2.00  ? 103 LEU A CG   1 
ATOM   978  C CD1  . LEU A 1 103 ? -0.313  -5.682  -7.847  1.00 2.42  ? 103 LEU A CD1  1 
ATOM   979  C CD2  . LEU A 1 103 ? -2.630  -4.984  -8.567  1.00 2.00  ? 103 LEU A CD2  1 
ATOM   980  H H    . LEU A 1 103 ? 0.185   -0.914  -9.116  1.00 2.01  ? 103 LEU A H    1 
ATOM   981  N N    . LEU A 1 104 ? 2.446   -4.098  -9.869  1.00 2.09  ? 104 LEU A N    1 
ATOM   982  C CA   . LEU A 1 104 ? 3.270   -4.516  -11.010 1.00 2.00  ? 104 LEU A CA   1 
ATOM   983  C C    . LEU A 1 104 ? 2.877   -5.851  -11.643 1.00 2.09  ? 104 LEU A C    1 
ATOM   984  O O    . LEU A 1 104 ? 2.837   -6.034  -12.883 1.00 2.00  ? 104 LEU A O    1 
ATOM   985  C CB   . LEU A 1 104 ? 4.776   -4.605  -10.590 1.00 2.00  ? 104 LEU A CB   1 
ATOM   986  C CG   . LEU A 1 104 ? 5.487   -3.358  -10.009 1.00 2.23  ? 104 LEU A CG   1 
ATOM   987  C CD1  . LEU A 1 104 ? 6.923   -3.644  -9.555  1.00 2.62  ? 104 LEU A CD1  1 
ATOM   988  C CD2  . LEU A 1 104 ? 5.515   -2.311  -11.096 1.00 2.00  ? 104 LEU A CD2  1 
ATOM   989  H H    . LEU A 1 104 ? 2.753   -4.320  -8.962  1.00 2.04  ? 104 LEU A H    1 
ATOM   990  N N    . LYS A 1 105 ? 2.601   -6.801  -10.751 1.00 2.35  ? 105 LYS A N    1 
ATOM   991  C CA   . LYS A 1 105 ? 2.485   -8.184  -11.184 1.00 3.56  ? 105 LYS A CA   1 
ATOM   992  C C    . LYS A 1 105 ? 1.741   -8.982  -10.119 1.00 4.04  ? 105 LYS A C    1 
ATOM   993  O O    . LYS A 1 105 ? 1.831   -8.577  -8.950  1.00 2.11  ? 105 LYS A O    1 
ATOM   994  C CB   . LYS A 1 105 ? 3.878   -8.690  -11.326 1.00 4.70  ? 105 LYS A CB   1 
ATOM   995  C CG   . LYS A 1 105 ? 4.012   -9.979  -12.034 1.00 8.71  ? 105 LYS A CG   1 
ATOM   996  C CD   . LYS A 1 105 ? 5.488   -10.213 -12.176 1.00 8.68  ? 105 LYS A CD   1 
ATOM   997  C CE   . LYS A 1 105 ? 5.597   -11.642 -12.647 1.00 10.78 ? 105 LYS A CE   1 
ATOM   998  N NZ   . LYS A 1 105 ? 6.994   -12.023 -12.565 1.00 11.71 ? 105 LYS A NZ   1 
ATOM   999  H H    . LYS A 1 105 ? 2.496   -6.593  -9.796  1.00 2.29  ? 105 LYS A H    1 
ATOM   1000 H HZ1  . LYS A 1 105 ? 7.329   -11.882 -11.590 1.00 10.96 ? 105 LYS A HZ1  1 
ATOM   1001 H HZ2  . LYS A 1 105 ? 7.103   -13.022 -12.830 1.00 10.98 ? 105 LYS A HZ2  1 
ATOM   1002 H HZ3  . LYS A 1 105 ? 7.552   -11.428 -13.211 1.00 10.95 ? 105 LYS A HZ3  1 
ATOM   1003 N N    . LEU A 1 106 ? 1.063   -10.081 -10.506 1.00 2.84  ? 106 LEU A N    1 
ATOM   1004 C CA   . LEU A 1 106 ? 0.486   -11.023 -9.554  1.00 2.86  ? 106 LEU A CA   1 
ATOM   1005 C C    . LEU A 1 106 ? 1.150   -12.340 -9.850  1.00 3.93  ? 106 LEU A C    1 
ATOM   1006 O O    . LEU A 1 106 ? 1.333   -12.744 -11.017 1.00 4.70  ? 106 LEU A O    1 
ATOM   1007 C CB   . LEU A 1 106 ? -1.041  -11.212 -9.702  1.00 2.24  ? 106 LEU A CB   1 
ATOM   1008 C CG   . LEU A 1 106 ? -1.917  -9.966  -9.436  1.00 2.13  ? 106 LEU A CG   1 
ATOM   1009 C CD1  . LEU A 1 106 ? -3.349  -10.330 -9.684  1.00 2.04  ? 106 LEU A CD1  1 
ATOM   1010 C CD2  . LEU A 1 106 ? -1.783  -9.476  -7.997  1.00 4.67  ? 106 LEU A CD2  1 
ATOM   1011 H H    . LEU A 1 106 ? 1.049   -10.363 -11.442 1.00 3.67  ? 106 LEU A H    1 
ATOM   1012 N N    . GLU A 1 107 ? 1.579   -12.963 -8.779  1.00 6.38  ? 107 GLU A N    1 
ATOM   1013 C CA   . GLU A 1 107 ? 2.254   -14.250 -8.850  1.00 9.00  ? 107 GLU A CA   1 
ATOM   1014 C C    . GLU A 1 107 ? 1.531   -15.265 -7.961  1.00 10.52 ? 107 GLU A C    1 
ATOM   1015 O O    . GLU A 1 107 ? 0.539   -14.892 -7.309  1.00 10.53 ? 107 GLU A O    1 
ATOM   1016 C CB   . GLU A 1 107 ? 3.683   -14.111 -8.365  1.00 7.90  ? 107 GLU A CB   1 
ATOM   1017 C CG   . GLU A 1 107 ? 4.521   -13.169 -9.181  1.00 9.88  ? 107 GLU A CG   1 
ATOM   1018 C CD   . GLU A 1 107 ? 5.968   -13.119 -8.725  1.00 12.12 ? 107 GLU A CD   1 
ATOM   1019 O OE1  . GLU A 1 107 ? 6.258   -13.281 -7.529  1.00 13.02 ? 107 GLU A OE1  1 
ATOM   1020 O OE2  . GLU A 1 107 ? 6.823   -12.890 -9.580  1.00 12.10 ? 107 GLU A OE2  1 
ATOM   1021 O OXT  . GLU A 1 107 ? 2.009   -16.400 -7.882  1.00 11.27 ? 107 GLU A OXT  1 
ATOM   1022 H H    . GLU A 1 107 ? 1.328   -12.657 -7.889  1.00 5.02  ? 107 GLU A H    1 
HETATM 1023 C C1   . SB3 B 2 .   ? 3.153   -2.920  6.166   1.00 2.78  ? 108 SB3 A C1   1 
HETATM 1024 C C2   . SB3 B 2 .   ? 3.279   -1.687  5.249   1.00 3.00  ? 108 SB3 A C2   1 
HETATM 1025 C C3   . SB3 B 2 .   ? 2.807   -1.931  3.819   1.00 2.00  ? 108 SB3 A C3   1 
HETATM 1026 C C4   . SB3 B 2 .   ? 3.652   -2.896  2.997   1.00 2.04  ? 108 SB3 A C4   1 
HETATM 1027 C C5   . SB3 B 2 .   ? 5.053   -2.328  2.891   1.00 3.28  ? 108 SB3 A C5   1 
HETATM 1028 C C6   . SB3 B 2 .   ? 5.514   -2.064  4.326   1.00 2.05  ? 108 SB3 A C6   1 
HETATM 1029 N N7   . SB3 B 2 .   ? 4.604   -1.116  5.042   1.00 4.89  ? 108 SB3 A N7   1 
HETATM 1030 O O1   . SB3 B 2 .   ? 2.214   -3.668  6.107   1.00 4.52  ? 108 SB3 A O1   1 
HETATM 1031 O O2   . SB3 B 2 .   ? 4.180   -3.152  6.959   1.00 5.79  ? 108 SB3 A O2   1 
HETATM 1032 C C8   . SB3 B 2 .   ? 5.044   -0.124  5.848   1.00 4.95  ? 108 SB3 A C8   1 
HETATM 1033 O O3   . SB3 B 2 .   ? 4.234   0.414   6.606   1.00 5.69  ? 108 SB3 A O3   1 
HETATM 1034 C C9   . SB3 B 2 .   ? 6.480   0.445   5.816   1.00 6.14  ? 108 SB3 A C9   1 
HETATM 1035 O O4   . SB3 B 2 .   ? 6.808   1.158   4.860   1.00 5.30  ? 108 SB3 A O4   1 
HETATM 1036 C C10  . SB3 B 2 .   ? 7.455   0.249   6.987   1.00 8.56  ? 108 SB3 A C10  1 
HETATM 1037 C C11  . SB3 B 2 .   ? 7.690   -1.228  7.244   1.00 7.93  ? 108 SB3 A C11  1 
HETATM 1038 C C12  . SB3 B 2 .   ? 8.471   -1.945  6.122   1.00 10.39 ? 108 SB3 A C12  1 
HETATM 1039 C C13  . SB3 B 2 .   ? 6.917   0.844   8.339   1.00 8.74  ? 108 SB3 A C13  1 
HETATM 1040 C C14  . SB3 B 2 .   ? 8.833   0.892   6.716   1.00 8.08  ? 108 SB3 A C14  1 
HETATM 1041 C C15  . SB3 B 2 .   ? 4.288   -4.353  7.744   1.00 7.87  ? 108 SB3 A C15  1 
HETATM 1042 C C16  . SB3 B 2 .   ? 3.697   -4.040  9.122   1.00 8.84  ? 108 SB3 A C16  1 
HETATM 1043 C C17  . SB3 B 2 .   ? 3.427   -5.211  10.065  1.00 10.87 ? 108 SB3 A C17  1 
HETATM 1044 C C18  . SB3 B 2 .   ? 2.125   -5.100  10.836  1.00 14.28 ? 108 SB3 A C18  1 
HETATM 1045 C C19  . SB3 B 2 .   ? 2.106   -4.535  12.031  1.00 15.48 ? 108 SB3 A C19  1 
HETATM 1046 C C20  . SB3 B 2 .   ? 0.963   -4.203  12.596  1.00 15.85 ? 108 SB3 A C20  1 
HETATM 1047 C C21  . SB3 B 2 .   ? -0.185  -4.441  11.975  1.00 14.52 ? 108 SB3 A C21  1 
HETATM 1048 C C22  . SB3 B 2 .   ? -0.180  -5.021  10.790  1.00 17.29 ? 108 SB3 A C22  1 
HETATM 1049 C C23  . SB3 B 2 .   ? 0.977   -5.354  10.229  1.00 14.40 ? 108 SB3 A C23  1 
HETATM 1050 C C24  . SB3 B 2 .   ? 5.787   -4.731  7.779   1.00 7.86  ? 108 SB3 A C24  1 
HETATM 1051 C C25  . SB3 B 2 .   ? 6.265   -5.527  6.819   1.00 8.28  ? 108 SB3 A C25  1 
HETATM 1052 C C26  . SB3 B 2 .   ? 7.523   -5.929  6.829   1.00 7.74  ? 108 SB3 A C26  1 
HETATM 1053 C C27  . SB3 B 2 .   ? 8.329   -5.536  7.804   1.00 9.27  ? 108 SB3 A C27  1 
HETATM 1054 C C28  . SB3 B 2 .   ? 7.875   -4.741  8.766   1.00 9.64  ? 108 SB3 A C28  1 
HETATM 1055 C C29  . SB3 B 2 .   ? 6.611   -4.336  8.758   1.00 9.10  ? 108 SB3 A C29  1 
HETATM 1056 O O    . HOH C 3 .   ? 1.967   3.093   -13.731 0.80 46.81 ? 109 HOH A O    1 
HETATM 1057 H H1   . HOH C 3 .   ? 0.966   2.882   -13.550 0.80 44.22 ? 109 HOH A H1   1 
HETATM 1058 H H2   . HOH C 3 .   ? 2.189   2.368   -14.354 0.80 44.11 ? 109 HOH A H2   1 
HETATM 1059 O O    . HOH C 3 .   ? -4.179  5.240   25.957  0.59 50.13 ? 110 HOH A O    1 
HETATM 1060 H H1   . HOH C 3 .   ? -3.516  4.568   26.139  0.59 46.55 ? 110 HOH A H1   1 
HETATM 1061 H H2   . HOH C 3 .   ? -4.157  5.464   25.009  0.59 46.52 ? 110 HOH A H2   1 
HETATM 1062 O O    . HOH C 3 .   ? -11.430 5.244   -2.607  0.86 33.32 ? 111 HOH A O    1 
HETATM 1063 H H1   . HOH C 3 .   ? -11.221 4.418   -2.158  0.86 31.64 ? 111 HOH A H1   1 
HETATM 1064 H H2   . HOH C 3 .   ? -11.620 4.964   -3.501  0.86 32.37 ? 111 HOH A H2   1 
HETATM 1065 O O    . HOH C 3 .   ? -10.864 10.677  -5.275  0.67 46.62 ? 112 HOH A O    1 
HETATM 1066 H H1   . HOH C 3 .   ? -11.031 9.856   -4.853  0.67 42.93 ? 112 HOH A H1   1 
HETATM 1067 H H2   . HOH C 3 .   ? -11.251 10.501  -6.113  0.67 42.92 ? 112 HOH A H2   1 
HETATM 1068 O O    . HOH C 3 .   ? -11.530 8.204   -4.961  0.95 30.60 ? 113 HOH A O    1 
HETATM 1069 H H1   . HOH C 3 .   ? -11.113 7.432   -4.550  0.95 29.42 ? 113 HOH A H1   1 
HETATM 1070 H H2   . HOH C 3 .   ? -11.597 7.916   -5.875  0.95 29.09 ? 113 HOH A H2   1 
HETATM 1071 O O    . HOH C 3 .   ? -0.398  2.628   -15.772 0.35 50.89 ? 114 HOH A O    1 
HETATM 1072 H H1   . HOH C 3 .   ? -0.462  1.830   -15.265 0.35 46.94 ? 114 HOH A H1   1 
HETATM 1073 H H2   . HOH C 3 .   ? -0.881  2.369   -16.542 0.35 47.22 ? 114 HOH A H2   1 
HETATM 1074 O O    . HOH C 3 .   ? -6.884  10.592  -10.294 0.46 45.56 ? 115 HOH A O    1 
HETATM 1075 H H1   . HOH C 3 .   ? -6.310  9.974   -9.839  0.46 42.85 ? 115 HOH A H1   1 
HETATM 1076 H H2   . HOH C 3 .   ? -6.678  10.426  -11.210 0.46 42.57 ? 115 HOH A H2   1 
HETATM 1077 O O    . HOH C 3 .   ? -10.949 -9.772  -18.075 0.74 43.12 ? 116 HOH A O    1 
HETATM 1078 H H1   . HOH C 3 .   ? -10.113 -10.131 -17.851 0.74 40.29 ? 116 HOH A H1   1 
HETATM 1079 H H2   . HOH C 3 .   ? -11.158 -9.631  -19.018 0.74 40.49 ? 116 HOH A H2   1 
HETATM 1080 O O    . HOH C 3 .   ? -7.012  8.997   -13.649 0.72 24.53 ? 117 HOH A O    1 
HETATM 1081 H H1   . HOH C 3 .   ? -6.446  8.380   -13.186 0.72 23.80 ? 117 HOH A H1   1 
HETATM 1082 H H2   . HOH C 3 .   ? -6.870  8.864   -14.579 0.72 23.34 ? 117 HOH A H2   1 
HETATM 1083 O O    . HOH C 3 .   ? -13.172 -2.818  -18.084 0.71 40.11 ? 118 HOH A O    1 
HETATM 1084 H H1   . HOH C 3 .   ? -12.591 -3.456  -17.663 0.71 38.91 ? 118 HOH A H1   1 
HETATM 1085 H H2   . HOH C 3 .   ? -13.035 -2.920  -19.034 0.71 38.79 ? 118 HOH A H2   1 
HETATM 1086 O O    . HOH C 3 .   ? -5.727  1.088   -19.511 0.60 46.60 ? 119 HOH A O    1 
HETATM 1087 H H1   . HOH C 3 .   ? -5.375  0.329   -19.029 0.60 43.73 ? 119 HOH A H1   1 
HETATM 1088 H H2   . HOH C 3 .   ? -5.780  0.800   -20.423 0.60 44.04 ? 119 HOH A H2   1 
HETATM 1089 O O    . HOH C 3 .   ? -8.130  -4.721  -20.338 0.64 57.20 ? 120 HOH A O    1 
HETATM 1090 H H1   . HOH C 3 .   ? -7.803  -5.434  -19.775 0.64 54.60 ? 120 HOH A H1   1 
HETATM 1091 H H2   . HOH C 3 .   ? -8.325  -5.085  -21.183 0.64 54.66 ? 120 HOH A H2   1 
HETATM 1092 O O    . HOH C 3 .   ? 2.647   15.511  -0.503  0.72 37.70 ? 121 HOH A O    1 
HETATM 1093 H H1   . HOH C 3 .   ? 2.969   14.703  -0.109  0.72 34.76 ? 121 HOH A H1   1 
HETATM 1094 H H2   . HOH C 3 .   ? 2.509   15.253  -1.419  0.72 34.57 ? 121 HOH A H2   1 
HETATM 1095 O O    . HOH C 3 .   ? -4.716  -3.882  -20.828 0.76 41.14 ? 122 HOH A O    1 
HETATM 1096 H H1   . HOH C 3 .   ? -4.016  -4.425  -20.466 0.76 39.67 ? 122 HOH A H1   1 
HETATM 1097 H H2   . HOH C 3 .   ? -4.502  -3.838  -21.761 0.76 39.95 ? 122 HOH A H2   1 
HETATM 1098 O O    . HOH C 3 .   ? -12.877 -10.327 -19.834 0.48 53.66 ? 123 HOH A O    1 
HETATM 1099 H H1   . HOH C 3 .   ? -12.621 -9.752  -19.097 0.48 49.36 ? 123 HOH A H1   1 
HETATM 1100 H H2   . HOH C 3 .   ? -13.233 -9.992  -20.886 0.48 48.72 ? 123 HOH A H2   1 
HETATM 1101 O O    . HOH C 3 .   ? -8.023  -14.831 -9.957  0.44 50.28 ? 124 HOH A O    1 
HETATM 1102 H H1   . HOH C 3 .   ? -7.502  -15.503 -9.534  0.44 46.62 ? 124 HOH A H1   1 
HETATM 1103 H H2   . HOH C 3 .   ? -7.982  -14.938 -10.904 0.44 46.47 ? 124 HOH A H2   1 
HETATM 1104 O O    . HOH C 3 .   ? -12.228 -9.157  -13.539 0.68 42.60 ? 125 HOH A O    1 
HETATM 1105 H H1   . HOH C 3 .   ? -11.723 -9.833  -13.057 0.68 40.04 ? 125 HOH A H1   1 
HETATM 1106 H H2   . HOH C 3 .   ? -12.171 -9.430  -14.449 0.68 39.90 ? 125 HOH A H2   1 
HETATM 1107 O O    . HOH C 3 .   ? -9.655  -10.331 -12.063 0.48 41.71 ? 126 HOH A O    1 
HETATM 1108 H H1   . HOH C 3 .   ? -9.146  -11.085 -11.758 0.48 38.77 ? 126 HOH A H1   1 
HETATM 1109 H H2   . HOH C 3 .   ? -9.616  -10.389 -13.030 0.48 38.66 ? 126 HOH A H2   1 
HETATM 1110 O O    . HOH C 3 .   ? -0.537  -14.230 -12.544 0.76 41.56 ? 127 HOH A O    1 
HETATM 1111 H H1   . HOH C 3 .   ? 0.147   -14.720 -12.080 0.76 40.30 ? 127 HOH A H1   1 
HETATM 1112 H H2   . HOH C 3 .   ? -0.287  -14.356 -13.449 0.76 40.15 ? 127 HOH A H2   1 
HETATM 1113 O O    . HOH C 3 .   ? -5.813  -17.097 -7.527  0.38 52.77 ? 128 HOH A O    1 
HETATM 1114 H H1   . HOH C 3 .   ? -5.524  -17.876 -7.036  0.38 50.09 ? 128 HOH A H1   1 
HETATM 1115 H H2   . HOH C 3 .   ? -5.981  -17.414 -8.405  0.38 50.04 ? 128 HOH A H2   1 
HETATM 1116 O O    . HOH C 3 .   ? -13.871 -5.602  -14.318 0.55 42.86 ? 129 HOH A O    1 
HETATM 1117 H H1   . HOH C 3 .   ? -13.440 -6.341  -13.884 0.55 39.24 ? 129 HOH A H1   1 
HETATM 1118 H H2   . HOH C 3 .   ? -13.856 -5.812  -15.248 0.55 39.18 ? 129 HOH A H2   1 
HETATM 1119 O O    . HOH C 3 .   ? 0.173   -18.290 -6.099  0.75 40.85 ? 130 HOH A O    1 
HETATM 1120 H H1   . HOH C 3 .   ? 0.762   -18.972 -5.766  0.75 38.20 ? 130 HOH A H1   1 
HETATM 1121 H H2   . HOH C 3 .   ? 0.333   -18.322 -7.069  0.75 38.09 ? 130 HOH A H2   1 
HETATM 1122 O O    . HOH C 3 .   ? -8.264  -0.445  -18.980 0.24 47.92 ? 131 HOH A O    1 
HETATM 1123 H H1   . HOH C 3 .   ? -7.650  -1.056  -18.580 0.24 44.90 ? 131 HOH A H1   1 
HETATM 1124 H H2   . HOH C 3 .   ? -8.096  -0.551  -19.915 0.24 44.66 ? 131 HOH A H2   1 
HETATM 1125 O O    . HOH C 3 .   ? -6.625  -12.522 -10.244 0.70 38.72 ? 132 HOH A O    1 
HETATM 1126 H H1   . HOH C 3 .   ? -6.289  -13.228 -9.686  0.70 36.47 ? 132 HOH A H1   1 
HETATM 1127 H H2   . HOH C 3 .   ? -6.497  -12.850 -11.132 0.70 36.31 ? 132 HOH A H2   1 
HETATM 1128 O O    . HOH C 3 .   ? -9.978  -8.001  -5.751  0.90 37.03 ? 133 HOH A O    1 
HETATM 1129 H H1   . HOH C 3 .   ? -9.350  -8.613  -5.368  0.90 35.72 ? 133 HOH A H1   1 
HETATM 1130 H H2   . HOH C 3 .   ? -9.751  -8.111  -6.674  0.90 35.53 ? 133 HOH A H2   1 
HETATM 1131 O O    . HOH C 3 .   ? -4.700  -13.568 -11.874 0.62 39.64 ? 134 HOH A O    1 
HETATM 1132 H H1   . HOH C 3 .   ? -4.136  -14.267 -11.552 0.62 37.51 ? 134 HOH A H1   1 
HETATM 1133 H H2   . HOH C 3 .   ? -4.625  -13.622 -12.838 0.62 36.91 ? 134 HOH A H2   1 
HETATM 1134 O O    . HOH C 3 .   ? 5.991   -15.095 -5.340  0.92 34.66 ? 135 HOH A O    1 
HETATM 1135 H H1   . HOH C 3 .   ? 6.250   -15.933 -4.969  0.92 34.54 ? 135 HOH A H1   1 
HETATM 1136 H H2   . HOH C 3 .   ? 5.716   -15.275 -6.248  0.92 34.28 ? 135 HOH A H2   1 
HETATM 1137 O O    . HOH C 3 .   ? -2.635  -18.302 -5.905  0.54 32.85 ? 136 HOH A O    1 
HETATM 1138 H H1   . HOH C 3 .   ? -1.820  -18.671 -5.601  0.54 31.76 ? 136 HOH A H1   1 
HETATM 1139 H H2   . HOH C 3 .   ? -2.314  -18.061 -6.766  0.54 31.12 ? 136 HOH A H2   1 
HETATM 1140 O O    . HOH C 3 .   ? -1.482  -10.137 3.983   0.94 18.95 ? 137 HOH A O    1 
HETATM 1141 H H1   . HOH C 3 .   ? -0.829  -10.756 4.306   0.94 20.22 ? 137 HOH A H1   1 
HETATM 1142 H H2   . HOH C 3 .   ? -1.258  -10.210 3.050   0.94 20.31 ? 137 HOH A H2   1 
HETATM 1143 O O    . HOH C 3 .   ? 1.054   -16.818 -3.965  0.90 38.38 ? 138 HOH A O    1 
HETATM 1144 H H1   . HOH C 3 .   ? 1.597   -17.565 -3.722  0.90 37.62 ? 138 HOH A H1   1 
HETATM 1145 H H2   . HOH C 3 .   ? 0.954   -16.953 -4.937  0.90 37.81 ? 138 HOH A H2   1 
HETATM 1146 O O    . HOH C 3 .   ? -1.233  11.219  -12.395 0.89 34.05 ? 139 HOH A O    1 
HETATM 1147 H H1   . HOH C 3 .   ? -1.080  10.417  -11.906 0.89 31.95 ? 139 HOH A H1   1 
HETATM 1148 H H2   . HOH C 3 .   ? -1.680  10.836  -13.141 0.89 32.17 ? 139 HOH A H2   1 
HETATM 1149 O O    . HOH C 3 .   ? 4.976   4.305   -13.010 0.78 32.64 ? 140 HOH A O    1 
HETATM 1150 H H1   . HOH C 3 .   ? 5.469   3.592   -12.622 0.78 31.08 ? 140 HOH A H1   1 
HETATM 1151 H H2   . HOH C 3 .   ? 5.007   4.146   -13.953 0.78 31.43 ? 140 HOH A H2   1 
HETATM 1152 O O    . HOH C 3 .   ? -7.922  11.416  -15.424 0.96 36.65 ? 141 HOH A O    1 
HETATM 1153 H H1   . HOH C 3 .   ? -7.505  10.729  -14.895 0.96 36.33 ? 141 HOH A H1   1 
HETATM 1154 H H2   . HOH C 3 .   ? -7.953  11.131  -16.332 0.96 36.36 ? 141 HOH A H2   1 
HETATM 1155 O O    . HOH C 3 .   ? 8.272   11.436  -1.818  0.47 46.60 ? 142 HOH A O    1 
HETATM 1156 H H1   . HOH C 3 .   ? 8.839   10.794  -1.383  0.47 45.20 ? 142 HOH A H1   1 
HETATM 1157 H H2   . HOH C 3 .   ? 8.374   11.212  -2.750  0.47 44.67 ? 142 HOH A H2   1 
HETATM 1158 O O    . HOH C 3 .   ? 18.594  -3.310  -5.838  0.75 51.76 ? 143 HOH A O    1 
HETATM 1159 H H1   . HOH C 3 .   ? 18.546  -4.114  -5.341  0.75 49.19 ? 143 HOH A H1   1 
HETATM 1160 H H2   . HOH C 3 .   ? 18.081  -3.486  -6.636  0.75 48.63 ? 143 HOH A H2   1 
HETATM 1161 O O    . HOH C 3 .   ? -14.291 -6.367  -23.325 0.40 40.76 ? 144 HOH A O    1 
HETATM 1162 H H1   . HOH C 3 .   ? -13.760 -7.075  -22.986 0.40 37.13 ? 144 HOH A H1   1 
HETATM 1163 H H2   . HOH C 3 .   ? -14.175 -6.482  -24.278 0.40 37.26 ? 144 HOH A H2   1 
HETATM 1164 O O    . HOH C 3 .   ? 7.099   5.789   16.839  1.00 26.41 ? 145 HOH A O    1 
HETATM 1165 H H1   . HOH C 3 .   ? 7.272   4.982   17.311  1.00 27.30 ? 145 HOH A H1   1 
HETATM 1166 H H2   . HOH C 3 .   ? 6.846   5.537   15.943  1.00 26.80 ? 145 HOH A H2   1 
HETATM 1167 O O    . HOH C 3 .   ? 0.092   5.124   14.039  1.00 12.29 ? 146 HOH A O    1 
HETATM 1168 H H1   . HOH C 3 .   ? 0.667   4.515   14.478  1.00 15.55 ? 146 HOH A H1   1 
HETATM 1169 H H2   . HOH C 3 .   ? 0.327   5.028   13.114  1.00 15.53 ? 146 HOH A H2   1 
HETATM 1170 O O    . HOH C 3 .   ? 5.726   4.452   18.957  0.90 30.23 ? 147 HOH A O    1 
HETATM 1171 H H1   . HOH C 3 .   ? 5.638   3.631   19.425  0.90 28.57 ? 147 HOH A H1   1 
HETATM 1172 H H2   . HOH C 3 .   ? 5.151   4.289   18.201  0.90 27.83 ? 147 HOH A H2   1 
HETATM 1173 O O    . HOH C 3 .   ? -12.118 1.087   0.391   0.72 33.96 ? 148 HOH A O    1 
HETATM 1174 H H1   . HOH C 3 .   ? -11.903 0.311   0.920   0.72 33.04 ? 148 HOH A H1   1 
HETATM 1175 H H2   . HOH C 3 .   ? -12.373 0.725   -0.460  0.72 32.26 ? 148 HOH A H2   1 
HETATM 1176 O O    . HOH C 3 .   ? -1.461  10.931  19.422  1.00 25.21 ? 149 HOH A O    1 
HETATM 1177 H H1   . HOH C 3 .   ? -0.816  10.264  19.639  1.00 26.52 ? 149 HOH A H1   1 
HETATM 1178 H H2   . HOH C 3 .   ? -1.413  10.999  18.453  1.00 26.22 ? 149 HOH A H2   1 
HETATM 1179 O O    . HOH C 3 .   ? 0.884   3.930   22.656  1.00 35.49 ? 150 HOH A O    1 
HETATM 1180 H H1   . HOH C 3 .   ? 1.394   3.218   23.043  1.00 33.56 ? 150 HOH A H1   1 
HETATM 1181 H H2   . HOH C 3 .   ? 0.926   3.777   21.710  1.00 34.32 ? 150 HOH A H2   1 
HETATM 1182 O O    . HOH C 3 .   ? -4.357  5.342   23.152  1.00 29.43 ? 151 HOH A O    1 
HETATM 1183 H H1   . HOH C 3 .   ? -3.831  4.627   23.510  1.00 29.45 ? 151 HOH A H1   1 
HETATM 1184 H H2   . HOH C 3 .   ? -4.322  5.147   22.219  1.00 29.39 ? 151 HOH A H2   1 
HETATM 1185 O O    . HOH C 3 .   ? 12.079  -1.922  -10.416 0.81 37.83 ? 152 HOH A O    1 
HETATM 1186 H H1   . HOH C 3 .   ? 12.552  -2.728  -10.185 0.81 35.85 ? 152 HOH A H1   1 
HETATM 1187 H H2   . HOH C 3 .   ? 12.004  -2.061  -11.376 0.81 35.90 ? 152 HOH A H2   1 
HETATM 1188 O O    . HOH C 3 .   ? -0.569  4.472   11.418  1.00 11.84 ? 153 HOH A O    1 
HETATM 1189 H H1   . HOH C 3 .   ? -0.068  3.707   11.674  1.00 15.92 ? 153 HOH A H1   1 
HETATM 1190 H H2   . HOH C 3 .   ? -0.627  4.417   10.458  1.00 15.60 ? 153 HOH A H2   1 
HETATM 1191 O O    . HOH C 3 .   ? 2.287   11.923  11.533  0.85 33.23 ? 154 HOH A O    1 
HETATM 1192 H H1   . HOH C 3 .   ? 2.683   11.125  11.878  0.85 32.02 ? 154 HOH A H1   1 
HETATM 1193 H H2   . HOH C 3 .   ? 2.134   11.794  10.587  0.85 32.34 ? 154 HOH A H2   1 
HETATM 1194 O O    . HOH C 3 .   ? 1.654   12.704  -0.854  0.49 38.37 ? 155 HOH A O    1 
HETATM 1195 H H1   . HOH C 3 .   ? 2.087   11.909  -0.534  0.49 35.77 ? 155 HOH A H1   1 
HETATM 1196 H H2   . HOH C 3 .   ? 1.556   12.536  -1.797  0.49 36.31 ? 155 HOH A H2   1 
HETATM 1197 O O    . HOH C 3 .   ? 1.834   17.481  2.186   1.00 13.32 ? 156 HOH A O    1 
HETATM 1198 H H1   . HOH C 3 .   ? 2.130   16.678  2.641   1.00 17.35 ? 156 HOH A H1   1 
HETATM 1199 H H2   . HOH C 3 .   ? 1.727   17.111  1.296   1.00 17.56 ? 156 HOH A H2   1 
HETATM 1200 O O    . HOH C 3 .   ? -3.462  14.026  2.663   0.63 37.76 ? 157 HOH A O    1 
HETATM 1201 H H1   . HOH C 3 .   ? -3.024  13.257  2.997   0.63 34.39 ? 157 HOH A H1   1 
HETATM 1202 H H2   . HOH C 3 .   ? -3.636  13.814  1.740   0.63 34.23 ? 157 HOH A H2   1 
HETATM 1203 O O    . HOH C 3 .   ? 1.182   13.130  1.848   0.88 38.90 ? 158 HOH A O    1 
HETATM 1204 H H1   . HOH C 3 .   ? 1.621   12.361  2.214   0.88 37.15 ? 158 HOH A H1   1 
HETATM 1205 H H2   . HOH C 3 .   ? 1.138   13.045  0.883   0.88 37.46 ? 158 HOH A H2   1 
HETATM 1206 O O    . HOH C 3 .   ? -4.011  11.309  -6.641  0.51 45.34 ? 159 HOH A O    1 
HETATM 1207 H H1   . HOH C 3 .   ? -3.661  10.481  -6.301  0.51 41.84 ? 159 HOH A H1   1 
HETATM 1208 H H2   . HOH C 3 .   ? -4.152  11.093  -7.572  0.51 41.10 ? 159 HOH A H2   1 
HETATM 1209 O O    . HOH C 3 .   ? -4.325  12.454  0.617   0.91 31.44 ? 160 HOH A O    1 
HETATM 1210 H H1   . HOH C 3 .   ? -3.963  11.677  1.046   0.91 30.46 ? 160 HOH A H1   1 
HETATM 1211 H H2   . HOH C 3 .   ? -4.354  12.231  -0.314  0.91 30.94 ? 160 HOH A H2   1 
HETATM 1212 O O    . HOH C 3 .   ? -7.353  12.417  -4.122  0.84 43.01 ? 161 HOH A O    1 
HETATM 1213 H H1   . HOH C 3 .   ? -7.981  11.813  -3.477  0.84 41.26 ? 161 HOH A H1   1 
HETATM 1214 H H2   . HOH C 3 .   ? -6.890  11.840  -4.755  0.84 42.06 ? 161 HOH A H2   1 
HETATM 1215 O O    . HOH C 3 .   ? -4.714  14.156  -3.587  0.89 52.24 ? 162 HOH A O    1 
HETATM 1216 H H1   . HOH C 3 .   ? -4.789  13.495  -2.950  0.89 50.31 ? 162 HOH A H1   1 
HETATM 1217 H H2   . HOH C 3 .   ? -4.485  13.855  -4.487  0.89 50.26 ? 162 HOH A H2   1 
HETATM 1218 O O    . HOH C 3 .   ? 12.587  8.591   -3.942  0.29 54.16 ? 163 HOH A O    1 
HETATM 1219 H H1   . HOH C 3 .   ? 12.771  7.946   -3.313  0.29 50.12 ? 163 HOH A H1   1 
HETATM 1220 H H2   . HOH C 3 .   ? 12.693  8.188   -4.820  0.29 50.22 ? 163 HOH A H2   1 
HETATM 1221 O O    . HOH C 3 .   ? 4.519   -14.821 -1.039  0.69 38.60 ? 164 HOH A O    1 
HETATM 1222 H H1   . HOH C 3 .   ? 5.027   -15.585 -0.726  0.69 36.12 ? 164 HOH A H1   1 
HETATM 1223 H H2   . HOH C 3 .   ? 4.512   -15.002 -1.996  0.69 35.86 ? 164 HOH A H2   1 
HETATM 1224 O O    . HOH C 3 .   ? 11.280  -8.476  -5.890  0.74 35.35 ? 165 HOH A O    1 
HETATM 1225 H H1   . HOH C 3 .   ? 11.697  -9.197  -5.426  0.74 31.94 ? 165 HOH A H1   1 
HETATM 1226 H H2   . HOH C 3 .   ? 11.251  -8.718  -6.810  0.74 31.62 ? 165 HOH A H2   1 
HETATM 1227 O O    . HOH C 3 .   ? 8.403   6.053   -10.307 0.60 53.74 ? 166 HOH A O    1 
HETATM 1228 H H1   . HOH C 3 .   ? 8.790   5.274   -9.931  0.60 49.96 ? 166 HOH A H1   1 
HETATM 1229 H H2   . HOH C 3 .   ? 8.285   5.911   -11.248 0.60 50.24 ? 166 HOH A H2   1 
HETATM 1230 O O    . HOH C 3 .   ? 17.551  2.012   -6.701  0.89 30.03 ? 167 HOH A O    1 
HETATM 1231 H H1   . HOH C 3 .   ? 17.792  1.253   -6.154  0.89 29.03 ? 167 HOH A H1   1 
HETATM 1232 H H2   . HOH C 3 .   ? 17.491  1.708   -7.602  0.89 28.94 ? 167 HOH A H2   1 
HETATM 1233 O O    . HOH C 3 .   ? 6.521   2.368   -9.356  0.96 39.52 ? 168 HOH A O    1 
HETATM 1234 H H1   . HOH C 3 .   ? 7.048   1.753   -8.908  0.96 37.89 ? 168 HOH A H1   1 
HETATM 1235 H H2   . HOH C 3 .   ? 6.766   2.258   -10.268 0.96 38.03 ? 168 HOH A H2   1 
HETATM 1236 O O    . HOH C 3 .   ? -5.933  -13.054 -15.073 0.74 41.54 ? 169 HOH A O    1 
HETATM 1237 H H1   . HOH C 3 .   ? -5.814  -13.850 -14.552 0.74 39.30 ? 169 HOH A H1   1 
HETATM 1238 H H2   . HOH C 3 .   ? -6.262  -13.366 -15.916 0.74 39.85 ? 169 HOH A H2   1 
HETATM 1239 O O    . HOH C 3 .   ? 2.231   -12.719 -13.756 0.65 46.76 ? 170 HOH A O    1 
HETATM 1240 H H1   . HOH C 3 .   ? 2.263   -13.400 -13.063 0.65 44.75 ? 170 HOH A H1   1 
HETATM 1241 H H2   . HOH C 3 .   ? 1.961   -13.200 -14.527 0.65 45.21 ? 170 HOH A H2   1 
HETATM 1242 O O    . HOH C 3 .   ? 6.351   -12.856 -15.931 0.71 37.94 ? 171 HOH A O    1 
HETATM 1243 H H1   . HOH C 3 .   ? 7.092   -13.293 -15.570 0.71 35.06 ? 171 HOH A H1   1 
HETATM 1244 H H2   . HOH C 3 .   ? 6.619   -12.742 -16.839 0.71 35.39 ? 171 HOH A H2   1 
HETATM 1245 O O    . HOH C 3 .   ? -1.735  -11.782 -14.489 0.81 31.82 ? 172 HOH A O    1 
HETATM 1246 H H1   . HOH C 3 .   ? -1.292  -12.469 -13.969 0.81 31.49 ? 172 HOH A H1   1 
HETATM 1247 H H2   . HOH C 3 .   ? -1.630  -12.021 -15.413 0.81 31.54 ? 172 HOH A H2   1 
HETATM 1248 O O    . HOH C 3 .   ? -14.177 -10.096 4.821   0.76 36.57 ? 173 HOH A O    1 
HETATM 1249 H H1   . HOH C 3 .   ? -13.651 -10.826 5.132   0.76 34.61 ? 173 HOH A H1   1 
HETATM 1250 H H2   . HOH C 3 .   ? -14.179 -10.246 3.872   0.76 34.72 ? 173 HOH A H2   1 
HETATM 1251 O O    . HOH C 3 .   ? -11.242 -3.770  -1.016  0.72 34.38 ? 174 HOH A O    1 
HETATM 1252 H H1   . HOH C 3 .   ? -10.598 -4.365  -0.636  0.72 31.83 ? 174 HOH A H1   1 
HETATM 1253 H H2   . HOH C 3 .   ? -11.071 -3.860  -1.952  0.72 32.24 ? 174 HOH A H2   1 
HETATM 1254 O O    . HOH C 3 .   ? -10.121 -1.364  10.792  0.77 42.64 ? 175 HOH A O    1 
HETATM 1255 H H1   . HOH C 3 .   ? -9.549  -2.011  11.213  0.77 41.09 ? 175 HOH A H1   1 
HETATM 1256 H H2   . HOH C 3 .   ? -10.005 -1.565  9.864   0.77 41.43 ? 175 HOH A H2   1 
HETATM 1257 O O    . HOH C 3 .   ? -13.876 -10.595 8.098   0.70 39.62 ? 176 HOH A O    1 
HETATM 1258 H H1   . HOH C 3 .   ? -13.597 -11.418 8.479   0.70 37.65 ? 176 HOH A H1   1 
HETATM 1259 H H2   . HOH C 3 .   ? -14.113 -10.779 7.184   0.70 37.89 ? 176 HOH A H2   1 
HETATM 1260 O O    . HOH C 3 .   ? -13.721 -7.901  6.947   0.56 47.15 ? 177 HOH A O    1 
HETATM 1261 H H1   . HOH C 3 .   ? -13.296 -8.652  7.373   0.56 44.04 ? 177 HOH A H1   1 
HETATM 1262 H H2   . HOH C 3 .   ? -13.721 -8.094  6.006   0.56 43.51 ? 177 HOH A H2   1 
HETATM 1263 O O    . HOH C 3 .   ? -6.096  4.367   16.371  0.75 42.29 ? 178 HOH A O    1 
HETATM 1264 H H1   . HOH C 3 .   ? -5.866  3.551   16.826  0.75 39.56 ? 178 HOH A H1   1 
HETATM 1265 H H2   . HOH C 3 .   ? -6.286  4.051   15.485  0.75 39.93 ? 178 HOH A H2   1 
HETATM 1266 O O    . HOH C 3 .   ? 7.855   -9.639  4.502   0.68 52.40 ? 179 HOH A O    1 
HETATM 1267 H H1   . HOH C 3 .   ? 8.285   -10.378 4.929   0.68 49.99 ? 179 HOH A H1   1 
HETATM 1268 H H2   . HOH C 3 .   ? 7.796   -9.848  3.583   0.68 50.92 ? 179 HOH A H2   1 
HETATM 1269 O O    . HOH C 3 .   ? 4.677   -13.203 1.113   0.74 30.28 ? 180 HOH A O    1 
HETATM 1270 H H1   . HOH C 3 .   ? 4.931   -14.083 1.358   0.74 29.93 ? 180 HOH A H1   1 
HETATM 1271 H H2   . HOH C 3 .   ? 4.448   -13.444 0.195   0.74 29.50 ? 180 HOH A H2   1 
HETATM 1272 O O    . HOH C 3 .   ? 5.156   -8.805  5.308   0.82 40.27 ? 181 HOH A O    1 
HETATM 1273 H H1   . HOH C 3 .   ? 5.779   -9.459  5.622   0.82 37.75 ? 181 HOH A H1   1 
HETATM 1274 H H2   . HOH C 3 .   ? 5.249   -8.843  4.344   0.82 38.32 ? 181 HOH A H2   1 
HETATM 1275 O O    . HOH C 3 .   ? 6.193   -12.783 4.464   0.94 32.68 ? 182 HOH A O    1 
HETATM 1276 H H1   . HOH C 3 .   ? 6.308   -13.582 4.951   0.94 31.67 ? 182 HOH A H1   1 
HETATM 1277 H H2   . HOH C 3 .   ? 5.816   -13.016 3.631   0.94 32.47 ? 182 HOH A H2   1 
HETATM 1278 O O    . HOH C 3 .   ? 5.620   -9.623  2.768   0.64 31.69 ? 183 HOH A O    1 
HETATM 1279 H H1   . HOH C 3 .   ? 6.043   -10.302 3.299   0.64 27.94 ? 183 HOH A H1   1 
HETATM 1280 H H2   . HOH C 3 .   ? 5.691   -9.882  1.845   0.64 28.15 ? 183 HOH A H2   1 
HETATM 1281 O O    . HOH C 3 .   ? -4.839  10.696  11.603  0.73 38.27 ? 184 HOH A O    1 
HETATM 1282 H H1   . HOH C 3 .   ? -4.213  10.077  11.981  0.73 35.23 ? 184 HOH A H1   1 
HETATM 1283 H H2   . HOH C 3 .   ? -4.706  10.592  10.664  0.73 34.72 ? 184 HOH A H2   1 
HETATM 1284 O O    . HOH C 3 .   ? 2.638   12.949  15.801  0.78 48.52 ? 185 HOH A O    1 
HETATM 1285 H H1   . HOH C 3 .   ? 2.955   12.155  16.254  0.78 45.99 ? 185 HOH A H1   1 
HETATM 1286 H H2   . HOH C 3 .   ? 2.544   12.683  14.886  0.78 46.62 ? 185 HOH A H2   1 
HETATM 1287 O O    . HOH C 3 .   ? 0.907   11.308  8.925   0.63 28.05 ? 186 HOH A O    1 
HETATM 1288 H H1   . HOH C 3 .   ? 0.987   10.509  9.445   0.63 28.94 ? 186 HOH A H1   1 
HETATM 1289 H H2   . HOH C 3 .   ? 0.510   10.893  8.168   0.63 29.04 ? 186 HOH A H2   1 
HETATM 1290 O O    . HOH C 3 .   ? 11.186  8.606   8.939   0.49 52.46 ? 187 HOH A O    1 
HETATM 1291 H H1   . HOH C 3 .   ? 11.626  7.828   9.294   0.49 49.80 ? 187 HOH A H1   1 
HETATM 1292 H H2   . HOH C 3 .   ? 11.191  8.368   8.006   0.49 50.16 ? 187 HOH A H2   1 
HETATM 1293 O O    . HOH C 3 .   ? 12.519  5.902   7.870   0.53 45.06 ? 188 HOH A O    1 
HETATM 1294 H H1   . HOH C 3 .   ? 12.831  5.051   8.162   0.53 43.07 ? 188 HOH A H1   1 
HETATM 1295 H H2   . HOH C 3 .   ? 12.294  5.700   6.947   0.53 42.67 ? 188 HOH A H2   1 
HETATM 1296 O O    . HOH C 3 .   ? -10.478 -6.373  5.072   0.89 54.49 ? 189 HOH A O    1 
HETATM 1297 H H1   . HOH C 3 .   ? -9.868  -7.031  5.389   0.89 51.73 ? 189 HOH A H1   1 
HETATM 1298 H H2   . HOH C 3 .   ? -10.409 -6.370  4.119   0.89 51.75 ? 189 HOH A H2   1 
HETATM 1299 O O    . HOH C 3 .   ? -3.832  -6.982  8.662   0.66 44.61 ? 190 HOH A O    1 
HETATM 1300 H H1   . HOH C 3 .   ? -3.354  -7.734  9.016   0.66 40.85 ? 190 HOH A H1   1 
HETATM 1301 H H2   . HOH C 3 .   ? -3.795  -7.140  7.717   0.66 41.06 ? 190 HOH A H2   1 
HETATM 1302 O O    . HOH C 3 .   ? -3.861  -2.627  10.456  0.88 32.70 ? 191 HOH A O    1 
HETATM 1303 H H1   . HOH C 3 .   ? -3.392  -3.378  10.822  0.88 32.34 ? 191 HOH A H1   1 
HETATM 1304 H H2   . HOH C 3 .   ? -3.847  -2.746  9.535   0.88 31.83 ? 191 HOH A H2   1 
HETATM 1305 O O    . HOH C 3 .   ? -7.431  7.625   15.682  0.86 46.16 ? 192 HOH A O    1 
HETATM 1306 H H1   . HOH C 3 .   ? -6.830  6.980   15.989  0.86 43.31 ? 192 HOH A H1   1 
HETATM 1307 H H2   . HOH C 3 .   ? -7.328  7.660   14.726  0.86 43.10 ? 192 HOH A H2   1 
HETATM 1308 O O    . HOH C 3 .   ? 11.519  3.129   7.213   0.69 39.88 ? 193 HOH A O    1 
HETATM 1309 H H1   . HOH C 3 .   ? 11.944  2.288   7.383   0.69 37.25 ? 193 HOH A H1   1 
HETATM 1310 H H2   . HOH C 3 .   ? 11.408  3.172   6.245   0.69 37.07 ? 193 HOH A H2   1 
HETATM 1311 O O    . HOH C 3 .   ? 13.690  4.224   14.491  0.95 51.15 ? 194 HOH A O    1 
HETATM 1312 H H1   . HOH C 3 .   ? 14.168  3.476   14.877  0.95 48.73 ? 194 HOH A H1   1 
HETATM 1313 H H2   . HOH C 3 .   ? 13.724  4.072   13.550  0.95 49.02 ? 194 HOH A H2   1 
HETATM 1314 O O    . HOH C 3 .   ? 8.048   8.951   15.505  0.62 46.95 ? 195 HOH A O    1 
HETATM 1315 H H1   . HOH C 3 .   ? 8.777   8.481   15.890  0.62 44.39 ? 195 HOH A H1   1 
HETATM 1316 H H2   . HOH C 3 .   ? 8.355   9.003   14.598  0.62 44.87 ? 195 HOH A H2   1 
# 
